data_7XPW
# 
_entry.id   7XPW 
# 
_audit_conform.dict_name       mmcif_pdbx.dic 
_audit_conform.dict_version    5.397 
_audit_conform.dict_location   http://mmcif.pdb.org/dictionaries/ascii/mmcif_pdbx.dic 
# 
loop_
_database_2.database_id 
_database_2.database_code 
_database_2.pdbx_database_accession 
_database_2.pdbx_DOI 
PDB   7XPW         pdb_00007xpw 10.2210/pdb7xpw/pdb 
WWPDB D_1300029353 ?            ?                   
# 
loop_
_pdbx_audit_revision_history.ordinal 
_pdbx_audit_revision_history.data_content_type 
_pdbx_audit_revision_history.major_revision 
_pdbx_audit_revision_history.minor_revision 
_pdbx_audit_revision_history.revision_date 
1 'Structure model' 1 0 2022-10-12 
2 'Structure model' 1 1 2023-11-29 
3 'Structure model' 1 2 2024-10-16 
# 
_pdbx_audit_revision_details.ordinal             1 
_pdbx_audit_revision_details.revision_ordinal    1 
_pdbx_audit_revision_details.data_content_type   'Structure model' 
_pdbx_audit_revision_details.provider            repository 
_pdbx_audit_revision_details.type                'Initial release' 
_pdbx_audit_revision_details.description         ? 
_pdbx_audit_revision_details.details             ? 
# 
loop_
_pdbx_audit_revision_group.ordinal 
_pdbx_audit_revision_group.revision_ordinal 
_pdbx_audit_revision_group.data_content_type 
_pdbx_audit_revision_group.group 
1 2 'Structure model' 'Data collection'        
2 2 'Structure model' 'Refinement description' 
3 3 'Structure model' 'Structure summary'      
# 
loop_
_pdbx_audit_revision_category.ordinal 
_pdbx_audit_revision_category.revision_ordinal 
_pdbx_audit_revision_category.data_content_type 
_pdbx_audit_revision_category.category 
1 2 'Structure model' chem_comp_atom                
2 2 'Structure model' chem_comp_bond                
3 2 'Structure model' pdbx_initial_refinement_model 
4 3 'Structure model' pdbx_entry_details            
5 3 'Structure model' pdbx_modification_feature     
# 
_pdbx_database_status.status_code                     REL 
_pdbx_database_status.status_code_sf                  REL 
_pdbx_database_status.status_code_mr                  ? 
_pdbx_database_status.entry_id                        7XPW 
_pdbx_database_status.recvd_initial_deposition_date   2022-05-05 
_pdbx_database_status.SG_entry                        N 
_pdbx_database_status.deposit_site                    PDBJ 
_pdbx_database_status.process_site                    PDBJ 
_pdbx_database_status.status_code_cs                  ? 
_pdbx_database_status.status_code_nmr_data            ? 
_pdbx_database_status.methods_development_category    ? 
_pdbx_database_status.pdb_format_compatible           Y 
# 
_pdbx_contact_author.id                 2 
_pdbx_contact_author.email              huangshuaiqin@xmu.edu.cn 
_pdbx_contact_author.name_first         Shuaiqing 
_pdbx_contact_author.name_last          Huang 
_pdbx_contact_author.name_mi            ? 
_pdbx_contact_author.role               'principal investigator/group leader' 
_pdbx_contact_author.identifier_ORCID   0000-0003-1846-7226 
# 
loop_
_audit_author.name 
_audit_author.pdbx_ordinal 
_audit_author.identifier_ORCID 
'Wang, S.Q.'  1 0000-0002-9139-9197 
'Huang, S.Q.' 2 0000-0003-1846-7226 
# 
_citation.abstract                  ? 
_citation.abstract_id_CAS           ? 
_citation.book_id_ISBN              ? 
_citation.book_publisher            ? 
_citation.book_publisher_city       ? 
_citation.book_title                ? 
_citation.coordinate_linkage        ? 
_citation.country                   UK 
_citation.database_id_Medline       ? 
_citation.details                   ? 
_citation.id                        primary 
_citation.journal_abbrev            'Fish Shellfish Immunol.' 
_citation.journal_id_ASTM           ? 
_citation.journal_id_CSD            ? 
_citation.journal_id_ISSN           1050-4648 
_citation.journal_full              ? 
_citation.journal_issue             ? 
_citation.journal_volume            128 
_citation.language                  ? 
_citation.page_first                474 
_citation.page_last                 483 
_citation.title                     
;Structural insights into the redox regulation of Oncomelania hupensis TRP14 and its potential role in the snail host response to parasite invasion.
;
_citation.year                      2022 
_citation.database_id_CSD           ? 
_citation.pdbx_database_id_DOI      10.1016/j.fsi.2022.08.040 
_citation.pdbx_database_id_PubMed   35988710 
_citation.pdbx_database_id_patent   ? 
_citation.unpublished_flag          ? 
# 
loop_
_citation_author.citation_id 
_citation_author.name 
_citation_author.ordinal 
_citation_author.identifier_ORCID 
primary 'Huang, S.' 1 ? 
primary 'Wang, S.'  2 ? 
primary 'Su, Z.'    3 ? 
primary 'Cao, Y.'   4 ? 
primary 'Hong, W.'  5 ? 
primary 'Lin, T.'   6 ? 
# 
loop_
_entity.id 
_entity.type 
_entity.src_method 
_entity.pdbx_description 
_entity.formula_weight 
_entity.pdbx_number_of_molecules 
_entity.pdbx_ec 
_entity.pdbx_mutation 
_entity.pdbx_fragment 
_entity.details 
1 polymer man 'Thioredoxin domain-containing protein 17' 14393.259 1   ? ? ? ? 
2 water   nat water                                      18.015    133 ? ? ? ? 
# 
_entity_poly.entity_id                      1 
_entity_poly.type                           'polypeptide(L)' 
_entity_poly.nstd_linkage                   no 
_entity_poly.nstd_monomer                   no 
_entity_poly.pdbx_seq_one_letter_code       
;MVKEIHVEGFEAYSKAAEENNGKNIFALFCGSKDANGESWCPDCVTAEPVIARNLKYAPADSVFIHCSVGERAFWKDQSN
VFRKDPVLKLKCVPTLLKPGTPQRLEEEQCADDNLVQMFFQEELEHH
;
_entity_poly.pdbx_seq_one_letter_code_can   
;MVKEIHVEGFEAYSKAAEENNGKNIFALFCGSKDANGESWCPDCVTAEPVIARNLKYAPADSVFIHCSVGERAFWKDQSN
VFRKDPVLKLKCVPTLLKPGTPQRLEEEQCADDNLVQMFFQEELEHH
;
_entity_poly.pdbx_strand_id                 A 
_entity_poly.pdbx_target_identifier         ? 
# 
_pdbx_entity_nonpoly.entity_id   2 
_pdbx_entity_nonpoly.name        water 
_pdbx_entity_nonpoly.comp_id     HOH 
# 
loop_
_entity_poly_seq.entity_id 
_entity_poly_seq.num 
_entity_poly_seq.mon_id 
_entity_poly_seq.hetero 
1 1   MET n 
1 2   VAL n 
1 3   LYS n 
1 4   GLU n 
1 5   ILE n 
1 6   HIS n 
1 7   VAL n 
1 8   GLU n 
1 9   GLY n 
1 10  PHE n 
1 11  GLU n 
1 12  ALA n 
1 13  TYR n 
1 14  SER n 
1 15  LYS n 
1 16  ALA n 
1 17  ALA n 
1 18  GLU n 
1 19  GLU n 
1 20  ASN n 
1 21  ASN n 
1 22  GLY n 
1 23  LYS n 
1 24  ASN n 
1 25  ILE n 
1 26  PHE n 
1 27  ALA n 
1 28  LEU n 
1 29  PHE n 
1 30  CYS n 
1 31  GLY n 
1 32  SER n 
1 33  LYS n 
1 34  ASP n 
1 35  ALA n 
1 36  ASN n 
1 37  GLY n 
1 38  GLU n 
1 39  SER n 
1 40  TRP n 
1 41  CYS n 
1 42  PRO n 
1 43  ASP n 
1 44  CYS n 
1 45  VAL n 
1 46  THR n 
1 47  ALA n 
1 48  GLU n 
1 49  PRO n 
1 50  VAL n 
1 51  ILE n 
1 52  ALA n 
1 53  ARG n 
1 54  ASN n 
1 55  LEU n 
1 56  LYS n 
1 57  TYR n 
1 58  ALA n 
1 59  PRO n 
1 60  ALA n 
1 61  ASP n 
1 62  SER n 
1 63  VAL n 
1 64  PHE n 
1 65  ILE n 
1 66  HIS n 
1 67  CYS n 
1 68  SER n 
1 69  VAL n 
1 70  GLY n 
1 71  GLU n 
1 72  ARG n 
1 73  ALA n 
1 74  PHE n 
1 75  TRP n 
1 76  LYS n 
1 77  ASP n 
1 78  GLN n 
1 79  SER n 
1 80  ASN n 
1 81  VAL n 
1 82  PHE n 
1 83  ARG n 
1 84  LYS n 
1 85  ASP n 
1 86  PRO n 
1 87  VAL n 
1 88  LEU n 
1 89  LYS n 
1 90  LEU n 
1 91  LYS n 
1 92  CYS n 
1 93  VAL n 
1 94  PRO n 
1 95  THR n 
1 96  LEU n 
1 97  LEU n 
1 98  LYS n 
1 99  PRO n 
1 100 GLY n 
1 101 THR n 
1 102 PRO n 
1 103 GLN n 
1 104 ARG n 
1 105 LEU n 
1 106 GLU n 
1 107 GLU n 
1 108 GLU n 
1 109 GLN n 
1 110 CYS n 
1 111 ALA n 
1 112 ASP n 
1 113 ASP n 
1 114 ASN n 
1 115 LEU n 
1 116 VAL n 
1 117 GLN n 
1 118 MET n 
1 119 PHE n 
1 120 PHE n 
1 121 GLN n 
1 122 GLU n 
1 123 GLU n 
1 124 LEU n 
1 125 GLU n 
1 126 HIS n 
1 127 HIS n 
# 
_entity_src_gen.entity_id                          1 
_entity_src_gen.pdbx_src_id                        1 
_entity_src_gen.pdbx_alt_source_flag               sample 
_entity_src_gen.pdbx_seq_type                      'Biological sequence' 
_entity_src_gen.pdbx_beg_seq_num                   1 
_entity_src_gen.pdbx_end_seq_num                   127 
_entity_src_gen.gene_src_common_name               ? 
_entity_src_gen.gene_src_genus                     ? 
_entity_src_gen.pdbx_gene_src_gene                 ? 
_entity_src_gen.gene_src_species                   ? 
_entity_src_gen.gene_src_strain                    ? 
_entity_src_gen.gene_src_tissue                    ? 
_entity_src_gen.gene_src_tissue_fraction           ? 
_entity_src_gen.gene_src_details                   ? 
_entity_src_gen.pdbx_gene_src_fragment             ? 
_entity_src_gen.pdbx_gene_src_scientific_name      'Oncomelania hupensis' 
_entity_src_gen.pdbx_gene_src_ncbi_taxonomy_id     56141 
_entity_src_gen.pdbx_gene_src_variant              ? 
_entity_src_gen.pdbx_gene_src_cell_line            ? 
_entity_src_gen.pdbx_gene_src_atcc                 ? 
_entity_src_gen.pdbx_gene_src_organ                ? 
_entity_src_gen.pdbx_gene_src_organelle            ? 
_entity_src_gen.pdbx_gene_src_cell                 ? 
_entity_src_gen.pdbx_gene_src_cellular_location    ? 
_entity_src_gen.host_org_common_name               ? 
_entity_src_gen.pdbx_host_org_scientific_name      'Escherichia coli' 
_entity_src_gen.pdbx_host_org_ncbi_taxonomy_id     562 
_entity_src_gen.host_org_genus                     ? 
_entity_src_gen.pdbx_host_org_gene                 ? 
_entity_src_gen.pdbx_host_org_organ                ? 
_entity_src_gen.host_org_species                   ? 
_entity_src_gen.pdbx_host_org_tissue               ? 
_entity_src_gen.pdbx_host_org_tissue_fraction      ? 
_entity_src_gen.pdbx_host_org_strain               ? 
_entity_src_gen.pdbx_host_org_variant              ? 
_entity_src_gen.pdbx_host_org_cell_line            ? 
_entity_src_gen.pdbx_host_org_atcc                 ? 
_entity_src_gen.pdbx_host_org_culture_collection   ? 
_entity_src_gen.pdbx_host_org_cell                 ? 
_entity_src_gen.pdbx_host_org_organelle            ? 
_entity_src_gen.pdbx_host_org_cellular_location    ? 
_entity_src_gen.pdbx_host_org_vector_type          ? 
_entity_src_gen.pdbx_host_org_vector               ? 
_entity_src_gen.host_org_details                   ? 
_entity_src_gen.expression_system_id               ? 
_entity_src_gen.plasmid_name                       ? 
_entity_src_gen.plasmid_details                    ? 
_entity_src_gen.pdbx_description                   ? 
# 
loop_
_chem_comp.id 
_chem_comp.type 
_chem_comp.mon_nstd_flag 
_chem_comp.name 
_chem_comp.pdbx_synonyms 
_chem_comp.formula 
_chem_comp.formula_weight 
ALA 'L-peptide linking' y ALANINE         ? 'C3 H7 N O2'     89.093  
ARG 'L-peptide linking' y ARGININE        ? 'C6 H15 N4 O2 1' 175.209 
ASN 'L-peptide linking' y ASPARAGINE      ? 'C4 H8 N2 O3'    132.118 
ASP 'L-peptide linking' y 'ASPARTIC ACID' ? 'C4 H7 N O4'     133.103 
CYS 'L-peptide linking' y CYSTEINE        ? 'C3 H7 N O2 S'   121.158 
GLN 'L-peptide linking' y GLUTAMINE       ? 'C5 H10 N2 O3'   146.144 
GLU 'L-peptide linking' y 'GLUTAMIC ACID' ? 'C5 H9 N O4'     147.129 
GLY 'peptide linking'   y GLYCINE         ? 'C2 H5 N O2'     75.067  
HIS 'L-peptide linking' y HISTIDINE       ? 'C6 H10 N3 O2 1' 156.162 
HOH non-polymer         . WATER           ? 'H2 O'           18.015  
ILE 'L-peptide linking' y ISOLEUCINE      ? 'C6 H13 N O2'    131.173 
LEU 'L-peptide linking' y LEUCINE         ? 'C6 H13 N O2'    131.173 
LYS 'L-peptide linking' y LYSINE          ? 'C6 H15 N2 O2 1' 147.195 
MET 'L-peptide linking' y METHIONINE      ? 'C5 H11 N O2 S'  149.211 
PHE 'L-peptide linking' y PHENYLALANINE   ? 'C9 H11 N O2'    165.189 
PRO 'L-peptide linking' y PROLINE         ? 'C5 H9 N O2'     115.130 
SER 'L-peptide linking' y SERINE          ? 'C3 H7 N O3'     105.093 
THR 'L-peptide linking' y THREONINE       ? 'C4 H9 N O3'     119.119 
TRP 'L-peptide linking' y TRYPTOPHAN      ? 'C11 H12 N2 O2'  204.225 
TYR 'L-peptide linking' y TYROSINE        ? 'C9 H11 N O3'    181.189 
VAL 'L-peptide linking' y VALINE          ? 'C5 H11 N O2'    117.146 
# 
loop_
_pdbx_poly_seq_scheme.asym_id 
_pdbx_poly_seq_scheme.entity_id 
_pdbx_poly_seq_scheme.seq_id 
_pdbx_poly_seq_scheme.mon_id 
_pdbx_poly_seq_scheme.ndb_seq_num 
_pdbx_poly_seq_scheme.pdb_seq_num 
_pdbx_poly_seq_scheme.auth_seq_num 
_pdbx_poly_seq_scheme.pdb_mon_id 
_pdbx_poly_seq_scheme.auth_mon_id 
_pdbx_poly_seq_scheme.pdb_strand_id 
_pdbx_poly_seq_scheme.pdb_ins_code 
_pdbx_poly_seq_scheme.hetero 
A 1 1   MET 1   1   1   MET MET A . n 
A 1 2   VAL 2   2   2   VAL VAL A . n 
A 1 3   LYS 3   3   3   LYS LYS A . n 
A 1 4   GLU 4   4   4   GLU GLU A . n 
A 1 5   ILE 5   5   5   ILE ILE A . n 
A 1 6   HIS 6   6   6   HIS HIS A . n 
A 1 7   VAL 7   7   7   VAL VAL A . n 
A 1 8   GLU 8   8   8   GLU GLU A . n 
A 1 9   GLY 9   9   9   GLY GLY A . n 
A 1 10  PHE 10  10  10  PHE PHE A . n 
A 1 11  GLU 11  11  11  GLU GLU A . n 
A 1 12  ALA 12  12  12  ALA ALA A . n 
A 1 13  TYR 13  13  13  TYR TYR A . n 
A 1 14  SER 14  14  14  SER SER A . n 
A 1 15  LYS 15  15  15  LYS LYS A . n 
A 1 16  ALA 16  16  16  ALA ALA A . n 
A 1 17  ALA 17  17  17  ALA ALA A . n 
A 1 18  GLU 18  18  18  GLU GLU A . n 
A 1 19  GLU 19  19  19  GLU GLU A . n 
A 1 20  ASN 20  20  20  ASN ASN A . n 
A 1 21  ASN 21  21  21  ASN ASN A . n 
A 1 22  GLY 22  22  22  GLY GLY A . n 
A 1 23  LYS 23  23  23  LYS LYS A . n 
A 1 24  ASN 24  24  24  ASN ASN A . n 
A 1 25  ILE 25  25  25  ILE ILE A . n 
A 1 26  PHE 26  26  26  PHE PHE A . n 
A 1 27  ALA 27  27  27  ALA ALA A . n 
A 1 28  LEU 28  28  28  LEU LEU A . n 
A 1 29  PHE 29  29  29  PHE PHE A . n 
A 1 30  CYS 30  30  30  CYS CYS A . n 
A 1 31  GLY 31  31  31  GLY GLY A . n 
A 1 32  SER 32  32  32  SER SER A . n 
A 1 33  LYS 33  33  33  LYS LYS A . n 
A 1 34  ASP 34  34  34  ASP ASP A . n 
A 1 35  ALA 35  35  35  ALA ALA A . n 
A 1 36  ASN 36  36  36  ASN ASN A . n 
A 1 37  GLY 37  37  37  GLY GLY A . n 
A 1 38  GLU 38  38  38  GLU GLU A . n 
A 1 39  SER 39  39  39  SER SER A . n 
A 1 40  TRP 40  40  40  TRP TRP A . n 
A 1 41  CYS 41  41  41  CYS CYS A . n 
A 1 42  PRO 42  42  42  PRO PRO A . n 
A 1 43  ASP 43  43  43  ASP ASP A . n 
A 1 44  CYS 44  44  44  CYS CYS A . n 
A 1 45  VAL 45  45  45  VAL VAL A . n 
A 1 46  THR 46  46  46  THR THR A . n 
A 1 47  ALA 47  47  47  ALA ALA A . n 
A 1 48  GLU 48  48  48  GLU GLU A . n 
A 1 49  PRO 49  49  49  PRO PRO A . n 
A 1 50  VAL 50  50  50  VAL VAL A . n 
A 1 51  ILE 51  51  51  ILE ILE A . n 
A 1 52  ALA 52  52  52  ALA ALA A . n 
A 1 53  ARG 53  53  53  ARG ARG A . n 
A 1 54  ASN 54  54  54  ASN ASN A . n 
A 1 55  LEU 55  55  55  LEU LEU A . n 
A 1 56  LYS 56  56  56  LYS LYS A . n 
A 1 57  TYR 57  57  57  TYR TYR A . n 
A 1 58  ALA 58  58  58  ALA ALA A . n 
A 1 59  PRO 59  59  59  PRO PRO A . n 
A 1 60  ALA 60  60  60  ALA ALA A . n 
A 1 61  ASP 61  61  61  ASP ASP A . n 
A 1 62  SER 62  62  62  SER SER A . n 
A 1 63  VAL 63  63  63  VAL VAL A . n 
A 1 64  PHE 64  64  64  PHE PHE A . n 
A 1 65  ILE 65  65  65  ILE ILE A . n 
A 1 66  HIS 66  66  66  HIS HIS A . n 
A 1 67  CYS 67  67  67  CYS CYS A . n 
A 1 68  SER 68  68  68  SER SER A . n 
A 1 69  VAL 69  69  69  VAL VAL A . n 
A 1 70  GLY 70  70  70  GLY GLY A . n 
A 1 71  GLU 71  71  71  GLU GLU A . n 
A 1 72  ARG 72  72  72  ARG ARG A . n 
A 1 73  ALA 73  73  73  ALA ALA A . n 
A 1 74  PHE 74  74  74  PHE PHE A . n 
A 1 75  TRP 75  75  75  TRP TRP A . n 
A 1 76  LYS 76  76  76  LYS LYS A . n 
A 1 77  ASP 77  77  77  ASP ASP A . n 
A 1 78  GLN 78  78  78  GLN GLN A . n 
A 1 79  SER 79  79  79  SER SER A . n 
A 1 80  ASN 80  80  80  ASN ASN A . n 
A 1 81  VAL 81  81  81  VAL VAL A . n 
A 1 82  PHE 82  82  82  PHE PHE A . n 
A 1 83  ARG 83  83  83  ARG ARG A . n 
A 1 84  LYS 84  84  84  LYS LYS A . n 
A 1 85  ASP 85  85  85  ASP ASP A . n 
A 1 86  PRO 86  86  86  PRO PRO A . n 
A 1 87  VAL 87  87  87  VAL VAL A . n 
A 1 88  LEU 88  88  88  LEU LEU A . n 
A 1 89  LYS 89  89  89  LYS LYS A . n 
A 1 90  LEU 90  90  90  LEU LEU A . n 
A 1 91  LYS 91  91  91  LYS LYS A . n 
A 1 92  CYS 92  92  92  CYS CYS A . n 
A 1 93  VAL 93  93  93  VAL VAL A . n 
A 1 94  PRO 94  94  94  PRO PRO A . n 
A 1 95  THR 95  95  95  THR THR A . n 
A 1 96  LEU 96  96  96  LEU LEU A . n 
A 1 97  LEU 97  97  97  LEU LEU A . n 
A 1 98  LYS 98  98  98  LYS LYS A . n 
A 1 99  PRO 99  99  99  PRO PRO A . n 
A 1 100 GLY 100 100 100 GLY GLY A . n 
A 1 101 THR 101 101 101 THR THR A . n 
A 1 102 PRO 102 102 102 PRO PRO A . n 
A 1 103 GLN 103 103 103 GLN GLN A . n 
A 1 104 ARG 104 104 104 ARG ARG A . n 
A 1 105 LEU 105 105 105 LEU LEU A . n 
A 1 106 GLU 106 106 106 GLU GLU A . n 
A 1 107 GLU 107 107 107 GLU GLU A . n 
A 1 108 GLU 108 108 108 GLU GLU A . n 
A 1 109 GLN 109 109 109 GLN GLN A . n 
A 1 110 CYS 110 110 110 CYS CYS A . n 
A 1 111 ALA 111 111 111 ALA ALA A . n 
A 1 112 ASP 112 112 112 ASP ASP A . n 
A 1 113 ASP 113 113 113 ASP ASP A . n 
A 1 114 ASN 114 114 114 ASN ASN A . n 
A 1 115 LEU 115 115 115 LEU LEU A . n 
A 1 116 VAL 116 116 116 VAL VAL A . n 
A 1 117 GLN 117 117 117 GLN GLN A . n 
A 1 118 MET 118 118 118 MET MET A . n 
A 1 119 PHE 119 119 119 PHE PHE A . n 
A 1 120 PHE 120 120 120 PHE PHE A . n 
A 1 121 GLN 121 121 121 GLN GLN A . n 
A 1 122 GLU 122 122 122 GLU GLU A . n 
A 1 123 GLU 123 123 123 GLU GLU A . n 
A 1 124 LEU 124 124 124 LEU LEU A . n 
A 1 125 GLU 125 125 125 GLU GLU A . n 
A 1 126 HIS 126 126 126 HIS HIS A . n 
A 1 127 HIS 127 127 127 HIS HIS A . n 
# 
loop_
_pdbx_nonpoly_scheme.asym_id 
_pdbx_nonpoly_scheme.entity_id 
_pdbx_nonpoly_scheme.mon_id 
_pdbx_nonpoly_scheme.ndb_seq_num 
_pdbx_nonpoly_scheme.pdb_seq_num 
_pdbx_nonpoly_scheme.auth_seq_num 
_pdbx_nonpoly_scheme.pdb_mon_id 
_pdbx_nonpoly_scheme.auth_mon_id 
_pdbx_nonpoly_scheme.pdb_strand_id 
_pdbx_nonpoly_scheme.pdb_ins_code 
B 2 HOH 1   201 102 HOH HOH A . 
B 2 HOH 2   202 58  HOH HOH A . 
B 2 HOH 3   203 104 HOH HOH A . 
B 2 HOH 4   204 89  HOH HOH A . 
B 2 HOH 5   205 99  HOH HOH A . 
B 2 HOH 6   206 126 HOH HOH A . 
B 2 HOH 7   207 79  HOH HOH A . 
B 2 HOH 8   208 119 HOH HOH A . 
B 2 HOH 9   209 37  HOH HOH A . 
B 2 HOH 10  210 28  HOH HOH A . 
B 2 HOH 11  211 44  HOH HOH A . 
B 2 HOH 12  212 122 HOH HOH A . 
B 2 HOH 13  213 77  HOH HOH A . 
B 2 HOH 14  214 133 HOH HOH A . 
B 2 HOH 15  215 82  HOH HOH A . 
B 2 HOH 16  216 116 HOH HOH A . 
B 2 HOH 17  217 52  HOH HOH A . 
B 2 HOH 18  218 67  HOH HOH A . 
B 2 HOH 19  219 63  HOH HOH A . 
B 2 HOH 20  220 127 HOH HOH A . 
B 2 HOH 21  221 15  HOH HOH A . 
B 2 HOH 22  222 48  HOH HOH A . 
B 2 HOH 23  223 11  HOH HOH A . 
B 2 HOH 24  224 90  HOH HOH A . 
B 2 HOH 25  225 13  HOH HOH A . 
B 2 HOH 26  226 41  HOH HOH A . 
B 2 HOH 27  227 8   HOH HOH A . 
B 2 HOH 28  228 34  HOH HOH A . 
B 2 HOH 29  229 60  HOH HOH A . 
B 2 HOH 30  230 2   HOH HOH A . 
B 2 HOH 31  231 106 HOH HOH A . 
B 2 HOH 32  232 16  HOH HOH A . 
B 2 HOH 33  233 23  HOH HOH A . 
B 2 HOH 34  234 39  HOH HOH A . 
B 2 HOH 35  235 1   HOH HOH A . 
B 2 HOH 36  236 64  HOH HOH A . 
B 2 HOH 37  237 73  HOH HOH A . 
B 2 HOH 38  238 88  HOH HOH A . 
B 2 HOH 39  239 83  HOH HOH A . 
B 2 HOH 40  240 50  HOH HOH A . 
B 2 HOH 41  241 59  HOH HOH A . 
B 2 HOH 42  242 66  HOH HOH A . 
B 2 HOH 43  243 84  HOH HOH A . 
B 2 HOH 44  244 27  HOH HOH A . 
B 2 HOH 45  245 12  HOH HOH A . 
B 2 HOH 46  246 9   HOH HOH A . 
B 2 HOH 47  247 36  HOH HOH A . 
B 2 HOH 48  248 43  HOH HOH A . 
B 2 HOH 49  249 4   HOH HOH A . 
B 2 HOH 50  250 96  HOH HOH A . 
B 2 HOH 51  251 3   HOH HOH A . 
B 2 HOH 52  252 17  HOH HOH A . 
B 2 HOH 53  253 32  HOH HOH A . 
B 2 HOH 54  254 31  HOH HOH A . 
B 2 HOH 55  255 121 HOH HOH A . 
B 2 HOH 56  256 74  HOH HOH A . 
B 2 HOH 57  257 51  HOH HOH A . 
B 2 HOH 58  258 113 HOH HOH A . 
B 2 HOH 59  259 19  HOH HOH A . 
B 2 HOH 60  260 93  HOH HOH A . 
B 2 HOH 61  261 7   HOH HOH A . 
B 2 HOH 62  262 24  HOH HOH A . 
B 2 HOH 63  263 26  HOH HOH A . 
B 2 HOH 64  264 5   HOH HOH A . 
B 2 HOH 65  265 78  HOH HOH A . 
B 2 HOH 66  266 35  HOH HOH A . 
B 2 HOH 67  267 117 HOH HOH A . 
B 2 HOH 68  268 69  HOH HOH A . 
B 2 HOH 69  269 20  HOH HOH A . 
B 2 HOH 70  270 42  HOH HOH A . 
B 2 HOH 71  271 18  HOH HOH A . 
B 2 HOH 72  272 10  HOH HOH A . 
B 2 HOH 73  273 118 HOH HOH A . 
B 2 HOH 74  274 87  HOH HOH A . 
B 2 HOH 75  275 85  HOH HOH A . 
B 2 HOH 76  276 68  HOH HOH A . 
B 2 HOH 77  277 6   HOH HOH A . 
B 2 HOH 78  278 38  HOH HOH A . 
B 2 HOH 79  279 14  HOH HOH A . 
B 2 HOH 80  280 76  HOH HOH A . 
B 2 HOH 81  281 105 HOH HOH A . 
B 2 HOH 82  282 55  HOH HOH A . 
B 2 HOH 83  283 129 HOH HOH A . 
B 2 HOH 84  284 111 HOH HOH A . 
B 2 HOH 85  285 112 HOH HOH A . 
B 2 HOH 86  286 46  HOH HOH A . 
B 2 HOH 87  287 103 HOH HOH A . 
B 2 HOH 88  288 25  HOH HOH A . 
B 2 HOH 89  289 97  HOH HOH A . 
B 2 HOH 90  290 92  HOH HOH A . 
B 2 HOH 91  291 91  HOH HOH A . 
B 2 HOH 92  292 62  HOH HOH A . 
B 2 HOH 93  293 49  HOH HOH A . 
B 2 HOH 94  294 40  HOH HOH A . 
B 2 HOH 95  295 70  HOH HOH A . 
B 2 HOH 96  296 75  HOH HOH A . 
B 2 HOH 97  297 124 HOH HOH A . 
B 2 HOH 98  298 61  HOH HOH A . 
B 2 HOH 99  299 80  HOH HOH A . 
B 2 HOH 100 300 132 HOH HOH A . 
B 2 HOH 101 301 53  HOH HOH A . 
B 2 HOH 102 302 101 HOH HOH A . 
B 2 HOH 103 303 47  HOH HOH A . 
B 2 HOH 104 304 130 HOH HOH A . 
B 2 HOH 105 305 131 HOH HOH A . 
B 2 HOH 106 306 128 HOH HOH A . 
B 2 HOH 107 307 65  HOH HOH A . 
B 2 HOH 108 308 56  HOH HOH A . 
B 2 HOH 109 309 125 HOH HOH A . 
B 2 HOH 110 310 123 HOH HOH A . 
B 2 HOH 111 311 81  HOH HOH A . 
B 2 HOH 112 312 45  HOH HOH A . 
B 2 HOH 113 313 71  HOH HOH A . 
B 2 HOH 114 314 72  HOH HOH A . 
B 2 HOH 115 315 109 HOH HOH A . 
B 2 HOH 116 316 115 HOH HOH A . 
B 2 HOH 117 317 114 HOH HOH A . 
B 2 HOH 118 318 98  HOH HOH A . 
B 2 HOH 119 319 95  HOH HOH A . 
B 2 HOH 120 320 29  HOH HOH A . 
B 2 HOH 121 321 57  HOH HOH A . 
B 2 HOH 122 322 100 HOH HOH A . 
B 2 HOH 123 323 33  HOH HOH A . 
B 2 HOH 124 324 107 HOH HOH A . 
B 2 HOH 125 325 120 HOH HOH A . 
B 2 HOH 126 326 108 HOH HOH A . 
B 2 HOH 127 327 54  HOH HOH A . 
B 2 HOH 128 328 86  HOH HOH A . 
B 2 HOH 129 329 21  HOH HOH A . 
B 2 HOH 130 330 30  HOH HOH A . 
B 2 HOH 131 331 110 HOH HOH A . 
B 2 HOH 132 332 22  HOH HOH A . 
B 2 HOH 133 333 94  HOH HOH A . 
# 
loop_
_software.citation_id 
_software.classification 
_software.compiler_name 
_software.compiler_version 
_software.contact_author 
_software.contact_author_email 
_software.date 
_software.description 
_software.dependencies 
_software.hardware 
_software.language 
_software.location 
_software.mods 
_software.name 
_software.os 
_software.os_version 
_software.type 
_software.version 
_software.pdbx_ordinal 
? refinement        ? ? ? ? ? ? ? ? ? ? ? REFMAC      ? ? ? 5.8.0258 1 
? 'data scaling'    ? ? ? ? ? ? ? ? ? ? ? HKL-3000    ? ? ? .        2 
? 'data extraction' ? ? ? ? ? ? ? ? ? ? ? PDB_EXTRACT ? ? ? 3.27     3 
? 'data reduction'  ? ? ? ? ? ? ? ? ? ? ? HKL-3000    ? ? ? .        4 
? phasing           ? ? ? ? ? ? ? ? ? ? ? PHASER      ? ? ? .        5 
# 
_cell.angle_alpha                  90.000 
_cell.angle_alpha_esd              ? 
_cell.angle_beta                   115.100 
_cell.angle_beta_esd               ? 
_cell.angle_gamma                  90.000 
_cell.angle_gamma_esd              ? 
_cell.entry_id                     7XPW 
_cell.details                      ? 
_cell.formula_units_Z              ? 
_cell.length_a                     34.772 
_cell.length_a_esd                 ? 
_cell.length_b                     44.912 
_cell.length_b_esd                 ? 
_cell.length_c                     38.491 
_cell.length_c_esd                 ? 
_cell.volume                       ? 
_cell.volume_esd                   ? 
_cell.Z_PDB                        2 
_cell.reciprocal_angle_alpha       ? 
_cell.reciprocal_angle_beta        ? 
_cell.reciprocal_angle_gamma       ? 
_cell.reciprocal_angle_alpha_esd   ? 
_cell.reciprocal_angle_beta_esd    ? 
_cell.reciprocal_angle_gamma_esd   ? 
_cell.reciprocal_length_a          ? 
_cell.reciprocal_length_b          ? 
_cell.reciprocal_length_c          ? 
_cell.reciprocal_length_a_esd      ? 
_cell.reciprocal_length_b_esd      ? 
_cell.reciprocal_length_c_esd      ? 
_cell.pdbx_unique_axis             ? 
_cell.pdbx_esd_method              ? 
# 
_symmetry.entry_id                         7XPW 
_symmetry.cell_setting                     ? 
_symmetry.Int_Tables_number                4 
_symmetry.space_group_name_Hall            ? 
_symmetry.space_group_name_H-M             'P 1 21 1' 
_symmetry.pdbx_full_space_group_name_H-M   ? 
# 
_exptl.absorpt_coefficient_mu     ? 
_exptl.absorpt_correction_T_max   ? 
_exptl.absorpt_correction_T_min   ? 
_exptl.absorpt_correction_type    ? 
_exptl.absorpt_process_details    ? 
_exptl.entry_id                   7XPW 
_exptl.crystals_number            1 
_exptl.details                    ? 
_exptl.method                     'X-RAY DIFFRACTION' 
_exptl.method_details             ? 
# 
_exptl_crystal.colour                       ? 
_exptl_crystal.density_diffrn               ? 
_exptl_crystal.density_Matthews             1.89 
_exptl_crystal.density_method               ? 
_exptl_crystal.density_percent_sol          34.95 
_exptl_crystal.description                  ? 
_exptl_crystal.F_000                        ? 
_exptl_crystal.id                           1 
_exptl_crystal.preparation                  ? 
_exptl_crystal.size_max                     ? 
_exptl_crystal.size_mid                     ? 
_exptl_crystal.size_min                     ? 
_exptl_crystal.size_rad                     ? 
_exptl_crystal.colour_lustre                ? 
_exptl_crystal.colour_modifier              ? 
_exptl_crystal.colour_primary               ? 
_exptl_crystal.density_meas                 ? 
_exptl_crystal.density_meas_esd             ? 
_exptl_crystal.density_meas_gt              ? 
_exptl_crystal.density_meas_lt              ? 
_exptl_crystal.density_meas_temp            ? 
_exptl_crystal.density_meas_temp_esd        ? 
_exptl_crystal.density_meas_temp_gt         ? 
_exptl_crystal.density_meas_temp_lt         ? 
_exptl_crystal.pdbx_crystal_image_url       ? 
_exptl_crystal.pdbx_crystal_image_format    ? 
_exptl_crystal.pdbx_mosaicity               ? 
_exptl_crystal.pdbx_mosaicity_esd           ? 
_exptl_crystal.pdbx_mosaic_method           ? 
_exptl_crystal.pdbx_mosaic_block_size       ? 
_exptl_crystal.pdbx_mosaic_block_size_esd   ? 
# 
_exptl_crystal_grow.apparatus       ? 
_exptl_crystal_grow.atmosphere      ? 
_exptl_crystal_grow.crystal_id      1 
_exptl_crystal_grow.details         ? 
_exptl_crystal_grow.method          'VAPOR DIFFUSION, SITTING DROP' 
_exptl_crystal_grow.method_ref      ? 
_exptl_crystal_grow.pH              5.9 
_exptl_crystal_grow.pressure        ? 
_exptl_crystal_grow.pressure_esd    ? 
_exptl_crystal_grow.seeding         ? 
_exptl_crystal_grow.seeding_ref     ? 
_exptl_crystal_grow.temp            289 
_exptl_crystal_grow.temp_details    ? 
_exptl_crystal_grow.temp_esd        ? 
_exptl_crystal_grow.time            ? 
_exptl_crystal_grow.pdbx_details    '30% PEG 3350, 0.1M Bis-tris PH 5.9' 
_exptl_crystal_grow.pdbx_pH_range   ? 
# 
_diffrn.ambient_environment              ? 
_diffrn.ambient_temp                     100 
_diffrn.ambient_temp_details             ? 
_diffrn.ambient_temp_esd                 ? 
_diffrn.crystal_id                       1 
_diffrn.crystal_support                  ? 
_diffrn.crystal_treatment                ? 
_diffrn.details                          ? 
_diffrn.id                               1 
_diffrn.ambient_pressure                 ? 
_diffrn.ambient_pressure_esd             ? 
_diffrn.ambient_pressure_gt              ? 
_diffrn.ambient_pressure_lt              ? 
_diffrn.ambient_temp_gt                  ? 
_diffrn.ambient_temp_lt                  ? 
_diffrn.pdbx_serial_crystal_experiment   N 
# 
_diffrn_detector.details                      ? 
_diffrn_detector.detector                     PIXEL 
_diffrn_detector.diffrn_id                    1 
_diffrn_detector.type                         'PSI PILATUS 6M' 
_diffrn_detector.area_resol_mean              ? 
_diffrn_detector.dtime                        ? 
_diffrn_detector.pdbx_frames_total            ? 
_diffrn_detector.pdbx_collection_time_total   ? 
_diffrn_detector.pdbx_collection_date         2020-01-06 
_diffrn_detector.pdbx_frequency               ? 
# 
_diffrn_radiation.collimation                      ? 
_diffrn_radiation.diffrn_id                        1 
_diffrn_radiation.filter_edge                      ? 
_diffrn_radiation.inhomogeneity                    ? 
_diffrn_radiation.monochromator                    ? 
_diffrn_radiation.polarisn_norm                    ? 
_diffrn_radiation.polarisn_ratio                   ? 
_diffrn_radiation.probe                            ? 
_diffrn_radiation.type                             ? 
_diffrn_radiation.xray_symbol                      ? 
_diffrn_radiation.wavelength_id                    1 
_diffrn_radiation.pdbx_monochromatic_or_laue_m_l   M 
_diffrn_radiation.pdbx_wavelength_list             ? 
_diffrn_radiation.pdbx_wavelength                  ? 
_diffrn_radiation.pdbx_diffrn_protocol             'SINGLE WAVELENGTH' 
_diffrn_radiation.pdbx_analyzer                    ? 
_diffrn_radiation.pdbx_scattering_type             x-ray 
# 
_diffrn_radiation_wavelength.id           1 
_diffrn_radiation_wavelength.wavelength   0.97930 
_diffrn_radiation_wavelength.wt           1.0 
# 
_diffrn_source.current                     ? 
_diffrn_source.details                     ? 
_diffrn_source.diffrn_id                   1 
_diffrn_source.power                       ? 
_diffrn_source.size                        ? 
_diffrn_source.source                      SYNCHROTRON 
_diffrn_source.target                      ? 
_diffrn_source.type                        'SSRF BEAMLINE BL18U1' 
_diffrn_source.voltage                     ? 
_diffrn_source.take-off_angle              ? 
_diffrn_source.pdbx_wavelength_list        0.97930 
_diffrn_source.pdbx_wavelength             ? 
_diffrn_source.pdbx_synchrotron_beamline   BL18U1 
_diffrn_source.pdbx_synchrotron_site       SSRF 
# 
_reflns.B_iso_Wilson_estimate                          ? 
_reflns.entry_id                                       7XPW 
_reflns.data_reduction_details                         ? 
_reflns.data_reduction_method                          ? 
_reflns.d_resolution_high                              1.77 
_reflns.d_resolution_low                               50.00 
_reflns.details                                        ? 
_reflns.limit_h_max                                    ? 
_reflns.limit_h_min                                    ? 
_reflns.limit_k_max                                    ? 
_reflns.limit_k_min                                    ? 
_reflns.limit_l_max                                    ? 
_reflns.limit_l_min                                    ? 
_reflns.number_all                                     ? 
_reflns.number_obs                                     10429 
_reflns.observed_criterion                             ? 
_reflns.observed_criterion_F_max                       ? 
_reflns.observed_criterion_F_min                       ? 
_reflns.observed_criterion_I_max                       ? 
_reflns.observed_criterion_I_min                       ? 
_reflns.observed_criterion_sigma_F                     ? 
_reflns.observed_criterion_sigma_I                     ? 
_reflns.percent_possible_obs                           98.4 
_reflns.R_free_details                                 ? 
_reflns.Rmerge_F_all                                   ? 
_reflns.Rmerge_F_obs                                   ? 
_reflns.Friedel_coverage                               ? 
_reflns.number_gt                                      ? 
_reflns.threshold_expression                           ? 
_reflns.pdbx_redundancy                                6.3 
_reflns.pdbx_Rmerge_I_obs                              0.052 
_reflns.pdbx_Rmerge_I_all                              ? 
_reflns.pdbx_Rsym_value                                0.052 
_reflns.pdbx_netI_over_av_sigmaI                       ? 
_reflns.pdbx_netI_over_sigmaI                          28.535 
_reflns.pdbx_res_netI_over_av_sigmaI_2                 ? 
_reflns.pdbx_res_netI_over_sigmaI_2                    ? 
_reflns.pdbx_chi_squared                               ? 
_reflns.pdbx_scaling_rejects                           ? 
_reflns.pdbx_d_res_high_opt                            ? 
_reflns.pdbx_d_res_low_opt                             ? 
_reflns.pdbx_d_res_opt_method                          ? 
_reflns.phase_calculation_details                      ? 
_reflns.pdbx_Rrim_I_all                                ? 
_reflns.pdbx_Rpim_I_all                                ? 
_reflns.pdbx_d_opt                                     ? 
_reflns.pdbx_number_measured_all                       ? 
_reflns.pdbx_diffrn_id                                 1 
_reflns.pdbx_ordinal                                   1 
_reflns.pdbx_CC_half                                   0.966 
_reflns.pdbx_CC_star                                   ? 
_reflns.pdbx_R_split                                   ? 
_reflns.pdbx_aniso_diffraction_limit_axis_1_ortho[1]   ? 
_reflns.pdbx_aniso_diffraction_limit_axis_1_ortho[2]   ? 
_reflns.pdbx_aniso_diffraction_limit_axis_1_ortho[3]   ? 
_reflns.pdbx_aniso_diffraction_limit_axis_2_ortho[1]   ? 
_reflns.pdbx_aniso_diffraction_limit_axis_2_ortho[2]   ? 
_reflns.pdbx_aniso_diffraction_limit_axis_2_ortho[3]   ? 
_reflns.pdbx_aniso_diffraction_limit_axis_3_ortho[1]   ? 
_reflns.pdbx_aniso_diffraction_limit_axis_3_ortho[2]   ? 
_reflns.pdbx_aniso_diffraction_limit_axis_3_ortho[3]   ? 
_reflns.pdbx_aniso_diffraction_limit_1                 ? 
_reflns.pdbx_aniso_diffraction_limit_2                 ? 
_reflns.pdbx_aniso_diffraction_limit_3                 ? 
_reflns.pdbx_aniso_B_tensor_eigenvector_1_ortho[1]     ? 
_reflns.pdbx_aniso_B_tensor_eigenvector_1_ortho[2]     ? 
_reflns.pdbx_aniso_B_tensor_eigenvector_1_ortho[3]     ? 
_reflns.pdbx_aniso_B_tensor_eigenvector_2_ortho[1]     ? 
_reflns.pdbx_aniso_B_tensor_eigenvector_2_ortho[2]     ? 
_reflns.pdbx_aniso_B_tensor_eigenvector_2_ortho[3]     ? 
_reflns.pdbx_aniso_B_tensor_eigenvector_3_ortho[1]     ? 
_reflns.pdbx_aniso_B_tensor_eigenvector_3_ortho[2]     ? 
_reflns.pdbx_aniso_B_tensor_eigenvector_3_ortho[3]     ? 
_reflns.pdbx_aniso_B_tensor_eigenvalue_1               ? 
_reflns.pdbx_aniso_B_tensor_eigenvalue_2               ? 
_reflns.pdbx_aniso_B_tensor_eigenvalue_3               ? 
_reflns.pdbx_orthogonalization_convention              ? 
_reflns.pdbx_percent_possible_ellipsoidal              ? 
_reflns.pdbx_percent_possible_spherical                ? 
_reflns.pdbx_percent_possible_ellipsoidal_anomalous    ? 
_reflns.pdbx_percent_possible_spherical_anomalous      ? 
_reflns.pdbx_redundancy_anomalous                      ? 
_reflns.pdbx_CC_half_anomalous                         ? 
_reflns.pdbx_absDiff_over_sigma_anomalous              ? 
_reflns.pdbx_percent_possible_anomalous                ? 
_reflns.pdbx_observed_signal_threshold                 ? 
_reflns.pdbx_signal_type                               ? 
_reflns.pdbx_signal_details                            ? 
_reflns.pdbx_signal_software_id                        ? 
_reflns.pdbx_CC_split_method                           ? 
# 
_reflns_shell.d_res_high                                    1.77 
_reflns_shell.d_res_low                                     1.80 
_reflns_shell.meanI_over_sigI_all                           ? 
_reflns_shell.meanI_over_sigI_obs                           ? 
_reflns_shell.number_measured_all                           ? 
_reflns_shell.number_measured_obs                           ? 
_reflns_shell.number_possible                               ? 
_reflns_shell.number_unique_all                             ? 
_reflns_shell.number_unique_obs                             10429 
_reflns_shell.percent_possible_all                          ? 
_reflns_shell.percent_possible_obs                          ? 
_reflns_shell.Rmerge_F_all                                  ? 
_reflns_shell.Rmerge_F_obs                                  ? 
_reflns_shell.Rmerge_I_all                                  ? 
_reflns_shell.Rmerge_I_obs                                  0.181 
_reflns_shell.meanI_over_sigI_gt                            ? 
_reflns_shell.meanI_over_uI_all                             ? 
_reflns_shell.meanI_over_uI_gt                              ? 
_reflns_shell.number_measured_gt                            ? 
_reflns_shell.number_unique_gt                              ? 
_reflns_shell.percent_possible_gt                           ? 
_reflns_shell.Rmerge_F_gt                                   ? 
_reflns_shell.Rmerge_I_gt                                   ? 
_reflns_shell.pdbx_redundancy                               6.1 
_reflns_shell.pdbx_Rsym_value                               0.181 
_reflns_shell.pdbx_chi_squared                              ? 
_reflns_shell.pdbx_netI_over_sigmaI_all                     ? 
_reflns_shell.pdbx_netI_over_sigmaI_obs                     ? 
_reflns_shell.pdbx_Rrim_I_all                               ? 
_reflns_shell.pdbx_Rpim_I_all                               ? 
_reflns_shell.pdbx_rejects                                  ? 
_reflns_shell.pdbx_ordinal                                  1 
_reflns_shell.pdbx_diffrn_id                                1 
_reflns_shell.pdbx_CC_half                                  0.966 
_reflns_shell.pdbx_CC_star                                  ? 
_reflns_shell.pdbx_R_split                                  ? 
_reflns_shell.pdbx_percent_possible_ellipsoidal             ? 
_reflns_shell.pdbx_percent_possible_spherical               ? 
_reflns_shell.pdbx_percent_possible_ellipsoidal_anomalous   ? 
_reflns_shell.pdbx_percent_possible_spherical_anomalous     ? 
_reflns_shell.pdbx_redundancy_anomalous                     ? 
_reflns_shell.pdbx_CC_half_anomalous                        ? 
_reflns_shell.pdbx_absDiff_over_sigma_anomalous             ? 
_reflns_shell.pdbx_percent_possible_anomalous               ? 
# 
_refine.aniso_B[1][1]                            0.1400 
_refine.aniso_B[1][2]                            0.0000 
_refine.aniso_B[1][3]                            -0.0400 
_refine.aniso_B[2][2]                            -0.0700 
_refine.aniso_B[2][3]                            0.0000 
_refine.aniso_B[3][3]                            -0.0200 
_refine.B_iso_max                                55.830 
_refine.B_iso_mean                               19.9100 
_refine.B_iso_min                                8.420 
_refine.correlation_coeff_Fo_to_Fc               0.9600 
_refine.correlation_coeff_Fo_to_Fc_free          0.9270 
_refine.details                                  
'HYDROGENS HAVE BEEN ADDED IN THE RIDING POSITIONS U VALUES      : REFINED INDIVIDUALLY' 
_refine.diff_density_max                         ? 
_refine.diff_density_max_esd                     ? 
_refine.diff_density_min                         ? 
_refine.diff_density_min_esd                     ? 
_refine.diff_density_rms                         ? 
_refine.diff_density_rms_esd                     ? 
_refine.entry_id                                 7XPW 
_refine.pdbx_refine_id                           'X-RAY DIFFRACTION' 
_refine.ls_abs_structure_details                 ? 
_refine.ls_abs_structure_Flack                   ? 
_refine.ls_abs_structure_Flack_esd               ? 
_refine.ls_abs_structure_Rogers                  ? 
_refine.ls_abs_structure_Rogers_esd              ? 
_refine.ls_d_res_high                            1.7700 
_refine.ls_d_res_low                             34.8600 
_refine.ls_extinction_coef                       ? 
_refine.ls_extinction_coef_esd                   ? 
_refine.ls_extinction_expression                 ? 
_refine.ls_extinction_method                     ? 
_refine.ls_goodness_of_fit_all                   ? 
_refine.ls_goodness_of_fit_all_esd               ? 
_refine.ls_goodness_of_fit_obs                   ? 
_refine.ls_goodness_of_fit_obs_esd               ? 
_refine.ls_hydrogen_treatment                    ? 
_refine.ls_matrix_type                           ? 
_refine.ls_number_constraints                    ? 
_refine.ls_number_parameters                     ? 
_refine.ls_number_reflns_all                     ? 
_refine.ls_number_reflns_obs                     9847 
_refine.ls_number_reflns_R_free                  565 
_refine.ls_number_reflns_R_work                  ? 
_refine.ls_number_restraints                     ? 
_refine.ls_percent_reflns_obs                    98.1600 
_refine.ls_percent_reflns_R_free                 5.4000 
_refine.ls_R_factor_all                          ? 
_refine.ls_R_factor_obs                          0.1718 
_refine.ls_R_factor_R_free                       0.2316 
_refine.ls_R_factor_R_free_error                 ? 
_refine.ls_R_factor_R_free_error_details         ? 
_refine.ls_R_factor_R_work                       0.1684 
_refine.ls_R_Fsqd_factor_obs                     ? 
_refine.ls_R_I_factor_obs                        ? 
_refine.ls_redundancy_reflns_all                 ? 
_refine.ls_redundancy_reflns_obs                 ? 
_refine.ls_restrained_S_all                      ? 
_refine.ls_restrained_S_obs                      ? 
_refine.ls_shift_over_esd_max                    ? 
_refine.ls_shift_over_esd_mean                   ? 
_refine.ls_structure_factor_coef                 ? 
_refine.ls_weighting_details                     ? 
_refine.ls_weighting_scheme                      ? 
_refine.ls_wR_factor_all                         ? 
_refine.ls_wR_factor_obs                         ? 
_refine.ls_wR_factor_R_free                      ? 
_refine.ls_wR_factor_R_work                      ? 
_refine.occupancy_max                            ? 
_refine.occupancy_min                            ? 
_refine.solvent_model_details                    MASK 
_refine.solvent_model_param_bsol                 ? 
_refine.solvent_model_param_ksol                 ? 
_refine.pdbx_R_complete                          ? 
_refine.ls_R_factor_gt                           ? 
_refine.ls_goodness_of_fit_gt                    ? 
_refine.ls_goodness_of_fit_ref                   ? 
_refine.ls_shift_over_su_max                     ? 
_refine.ls_shift_over_su_max_lt                  ? 
_refine.ls_shift_over_su_mean                    ? 
_refine.ls_shift_over_su_mean_lt                 ? 
_refine.pdbx_ls_sigma_I                          ? 
_refine.pdbx_ls_sigma_F                          0.000 
_refine.pdbx_ls_sigma_Fsqd                       ? 
_refine.pdbx_data_cutoff_high_absF               ? 
_refine.pdbx_data_cutoff_high_rms_absF           ? 
_refine.pdbx_data_cutoff_low_absF                ? 
_refine.pdbx_isotropic_thermal_model             ? 
_refine.pdbx_ls_cross_valid_method               THROUGHOUT 
_refine.pdbx_method_to_determine_struct          'MOLECULAR REPLACEMENT' 
_refine.pdbx_starting_model                      1WOU 
_refine.pdbx_stereochemistry_target_values       'MAXIMUM LIKELIHOOD' 
_refine.pdbx_R_Free_selection_details            RANDOM 
_refine.pdbx_stereochem_target_val_spec_case     ? 
_refine.pdbx_overall_ESU_R                       0.1430 
_refine.pdbx_overall_ESU_R_Free                  0.1440 
_refine.pdbx_solvent_vdw_probe_radii             1.2000 
_refine.pdbx_solvent_ion_probe_radii             0.8000 
_refine.pdbx_solvent_shrinkage_radii             0.8000 
_refine.pdbx_real_space_R                        ? 
_refine.pdbx_density_correlation                 ? 
_refine.pdbx_pd_number_of_powder_patterns        ? 
_refine.pdbx_pd_number_of_points                 ? 
_refine.pdbx_pd_meas_number_of_points            ? 
_refine.pdbx_pd_proc_ls_prof_R_factor            ? 
_refine.pdbx_pd_proc_ls_prof_wR_factor           ? 
_refine.pdbx_pd_Marquardt_correlation_coeff      ? 
_refine.pdbx_pd_Fsqrd_R_factor                   ? 
_refine.pdbx_pd_ls_matrix_band_width             ? 
_refine.pdbx_overall_phase_error                 ? 
_refine.pdbx_overall_SU_R_free_Cruickshank_DPI   ? 
_refine.pdbx_overall_SU_R_free_Blow_DPI          ? 
_refine.pdbx_overall_SU_R_Blow_DPI               ? 
_refine.pdbx_TLS_residual_ADP_flag               ? 
_refine.pdbx_diffrn_id                           1 
_refine.overall_SU_B                             2.7740 
_refine.overall_SU_ML                            0.0890 
_refine.overall_SU_R_Cruickshank_DPI             ? 
_refine.overall_SU_R_free                        ? 
_refine.overall_FOM_free_R_set                   ? 
_refine.overall_FOM_work_R_set                   ? 
_refine.pdbx_average_fsc_overall                 ? 
_refine.pdbx_average_fsc_work                    ? 
_refine.pdbx_average_fsc_free                    ? 
# 
_refine_hist.pdbx_refine_id                   'X-RAY DIFFRACTION' 
_refine_hist.cycle_id                         final 
_refine_hist.details                          ? 
_refine_hist.d_res_high                       1.7700 
_refine_hist.d_res_low                        34.8600 
_refine_hist.number_atoms_solvent             133 
_refine_hist.number_atoms_total               1141 
_refine_hist.number_reflns_all                ? 
_refine_hist.number_reflns_obs                ? 
_refine_hist.number_reflns_R_free             ? 
_refine_hist.number_reflns_R_work             ? 
_refine_hist.R_factor_all                     ? 
_refine_hist.R_factor_obs                     ? 
_refine_hist.R_factor_R_free                  ? 
_refine_hist.R_factor_R_work                  ? 
_refine_hist.pdbx_number_residues_total       127 
_refine_hist.pdbx_B_iso_mean_ligand           ? 
_refine_hist.pdbx_B_iso_mean_solvent          29.43 
_refine_hist.pdbx_number_atoms_protein        1008 
_refine_hist.pdbx_number_atoms_nucleic_acid   0 
_refine_hist.pdbx_number_atoms_ligand         0 
_refine_hist.pdbx_number_atoms_lipid          ? 
_refine_hist.pdbx_number_atoms_carb           ? 
_refine_hist.pdbx_pseudo_atom_details         ? 
# 
loop_
_refine_ls_restr.pdbx_refine_id 
_refine_ls_restr.criterion 
_refine_ls_restr.dev_ideal 
_refine_ls_restr.dev_ideal_target 
_refine_ls_restr.number 
_refine_ls_restr.rejects 
_refine_ls_restr.type 
_refine_ls_restr.weight 
_refine_ls_restr.pdbx_restraint_function 
'X-RAY DIFFRACTION' ? 0.016  0.013  1048 ? r_bond_refined_d       ? ? 
'X-RAY DIFFRACTION' ? 0.001  0.017  939  ? r_bond_other_d         ? ? 
'X-RAY DIFFRACTION' ? 1.602  1.640  1423 ? r_angle_refined_deg    ? ? 
'X-RAY DIFFRACTION' ? 1.381  1.578  2202 ? r_angle_other_deg      ? ? 
'X-RAY DIFFRACTION' ? 7.725  5.000  132  ? r_dihedral_angle_1_deg ? ? 
'X-RAY DIFFRACTION' ? 35.337 24.483 58   ? r_dihedral_angle_2_deg ? ? 
'X-RAY DIFFRACTION' ? 15.185 15.000 180  ? r_dihedral_angle_3_deg ? ? 
'X-RAY DIFFRACTION' ? 31.438 15.000 4    ? r_dihedral_angle_4_deg ? ? 
'X-RAY DIFFRACTION' ? 0.078  0.200  131  ? r_chiral_restr         ? ? 
'X-RAY DIFFRACTION' ? 0.009  0.020  1186 ? r_gen_planes_refined   ? ? 
'X-RAY DIFFRACTION' ? 0.001  0.020  210  ? r_gen_planes_other     ? ? 
# 
_refine_ls_shell.pdbx_refine_id                   'X-RAY DIFFRACTION' 
_refine_ls_shell.d_res_high                       1.7700 
_refine_ls_shell.d_res_low                        1.8150 
_refine_ls_shell.number_reflns_all                ? 
_refine_ls_shell.number_reflns_obs                ? 
_refine_ls_shell.number_reflns_R_free             47 
_refine_ls_shell.number_reflns_R_work             692 
_refine_ls_shell.percent_reflns_obs               94.0200 
_refine_ls_shell.percent_reflns_R_free            ? 
_refine_ls_shell.R_factor_all                     ? 
_refine_ls_shell.R_factor_obs                     ? 
_refine_ls_shell.R_factor_R_free                  0.3090 
_refine_ls_shell.R_factor_R_free_error            0.0000 
_refine_ls_shell.R_factor_R_work                  0.1950 
_refine_ls_shell.redundancy_reflns_all            ? 
_refine_ls_shell.redundancy_reflns_obs            ? 
_refine_ls_shell.wR_factor_all                    ? 
_refine_ls_shell.wR_factor_obs                    ? 
_refine_ls_shell.wR_factor_R_free                 ? 
_refine_ls_shell.wR_factor_R_work                 ? 
_refine_ls_shell.pdbx_R_complete                  ? 
_refine_ls_shell.pdbx_total_number_of_bins_used   ? 
_refine_ls_shell.pdbx_phase_error                 ? 
_refine_ls_shell.pdbx_fsc_work                    ? 
_refine_ls_shell.pdbx_fsc_free                    ? 
# 
_struct.entry_id                     7XPW 
_struct.title                        'Structure of OhTRP14' 
_struct.pdbx_model_details           ? 
_struct.pdbx_formula_weight          ? 
_struct.pdbx_formula_weight_method   ? 
_struct.pdbx_model_type_details      ? 
_struct.pdbx_CASP_flag               N 
# 
_struct_keywords.entry_id        7XPW 
_struct_keywords.text            'Oncomelania hupensis, TRP14, Redox regulation, Immunological properties, ELECTRON TRANSPORT' 
_struct_keywords.pdbx_keywords   'ELECTRON TRANSPORT' 
# 
loop_
_struct_asym.id 
_struct_asym.pdbx_blank_PDB_chainid_flag 
_struct_asym.pdbx_modified 
_struct_asym.entity_id 
_struct_asym.details 
A N N 1 ? 
B N N 2 ? 
# 
_struct_ref.id                         1 
_struct_ref.db_name                    UNP 
_struct_ref.db_code                    A0A2P1CXZ6_9CAEN 
_struct_ref.pdbx_db_accession          A0A2P1CXZ6 
_struct_ref.pdbx_db_isoform            ? 
_struct_ref.entity_id                  1 
_struct_ref.pdbx_seq_one_letter_code   
;MVKEIHVEGFEAYSKAAEENNGKNIFALFCGSKDANGESWCPDCVTAEPVIARNLKYAPADSVFIHCSVGERAFWKDQSN
VFRKDPVLKLKCVPTLLKPGTPQRLEEEQCADDNLVQMFFQEE
;
_struct_ref.pdbx_align_begin           1 
# 
_struct_ref_seq.align_id                      1 
_struct_ref_seq.ref_id                        1 
_struct_ref_seq.pdbx_PDB_id_code              7XPW 
_struct_ref_seq.pdbx_strand_id                A 
_struct_ref_seq.seq_align_beg                 1 
_struct_ref_seq.pdbx_seq_align_beg_ins_code   ? 
_struct_ref_seq.seq_align_end                 123 
_struct_ref_seq.pdbx_seq_align_end_ins_code   ? 
_struct_ref_seq.pdbx_db_accession             A0A2P1CXZ6 
_struct_ref_seq.db_align_beg                  1 
_struct_ref_seq.pdbx_db_align_beg_ins_code    ? 
_struct_ref_seq.db_align_end                  123 
_struct_ref_seq.pdbx_db_align_end_ins_code    ? 
_struct_ref_seq.pdbx_auth_seq_align_beg       1 
_struct_ref_seq.pdbx_auth_seq_align_end       123 
# 
loop_
_struct_ref_seq_dif.align_id 
_struct_ref_seq_dif.pdbx_pdb_id_code 
_struct_ref_seq_dif.mon_id 
_struct_ref_seq_dif.pdbx_pdb_strand_id 
_struct_ref_seq_dif.seq_num 
_struct_ref_seq_dif.pdbx_pdb_ins_code 
_struct_ref_seq_dif.pdbx_seq_db_name 
_struct_ref_seq_dif.pdbx_seq_db_accession_code 
_struct_ref_seq_dif.db_mon_id 
_struct_ref_seq_dif.pdbx_seq_db_seq_num 
_struct_ref_seq_dif.details 
_struct_ref_seq_dif.pdbx_auth_seq_num 
_struct_ref_seq_dif.pdbx_ordinal 
1 7XPW LEU A 124 ? UNP A0A2P1CXZ6 ? ? 'expression tag' 124 1 
1 7XPW GLU A 125 ? UNP A0A2P1CXZ6 ? ? 'expression tag' 125 2 
1 7XPW HIS A 126 ? UNP A0A2P1CXZ6 ? ? 'expression tag' 126 3 
1 7XPW HIS A 127 ? UNP A0A2P1CXZ6 ? ? 'expression tag' 127 4 
# 
_pdbx_struct_assembly.id                   1 
_pdbx_struct_assembly.details              author_defined_assembly 
_pdbx_struct_assembly.method_details       ? 
_pdbx_struct_assembly.oligomeric_details   monomeric 
_pdbx_struct_assembly.oligomeric_count     1 
# 
_pdbx_struct_assembly_gen.assembly_id       1 
_pdbx_struct_assembly_gen.oper_expression   1 
_pdbx_struct_assembly_gen.asym_id_list      A,B 
# 
_pdbx_struct_assembly_auth_evidence.id                     1 
_pdbx_struct_assembly_auth_evidence.assembly_id            1 
_pdbx_struct_assembly_auth_evidence.experimental_support   'gel filtration' 
_pdbx_struct_assembly_auth_evidence.details                ? 
# 
_pdbx_struct_oper_list.id                   1 
_pdbx_struct_oper_list.type                 'identity operation' 
_pdbx_struct_oper_list.name                 1_555 
_pdbx_struct_oper_list.symmetry_operation   x,y,z 
_pdbx_struct_oper_list.matrix[1][1]         1.0000000000 
_pdbx_struct_oper_list.matrix[1][2]         0.0000000000 
_pdbx_struct_oper_list.matrix[1][3]         0.0000000000 
_pdbx_struct_oper_list.vector[1]            0.0000000000 
_pdbx_struct_oper_list.matrix[2][1]         0.0000000000 
_pdbx_struct_oper_list.matrix[2][2]         1.0000000000 
_pdbx_struct_oper_list.matrix[2][3]         0.0000000000 
_pdbx_struct_oper_list.vector[2]            0.0000000000 
_pdbx_struct_oper_list.matrix[3][1]         0.0000000000 
_pdbx_struct_oper_list.matrix[3][2]         0.0000000000 
_pdbx_struct_oper_list.matrix[3][3]         1.0000000000 
_pdbx_struct_oper_list.vector[3]            0.0000000000 
# 
loop_
_struct_conf.conf_type_id 
_struct_conf.id 
_struct_conf.pdbx_PDB_helix_id 
_struct_conf.beg_label_comp_id 
_struct_conf.beg_label_asym_id 
_struct_conf.beg_label_seq_id 
_struct_conf.pdbx_beg_PDB_ins_code 
_struct_conf.end_label_comp_id 
_struct_conf.end_label_asym_id 
_struct_conf.end_label_seq_id 
_struct_conf.pdbx_end_PDB_ins_code 
_struct_conf.beg_auth_comp_id 
_struct_conf.beg_auth_asym_id 
_struct_conf.beg_auth_seq_id 
_struct_conf.end_auth_comp_id 
_struct_conf.end_auth_asym_id 
_struct_conf.end_auth_seq_id 
_struct_conf.pdbx_PDB_helix_class 
_struct_conf.details 
_struct_conf.pdbx_PDB_helix_length 
HELX_P HELX_P1 AA1 GLY A 9   ? ASN A 20  ? GLY A 9   ASN A 20  1 ? 12 
HELX_P HELX_P2 AA2 CYS A 41  ? LEU A 55  ? CYS A 41  LEU A 55  1 ? 15 
HELX_P HELX_P3 AA3 LYS A 56  ? ALA A 58  ? LYS A 56  ALA A 58  5 ? 3  
HELX_P HELX_P4 AA4 GLU A 71  ? ASP A 77  ? GLU A 71  ASP A 77  1 ? 7  
HELX_P HELX_P5 AA5 ASN A 80  ? ASP A 85  ? ASN A 80  ASP A 85  1 ? 6  
HELX_P HELX_P6 AA6 GLU A 108 ? ALA A 111 ? GLU A 108 ALA A 111 5 ? 4  
HELX_P HELX_P7 AA7 ASP A 112 ? GLN A 121 ? ASP A 112 GLN A 121 1 ? 10 
# 
_struct_conf_type.id          HELX_P 
_struct_conf_type.criteria    ? 
_struct_conf_type.reference   ? 
# 
loop_
_struct_conn.id 
_struct_conn.conn_type_id 
_struct_conn.pdbx_leaving_atom_flag 
_struct_conn.pdbx_PDB_id 
_struct_conn.ptnr1_label_asym_id 
_struct_conn.ptnr1_label_comp_id 
_struct_conn.ptnr1_label_seq_id 
_struct_conn.ptnr1_label_atom_id 
_struct_conn.pdbx_ptnr1_label_alt_id 
_struct_conn.pdbx_ptnr1_PDB_ins_code 
_struct_conn.pdbx_ptnr1_standard_comp_id 
_struct_conn.ptnr1_symmetry 
_struct_conn.ptnr2_label_asym_id 
_struct_conn.ptnr2_label_comp_id 
_struct_conn.ptnr2_label_seq_id 
_struct_conn.ptnr2_label_atom_id 
_struct_conn.pdbx_ptnr2_label_alt_id 
_struct_conn.pdbx_ptnr2_PDB_ins_code 
_struct_conn.ptnr1_auth_asym_id 
_struct_conn.ptnr1_auth_comp_id 
_struct_conn.ptnr1_auth_seq_id 
_struct_conn.ptnr2_auth_asym_id 
_struct_conn.ptnr2_auth_comp_id 
_struct_conn.ptnr2_auth_seq_id 
_struct_conn.ptnr2_symmetry 
_struct_conn.pdbx_ptnr3_label_atom_id 
_struct_conn.pdbx_ptnr3_label_seq_id 
_struct_conn.pdbx_ptnr3_label_comp_id 
_struct_conn.pdbx_ptnr3_label_asym_id 
_struct_conn.pdbx_ptnr3_label_alt_id 
_struct_conn.pdbx_ptnr3_PDB_ins_code 
_struct_conn.details 
_struct_conn.pdbx_dist_value 
_struct_conn.pdbx_value_order 
_struct_conn.pdbx_role 
disulf1 disulf ? ? A CYS 30 SG A ? ? 1_555 A CYS 44 SG ? ? A CYS 30 A CYS 44 1_555 ? ? ? ? ? ? ? 2.947 ? ? 
disulf2 disulf ? ? A CYS 41 SG ? ? ? 1_555 A CYS 44 SG ? ? A CYS 41 A CYS 44 1_555 ? ? ? ? ? ? ? 2.625 ? ? 
# 
_struct_conn_type.id          disulf 
_struct_conn_type.criteria    ? 
_struct_conn_type.reference   ? 
# 
loop_
_pdbx_modification_feature.ordinal 
_pdbx_modification_feature.label_comp_id 
_pdbx_modification_feature.label_asym_id 
_pdbx_modification_feature.label_seq_id 
_pdbx_modification_feature.label_alt_id 
_pdbx_modification_feature.modified_residue_label_comp_id 
_pdbx_modification_feature.modified_residue_label_asym_id 
_pdbx_modification_feature.modified_residue_label_seq_id 
_pdbx_modification_feature.modified_residue_label_alt_id 
_pdbx_modification_feature.auth_comp_id 
_pdbx_modification_feature.auth_asym_id 
_pdbx_modification_feature.auth_seq_id 
_pdbx_modification_feature.PDB_ins_code 
_pdbx_modification_feature.symmetry 
_pdbx_modification_feature.modified_residue_auth_comp_id 
_pdbx_modification_feature.modified_residue_auth_asym_id 
_pdbx_modification_feature.modified_residue_auth_seq_id 
_pdbx_modification_feature.modified_residue_PDB_ins_code 
_pdbx_modification_feature.modified_residue_symmetry 
_pdbx_modification_feature.comp_id_linking_atom 
_pdbx_modification_feature.modified_residue_id_linking_atom 
_pdbx_modification_feature.modified_residue_id 
_pdbx_modification_feature.ref_pcm_id 
_pdbx_modification_feature.ref_comp_id 
_pdbx_modification_feature.type 
_pdbx_modification_feature.category 
1 CYS A 30 A CYS A 44 ? CYS A 30 ? 1_555 CYS A 44 ? 1_555 SG SG . . . None 'Disulfide bridge' 
2 CYS A 41 ? CYS A 44 ? CYS A 41 ? 1_555 CYS A 44 ? 1_555 SG SG . . . None 'Disulfide bridge' 
# 
_struct_mon_prot_cis.pdbx_id                1 
_struct_mon_prot_cis.label_comp_id          VAL 
_struct_mon_prot_cis.label_seq_id           93 
_struct_mon_prot_cis.label_asym_id          A 
_struct_mon_prot_cis.label_alt_id           . 
_struct_mon_prot_cis.pdbx_PDB_ins_code      ? 
_struct_mon_prot_cis.auth_comp_id           VAL 
_struct_mon_prot_cis.auth_seq_id            93 
_struct_mon_prot_cis.auth_asym_id           A 
_struct_mon_prot_cis.pdbx_label_comp_id_2   PRO 
_struct_mon_prot_cis.pdbx_label_seq_id_2    94 
_struct_mon_prot_cis.pdbx_label_asym_id_2   A 
_struct_mon_prot_cis.pdbx_PDB_ins_code_2    ? 
_struct_mon_prot_cis.pdbx_auth_comp_id_2    PRO 
_struct_mon_prot_cis.pdbx_auth_seq_id_2     94 
_struct_mon_prot_cis.pdbx_auth_asym_id_2    A 
_struct_mon_prot_cis.pdbx_PDB_model_num     1 
_struct_mon_prot_cis.pdbx_omega_angle       -5.19 
# 
_struct_sheet.id               AA1 
_struct_sheet.type             ? 
_struct_sheet.number_strands   5 
_struct_sheet.details          ? 
# 
loop_
_struct_sheet_order.sheet_id 
_struct_sheet_order.range_id_1 
_struct_sheet_order.range_id_2 
_struct_sheet_order.offset 
_struct_sheet_order.sense 
AA1 1 2 ? parallel      
AA1 2 3 ? parallel      
AA1 3 4 ? anti-parallel 
AA1 4 5 ? anti-parallel 
# 
loop_
_struct_sheet_range.sheet_id 
_struct_sheet_range.id 
_struct_sheet_range.beg_label_comp_id 
_struct_sheet_range.beg_label_asym_id 
_struct_sheet_range.beg_label_seq_id 
_struct_sheet_range.pdbx_beg_PDB_ins_code 
_struct_sheet_range.end_label_comp_id 
_struct_sheet_range.end_label_asym_id 
_struct_sheet_range.end_label_seq_id 
_struct_sheet_range.pdbx_end_PDB_ins_code 
_struct_sheet_range.beg_auth_comp_id 
_struct_sheet_range.beg_auth_asym_id 
_struct_sheet_range.beg_auth_seq_id 
_struct_sheet_range.end_auth_comp_id 
_struct_sheet_range.end_auth_asym_id 
_struct_sheet_range.end_auth_seq_id 
AA1 1 LYS A 3   ? GLU A 8   ? LYS A 3   GLU A 8   
AA1 2 SER A 62  ? SER A 68  ? SER A 62  SER A 68  
AA1 3 ASN A 24  ? CYS A 30  ? ASN A 24  CYS A 30  
AA1 4 THR A 95  ? LEU A 97  ? THR A 95  LEU A 97  
AA1 5 ARG A 104 ? GLU A 106 ? ARG A 104 GLU A 106 
# 
loop_
_pdbx_struct_sheet_hbond.sheet_id 
_pdbx_struct_sheet_hbond.range_id_1 
_pdbx_struct_sheet_hbond.range_id_2 
_pdbx_struct_sheet_hbond.range_1_label_atom_id 
_pdbx_struct_sheet_hbond.range_1_label_comp_id 
_pdbx_struct_sheet_hbond.range_1_label_asym_id 
_pdbx_struct_sheet_hbond.range_1_label_seq_id 
_pdbx_struct_sheet_hbond.range_1_PDB_ins_code 
_pdbx_struct_sheet_hbond.range_1_auth_atom_id 
_pdbx_struct_sheet_hbond.range_1_auth_comp_id 
_pdbx_struct_sheet_hbond.range_1_auth_asym_id 
_pdbx_struct_sheet_hbond.range_1_auth_seq_id 
_pdbx_struct_sheet_hbond.range_2_label_atom_id 
_pdbx_struct_sheet_hbond.range_2_label_comp_id 
_pdbx_struct_sheet_hbond.range_2_label_asym_id 
_pdbx_struct_sheet_hbond.range_2_label_seq_id 
_pdbx_struct_sheet_hbond.range_2_PDB_ins_code 
_pdbx_struct_sheet_hbond.range_2_auth_atom_id 
_pdbx_struct_sheet_hbond.range_2_auth_comp_id 
_pdbx_struct_sheet_hbond.range_2_auth_asym_id 
_pdbx_struct_sheet_hbond.range_2_auth_seq_id 
AA1 1 2 N LYS A 3  ? N LYS A 3  O PHE A 64  ? O PHE A 64  
AA1 2 3 O CYS A 67 ? O CYS A 67 N LEU A 28  ? N LEU A 28  
AA1 3 4 N ALA A 27 ? N ALA A 27 O LEU A 97  ? O LEU A 97  
AA1 4 5 N LEU A 96 ? N LEU A 96 O LEU A 105 ? O LEU A 105 
# 
_pdbx_entry_details.entry_id                   7XPW 
_pdbx_entry_details.compound_details           ? 
_pdbx_entry_details.source_details             ? 
_pdbx_entry_details.nonpolymer_details         ? 
_pdbx_entry_details.sequence_details           ? 
_pdbx_entry_details.has_ligand_of_interest     ? 
_pdbx_entry_details.has_protein_modification   Y 
# 
loop_
_pdbx_validate_torsion.id 
_pdbx_validate_torsion.PDB_model_num 
_pdbx_validate_torsion.auth_comp_id 
_pdbx_validate_torsion.auth_asym_id 
_pdbx_validate_torsion.auth_seq_id 
_pdbx_validate_torsion.PDB_ins_code 
_pdbx_validate_torsion.label_alt_id 
_pdbx_validate_torsion.phi 
_pdbx_validate_torsion.psi 
1 1 LYS A 89  ? ? 38.21 51.32   
2 1 GLU A 107 ? ? 61.38 -126.11 
# 
loop_
_chem_comp_atom.comp_id 
_chem_comp_atom.atom_id 
_chem_comp_atom.type_symbol 
_chem_comp_atom.pdbx_aromatic_flag 
_chem_comp_atom.pdbx_stereo_config 
_chem_comp_atom.pdbx_ordinal 
ALA N    N N N 1   
ALA CA   C N S 2   
ALA C    C N N 3   
ALA O    O N N 4   
ALA CB   C N N 5   
ALA OXT  O N N 6   
ALA H    H N N 7   
ALA H2   H N N 8   
ALA HA   H N N 9   
ALA HB1  H N N 10  
ALA HB2  H N N 11  
ALA HB3  H N N 12  
ALA HXT  H N N 13  
ARG N    N N N 14  
ARG CA   C N S 15  
ARG C    C N N 16  
ARG O    O N N 17  
ARG CB   C N N 18  
ARG CG   C N N 19  
ARG CD   C N N 20  
ARG NE   N N N 21  
ARG CZ   C N N 22  
ARG NH1  N N N 23  
ARG NH2  N N N 24  
ARG OXT  O N N 25  
ARG H    H N N 26  
ARG H2   H N N 27  
ARG HA   H N N 28  
ARG HB2  H N N 29  
ARG HB3  H N N 30  
ARG HG2  H N N 31  
ARG HG3  H N N 32  
ARG HD2  H N N 33  
ARG HD3  H N N 34  
ARG HE   H N N 35  
ARG HH11 H N N 36  
ARG HH12 H N N 37  
ARG HH21 H N N 38  
ARG HH22 H N N 39  
ARG HXT  H N N 40  
ASN N    N N N 41  
ASN CA   C N S 42  
ASN C    C N N 43  
ASN O    O N N 44  
ASN CB   C N N 45  
ASN CG   C N N 46  
ASN OD1  O N N 47  
ASN ND2  N N N 48  
ASN OXT  O N N 49  
ASN H    H N N 50  
ASN H2   H N N 51  
ASN HA   H N N 52  
ASN HB2  H N N 53  
ASN HB3  H N N 54  
ASN HD21 H N N 55  
ASN HD22 H N N 56  
ASN HXT  H N N 57  
ASP N    N N N 58  
ASP CA   C N S 59  
ASP C    C N N 60  
ASP O    O N N 61  
ASP CB   C N N 62  
ASP CG   C N N 63  
ASP OD1  O N N 64  
ASP OD2  O N N 65  
ASP OXT  O N N 66  
ASP H    H N N 67  
ASP H2   H N N 68  
ASP HA   H N N 69  
ASP HB2  H N N 70  
ASP HB3  H N N 71  
ASP HD2  H N N 72  
ASP HXT  H N N 73  
CYS N    N N N 74  
CYS CA   C N R 75  
CYS C    C N N 76  
CYS O    O N N 77  
CYS CB   C N N 78  
CYS SG   S N N 79  
CYS OXT  O N N 80  
CYS H    H N N 81  
CYS H2   H N N 82  
CYS HA   H N N 83  
CYS HB2  H N N 84  
CYS HB3  H N N 85  
CYS HG   H N N 86  
CYS HXT  H N N 87  
GLN N    N N N 88  
GLN CA   C N S 89  
GLN C    C N N 90  
GLN O    O N N 91  
GLN CB   C N N 92  
GLN CG   C N N 93  
GLN CD   C N N 94  
GLN OE1  O N N 95  
GLN NE2  N N N 96  
GLN OXT  O N N 97  
GLN H    H N N 98  
GLN H2   H N N 99  
GLN HA   H N N 100 
GLN HB2  H N N 101 
GLN HB3  H N N 102 
GLN HG2  H N N 103 
GLN HG3  H N N 104 
GLN HE21 H N N 105 
GLN HE22 H N N 106 
GLN HXT  H N N 107 
GLU N    N N N 108 
GLU CA   C N S 109 
GLU C    C N N 110 
GLU O    O N N 111 
GLU CB   C N N 112 
GLU CG   C N N 113 
GLU CD   C N N 114 
GLU OE1  O N N 115 
GLU OE2  O N N 116 
GLU OXT  O N N 117 
GLU H    H N N 118 
GLU H2   H N N 119 
GLU HA   H N N 120 
GLU HB2  H N N 121 
GLU HB3  H N N 122 
GLU HG2  H N N 123 
GLU HG3  H N N 124 
GLU HE2  H N N 125 
GLU HXT  H N N 126 
GLY N    N N N 127 
GLY CA   C N N 128 
GLY C    C N N 129 
GLY O    O N N 130 
GLY OXT  O N N 131 
GLY H    H N N 132 
GLY H2   H N N 133 
GLY HA2  H N N 134 
GLY HA3  H N N 135 
GLY HXT  H N N 136 
HIS N    N N N 137 
HIS CA   C N S 138 
HIS C    C N N 139 
HIS O    O N N 140 
HIS CB   C N N 141 
HIS CG   C Y N 142 
HIS ND1  N Y N 143 
HIS CD2  C Y N 144 
HIS CE1  C Y N 145 
HIS NE2  N Y N 146 
HIS OXT  O N N 147 
HIS H    H N N 148 
HIS H2   H N N 149 
HIS HA   H N N 150 
HIS HB2  H N N 151 
HIS HB3  H N N 152 
HIS HD1  H N N 153 
HIS HD2  H N N 154 
HIS HE1  H N N 155 
HIS HE2  H N N 156 
HIS HXT  H N N 157 
HOH O    O N N 158 
HOH H1   H N N 159 
HOH H2   H N N 160 
ILE N    N N N 161 
ILE CA   C N S 162 
ILE C    C N N 163 
ILE O    O N N 164 
ILE CB   C N S 165 
ILE CG1  C N N 166 
ILE CG2  C N N 167 
ILE CD1  C N N 168 
ILE OXT  O N N 169 
ILE H    H N N 170 
ILE H2   H N N 171 
ILE HA   H N N 172 
ILE HB   H N N 173 
ILE HG12 H N N 174 
ILE HG13 H N N 175 
ILE HG21 H N N 176 
ILE HG22 H N N 177 
ILE HG23 H N N 178 
ILE HD11 H N N 179 
ILE HD12 H N N 180 
ILE HD13 H N N 181 
ILE HXT  H N N 182 
LEU N    N N N 183 
LEU CA   C N S 184 
LEU C    C N N 185 
LEU O    O N N 186 
LEU CB   C N N 187 
LEU CG   C N N 188 
LEU CD1  C N N 189 
LEU CD2  C N N 190 
LEU OXT  O N N 191 
LEU H    H N N 192 
LEU H2   H N N 193 
LEU HA   H N N 194 
LEU HB2  H N N 195 
LEU HB3  H N N 196 
LEU HG   H N N 197 
LEU HD11 H N N 198 
LEU HD12 H N N 199 
LEU HD13 H N N 200 
LEU HD21 H N N 201 
LEU HD22 H N N 202 
LEU HD23 H N N 203 
LEU HXT  H N N 204 
LYS N    N N N 205 
LYS CA   C N S 206 
LYS C    C N N 207 
LYS O    O N N 208 
LYS CB   C N N 209 
LYS CG   C N N 210 
LYS CD   C N N 211 
LYS CE   C N N 212 
LYS NZ   N N N 213 
LYS OXT  O N N 214 
LYS H    H N N 215 
LYS H2   H N N 216 
LYS HA   H N N 217 
LYS HB2  H N N 218 
LYS HB3  H N N 219 
LYS HG2  H N N 220 
LYS HG3  H N N 221 
LYS HD2  H N N 222 
LYS HD3  H N N 223 
LYS HE2  H N N 224 
LYS HE3  H N N 225 
LYS HZ1  H N N 226 
LYS HZ2  H N N 227 
LYS HZ3  H N N 228 
LYS HXT  H N N 229 
MET N    N N N 230 
MET CA   C N S 231 
MET C    C N N 232 
MET O    O N N 233 
MET CB   C N N 234 
MET CG   C N N 235 
MET SD   S N N 236 
MET CE   C N N 237 
MET OXT  O N N 238 
MET H    H N N 239 
MET H2   H N N 240 
MET HA   H N N 241 
MET HB2  H N N 242 
MET HB3  H N N 243 
MET HG2  H N N 244 
MET HG3  H N N 245 
MET HE1  H N N 246 
MET HE2  H N N 247 
MET HE3  H N N 248 
MET HXT  H N N 249 
PHE N    N N N 250 
PHE CA   C N S 251 
PHE C    C N N 252 
PHE O    O N N 253 
PHE CB   C N N 254 
PHE CG   C Y N 255 
PHE CD1  C Y N 256 
PHE CD2  C Y N 257 
PHE CE1  C Y N 258 
PHE CE2  C Y N 259 
PHE CZ   C Y N 260 
PHE OXT  O N N 261 
PHE H    H N N 262 
PHE H2   H N N 263 
PHE HA   H N N 264 
PHE HB2  H N N 265 
PHE HB3  H N N 266 
PHE HD1  H N N 267 
PHE HD2  H N N 268 
PHE HE1  H N N 269 
PHE HE2  H N N 270 
PHE HZ   H N N 271 
PHE HXT  H N N 272 
PRO N    N N N 273 
PRO CA   C N S 274 
PRO C    C N N 275 
PRO O    O N N 276 
PRO CB   C N N 277 
PRO CG   C N N 278 
PRO CD   C N N 279 
PRO OXT  O N N 280 
PRO H    H N N 281 
PRO HA   H N N 282 
PRO HB2  H N N 283 
PRO HB3  H N N 284 
PRO HG2  H N N 285 
PRO HG3  H N N 286 
PRO HD2  H N N 287 
PRO HD3  H N N 288 
PRO HXT  H N N 289 
SER N    N N N 290 
SER CA   C N S 291 
SER C    C N N 292 
SER O    O N N 293 
SER CB   C N N 294 
SER OG   O N N 295 
SER OXT  O N N 296 
SER H    H N N 297 
SER H2   H N N 298 
SER HA   H N N 299 
SER HB2  H N N 300 
SER HB3  H N N 301 
SER HG   H N N 302 
SER HXT  H N N 303 
THR N    N N N 304 
THR CA   C N S 305 
THR C    C N N 306 
THR O    O N N 307 
THR CB   C N R 308 
THR OG1  O N N 309 
THR CG2  C N N 310 
THR OXT  O N N 311 
THR H    H N N 312 
THR H2   H N N 313 
THR HA   H N N 314 
THR HB   H N N 315 
THR HG1  H N N 316 
THR HG21 H N N 317 
THR HG22 H N N 318 
THR HG23 H N N 319 
THR HXT  H N N 320 
TRP N    N N N 321 
TRP CA   C N S 322 
TRP C    C N N 323 
TRP O    O N N 324 
TRP CB   C N N 325 
TRP CG   C Y N 326 
TRP CD1  C Y N 327 
TRP CD2  C Y N 328 
TRP NE1  N Y N 329 
TRP CE2  C Y N 330 
TRP CE3  C Y N 331 
TRP CZ2  C Y N 332 
TRP CZ3  C Y N 333 
TRP CH2  C Y N 334 
TRP OXT  O N N 335 
TRP H    H N N 336 
TRP H2   H N N 337 
TRP HA   H N N 338 
TRP HB2  H N N 339 
TRP HB3  H N N 340 
TRP HD1  H N N 341 
TRP HE1  H N N 342 
TRP HE3  H N N 343 
TRP HZ2  H N N 344 
TRP HZ3  H N N 345 
TRP HH2  H N N 346 
TRP HXT  H N N 347 
TYR N    N N N 348 
TYR CA   C N S 349 
TYR C    C N N 350 
TYR O    O N N 351 
TYR CB   C N N 352 
TYR CG   C Y N 353 
TYR CD1  C Y N 354 
TYR CD2  C Y N 355 
TYR CE1  C Y N 356 
TYR CE2  C Y N 357 
TYR CZ   C Y N 358 
TYR OH   O N N 359 
TYR OXT  O N N 360 
TYR H    H N N 361 
TYR H2   H N N 362 
TYR HA   H N N 363 
TYR HB2  H N N 364 
TYR HB3  H N N 365 
TYR HD1  H N N 366 
TYR HD2  H N N 367 
TYR HE1  H N N 368 
TYR HE2  H N N 369 
TYR HH   H N N 370 
TYR HXT  H N N 371 
VAL N    N N N 372 
VAL CA   C N S 373 
VAL C    C N N 374 
VAL O    O N N 375 
VAL CB   C N N 376 
VAL CG1  C N N 377 
VAL CG2  C N N 378 
VAL OXT  O N N 379 
VAL H    H N N 380 
VAL H2   H N N 381 
VAL HA   H N N 382 
VAL HB   H N N 383 
VAL HG11 H N N 384 
VAL HG12 H N N 385 
VAL HG13 H N N 386 
VAL HG21 H N N 387 
VAL HG22 H N N 388 
VAL HG23 H N N 389 
VAL HXT  H N N 390 
# 
loop_
_chem_comp_bond.comp_id 
_chem_comp_bond.atom_id_1 
_chem_comp_bond.atom_id_2 
_chem_comp_bond.value_order 
_chem_comp_bond.pdbx_aromatic_flag 
_chem_comp_bond.pdbx_stereo_config 
_chem_comp_bond.pdbx_ordinal 
ALA N   CA   sing N N 1   
ALA N   H    sing N N 2   
ALA N   H2   sing N N 3   
ALA CA  C    sing N N 4   
ALA CA  CB   sing N N 5   
ALA CA  HA   sing N N 6   
ALA C   O    doub N N 7   
ALA C   OXT  sing N N 8   
ALA CB  HB1  sing N N 9   
ALA CB  HB2  sing N N 10  
ALA CB  HB3  sing N N 11  
ALA OXT HXT  sing N N 12  
ARG N   CA   sing N N 13  
ARG N   H    sing N N 14  
ARG N   H2   sing N N 15  
ARG CA  C    sing N N 16  
ARG CA  CB   sing N N 17  
ARG CA  HA   sing N N 18  
ARG C   O    doub N N 19  
ARG C   OXT  sing N N 20  
ARG CB  CG   sing N N 21  
ARG CB  HB2  sing N N 22  
ARG CB  HB3  sing N N 23  
ARG CG  CD   sing N N 24  
ARG CG  HG2  sing N N 25  
ARG CG  HG3  sing N N 26  
ARG CD  NE   sing N N 27  
ARG CD  HD2  sing N N 28  
ARG CD  HD3  sing N N 29  
ARG NE  CZ   sing N N 30  
ARG NE  HE   sing N N 31  
ARG CZ  NH1  sing N N 32  
ARG CZ  NH2  doub N N 33  
ARG NH1 HH11 sing N N 34  
ARG NH1 HH12 sing N N 35  
ARG NH2 HH21 sing N N 36  
ARG NH2 HH22 sing N N 37  
ARG OXT HXT  sing N N 38  
ASN N   CA   sing N N 39  
ASN N   H    sing N N 40  
ASN N   H2   sing N N 41  
ASN CA  C    sing N N 42  
ASN CA  CB   sing N N 43  
ASN CA  HA   sing N N 44  
ASN C   O    doub N N 45  
ASN C   OXT  sing N N 46  
ASN CB  CG   sing N N 47  
ASN CB  HB2  sing N N 48  
ASN CB  HB3  sing N N 49  
ASN CG  OD1  doub N N 50  
ASN CG  ND2  sing N N 51  
ASN ND2 HD21 sing N N 52  
ASN ND2 HD22 sing N N 53  
ASN OXT HXT  sing N N 54  
ASP N   CA   sing N N 55  
ASP N   H    sing N N 56  
ASP N   H2   sing N N 57  
ASP CA  C    sing N N 58  
ASP CA  CB   sing N N 59  
ASP CA  HA   sing N N 60  
ASP C   O    doub N N 61  
ASP C   OXT  sing N N 62  
ASP CB  CG   sing N N 63  
ASP CB  HB2  sing N N 64  
ASP CB  HB3  sing N N 65  
ASP CG  OD1  doub N N 66  
ASP CG  OD2  sing N N 67  
ASP OD2 HD2  sing N N 68  
ASP OXT HXT  sing N N 69  
CYS N   CA   sing N N 70  
CYS N   H    sing N N 71  
CYS N   H2   sing N N 72  
CYS CA  C    sing N N 73  
CYS CA  CB   sing N N 74  
CYS CA  HA   sing N N 75  
CYS C   O    doub N N 76  
CYS C   OXT  sing N N 77  
CYS CB  SG   sing N N 78  
CYS CB  HB2  sing N N 79  
CYS CB  HB3  sing N N 80  
CYS SG  HG   sing N N 81  
CYS OXT HXT  sing N N 82  
GLN N   CA   sing N N 83  
GLN N   H    sing N N 84  
GLN N   H2   sing N N 85  
GLN CA  C    sing N N 86  
GLN CA  CB   sing N N 87  
GLN CA  HA   sing N N 88  
GLN C   O    doub N N 89  
GLN C   OXT  sing N N 90  
GLN CB  CG   sing N N 91  
GLN CB  HB2  sing N N 92  
GLN CB  HB3  sing N N 93  
GLN CG  CD   sing N N 94  
GLN CG  HG2  sing N N 95  
GLN CG  HG3  sing N N 96  
GLN CD  OE1  doub N N 97  
GLN CD  NE2  sing N N 98  
GLN NE2 HE21 sing N N 99  
GLN NE2 HE22 sing N N 100 
GLN OXT HXT  sing N N 101 
GLU N   CA   sing N N 102 
GLU N   H    sing N N 103 
GLU N   H2   sing N N 104 
GLU CA  C    sing N N 105 
GLU CA  CB   sing N N 106 
GLU CA  HA   sing N N 107 
GLU C   O    doub N N 108 
GLU C   OXT  sing N N 109 
GLU CB  CG   sing N N 110 
GLU CB  HB2  sing N N 111 
GLU CB  HB3  sing N N 112 
GLU CG  CD   sing N N 113 
GLU CG  HG2  sing N N 114 
GLU CG  HG3  sing N N 115 
GLU CD  OE1  doub N N 116 
GLU CD  OE2  sing N N 117 
GLU OE2 HE2  sing N N 118 
GLU OXT HXT  sing N N 119 
GLY N   CA   sing N N 120 
GLY N   H    sing N N 121 
GLY N   H2   sing N N 122 
GLY CA  C    sing N N 123 
GLY CA  HA2  sing N N 124 
GLY CA  HA3  sing N N 125 
GLY C   O    doub N N 126 
GLY C   OXT  sing N N 127 
GLY OXT HXT  sing N N 128 
HIS N   CA   sing N N 129 
HIS N   H    sing N N 130 
HIS N   H2   sing N N 131 
HIS CA  C    sing N N 132 
HIS CA  CB   sing N N 133 
HIS CA  HA   sing N N 134 
HIS C   O    doub N N 135 
HIS C   OXT  sing N N 136 
HIS CB  CG   sing N N 137 
HIS CB  HB2  sing N N 138 
HIS CB  HB3  sing N N 139 
HIS CG  ND1  sing Y N 140 
HIS CG  CD2  doub Y N 141 
HIS ND1 CE1  doub Y N 142 
HIS ND1 HD1  sing N N 143 
HIS CD2 NE2  sing Y N 144 
HIS CD2 HD2  sing N N 145 
HIS CE1 NE2  sing Y N 146 
HIS CE1 HE1  sing N N 147 
HIS NE2 HE2  sing N N 148 
HIS OXT HXT  sing N N 149 
HOH O   H1   sing N N 150 
HOH O   H2   sing N N 151 
ILE N   CA   sing N N 152 
ILE N   H    sing N N 153 
ILE N   H2   sing N N 154 
ILE CA  C    sing N N 155 
ILE CA  CB   sing N N 156 
ILE CA  HA   sing N N 157 
ILE C   O    doub N N 158 
ILE C   OXT  sing N N 159 
ILE CB  CG1  sing N N 160 
ILE CB  CG2  sing N N 161 
ILE CB  HB   sing N N 162 
ILE CG1 CD1  sing N N 163 
ILE CG1 HG12 sing N N 164 
ILE CG1 HG13 sing N N 165 
ILE CG2 HG21 sing N N 166 
ILE CG2 HG22 sing N N 167 
ILE CG2 HG23 sing N N 168 
ILE CD1 HD11 sing N N 169 
ILE CD1 HD12 sing N N 170 
ILE CD1 HD13 sing N N 171 
ILE OXT HXT  sing N N 172 
LEU N   CA   sing N N 173 
LEU N   H    sing N N 174 
LEU N   H2   sing N N 175 
LEU CA  C    sing N N 176 
LEU CA  CB   sing N N 177 
LEU CA  HA   sing N N 178 
LEU C   O    doub N N 179 
LEU C   OXT  sing N N 180 
LEU CB  CG   sing N N 181 
LEU CB  HB2  sing N N 182 
LEU CB  HB3  sing N N 183 
LEU CG  CD1  sing N N 184 
LEU CG  CD2  sing N N 185 
LEU CG  HG   sing N N 186 
LEU CD1 HD11 sing N N 187 
LEU CD1 HD12 sing N N 188 
LEU CD1 HD13 sing N N 189 
LEU CD2 HD21 sing N N 190 
LEU CD2 HD22 sing N N 191 
LEU CD2 HD23 sing N N 192 
LEU OXT HXT  sing N N 193 
LYS N   CA   sing N N 194 
LYS N   H    sing N N 195 
LYS N   H2   sing N N 196 
LYS CA  C    sing N N 197 
LYS CA  CB   sing N N 198 
LYS CA  HA   sing N N 199 
LYS C   O    doub N N 200 
LYS C   OXT  sing N N 201 
LYS CB  CG   sing N N 202 
LYS CB  HB2  sing N N 203 
LYS CB  HB3  sing N N 204 
LYS CG  CD   sing N N 205 
LYS CG  HG2  sing N N 206 
LYS CG  HG3  sing N N 207 
LYS CD  CE   sing N N 208 
LYS CD  HD2  sing N N 209 
LYS CD  HD3  sing N N 210 
LYS CE  NZ   sing N N 211 
LYS CE  HE2  sing N N 212 
LYS CE  HE3  sing N N 213 
LYS NZ  HZ1  sing N N 214 
LYS NZ  HZ2  sing N N 215 
LYS NZ  HZ3  sing N N 216 
LYS OXT HXT  sing N N 217 
MET N   CA   sing N N 218 
MET N   H    sing N N 219 
MET N   H2   sing N N 220 
MET CA  C    sing N N 221 
MET CA  CB   sing N N 222 
MET CA  HA   sing N N 223 
MET C   O    doub N N 224 
MET C   OXT  sing N N 225 
MET CB  CG   sing N N 226 
MET CB  HB2  sing N N 227 
MET CB  HB3  sing N N 228 
MET CG  SD   sing N N 229 
MET CG  HG2  sing N N 230 
MET CG  HG3  sing N N 231 
MET SD  CE   sing N N 232 
MET CE  HE1  sing N N 233 
MET CE  HE2  sing N N 234 
MET CE  HE3  sing N N 235 
MET OXT HXT  sing N N 236 
PHE N   CA   sing N N 237 
PHE N   H    sing N N 238 
PHE N   H2   sing N N 239 
PHE CA  C    sing N N 240 
PHE CA  CB   sing N N 241 
PHE CA  HA   sing N N 242 
PHE C   O    doub N N 243 
PHE C   OXT  sing N N 244 
PHE CB  CG   sing N N 245 
PHE CB  HB2  sing N N 246 
PHE CB  HB3  sing N N 247 
PHE CG  CD1  doub Y N 248 
PHE CG  CD2  sing Y N 249 
PHE CD1 CE1  sing Y N 250 
PHE CD1 HD1  sing N N 251 
PHE CD2 CE2  doub Y N 252 
PHE CD2 HD2  sing N N 253 
PHE CE1 CZ   doub Y N 254 
PHE CE1 HE1  sing N N 255 
PHE CE2 CZ   sing Y N 256 
PHE CE2 HE2  sing N N 257 
PHE CZ  HZ   sing N N 258 
PHE OXT HXT  sing N N 259 
PRO N   CA   sing N N 260 
PRO N   CD   sing N N 261 
PRO N   H    sing N N 262 
PRO CA  C    sing N N 263 
PRO CA  CB   sing N N 264 
PRO CA  HA   sing N N 265 
PRO C   O    doub N N 266 
PRO C   OXT  sing N N 267 
PRO CB  CG   sing N N 268 
PRO CB  HB2  sing N N 269 
PRO CB  HB3  sing N N 270 
PRO CG  CD   sing N N 271 
PRO CG  HG2  sing N N 272 
PRO CG  HG3  sing N N 273 
PRO CD  HD2  sing N N 274 
PRO CD  HD3  sing N N 275 
PRO OXT HXT  sing N N 276 
SER N   CA   sing N N 277 
SER N   H    sing N N 278 
SER N   H2   sing N N 279 
SER CA  C    sing N N 280 
SER CA  CB   sing N N 281 
SER CA  HA   sing N N 282 
SER C   O    doub N N 283 
SER C   OXT  sing N N 284 
SER CB  OG   sing N N 285 
SER CB  HB2  sing N N 286 
SER CB  HB3  sing N N 287 
SER OG  HG   sing N N 288 
SER OXT HXT  sing N N 289 
THR N   CA   sing N N 290 
THR N   H    sing N N 291 
THR N   H2   sing N N 292 
THR CA  C    sing N N 293 
THR CA  CB   sing N N 294 
THR CA  HA   sing N N 295 
THR C   O    doub N N 296 
THR C   OXT  sing N N 297 
THR CB  OG1  sing N N 298 
THR CB  CG2  sing N N 299 
THR CB  HB   sing N N 300 
THR OG1 HG1  sing N N 301 
THR CG2 HG21 sing N N 302 
THR CG2 HG22 sing N N 303 
THR CG2 HG23 sing N N 304 
THR OXT HXT  sing N N 305 
TRP N   CA   sing N N 306 
TRP N   H    sing N N 307 
TRP N   H2   sing N N 308 
TRP CA  C    sing N N 309 
TRP CA  CB   sing N N 310 
TRP CA  HA   sing N N 311 
TRP C   O    doub N N 312 
TRP C   OXT  sing N N 313 
TRP CB  CG   sing N N 314 
TRP CB  HB2  sing N N 315 
TRP CB  HB3  sing N N 316 
TRP CG  CD1  doub Y N 317 
TRP CG  CD2  sing Y N 318 
TRP CD1 NE1  sing Y N 319 
TRP CD1 HD1  sing N N 320 
TRP CD2 CE2  doub Y N 321 
TRP CD2 CE3  sing Y N 322 
TRP NE1 CE2  sing Y N 323 
TRP NE1 HE1  sing N N 324 
TRP CE2 CZ2  sing Y N 325 
TRP CE3 CZ3  doub Y N 326 
TRP CE3 HE3  sing N N 327 
TRP CZ2 CH2  doub Y N 328 
TRP CZ2 HZ2  sing N N 329 
TRP CZ3 CH2  sing Y N 330 
TRP CZ3 HZ3  sing N N 331 
TRP CH2 HH2  sing N N 332 
TRP OXT HXT  sing N N 333 
TYR N   CA   sing N N 334 
TYR N   H    sing N N 335 
TYR N   H2   sing N N 336 
TYR CA  C    sing N N 337 
TYR CA  CB   sing N N 338 
TYR CA  HA   sing N N 339 
TYR C   O    doub N N 340 
TYR C   OXT  sing N N 341 
TYR CB  CG   sing N N 342 
TYR CB  HB2  sing N N 343 
TYR CB  HB3  sing N N 344 
TYR CG  CD1  doub Y N 345 
TYR CG  CD2  sing Y N 346 
TYR CD1 CE1  sing Y N 347 
TYR CD1 HD1  sing N N 348 
TYR CD2 CE2  doub Y N 349 
TYR CD2 HD2  sing N N 350 
TYR CE1 CZ   doub Y N 351 
TYR CE1 HE1  sing N N 352 
TYR CE2 CZ   sing Y N 353 
TYR CE2 HE2  sing N N 354 
TYR CZ  OH   sing N N 355 
TYR OH  HH   sing N N 356 
TYR OXT HXT  sing N N 357 
VAL N   CA   sing N N 358 
VAL N   H    sing N N 359 
VAL N   H2   sing N N 360 
VAL CA  C    sing N N 361 
VAL CA  CB   sing N N 362 
VAL CA  HA   sing N N 363 
VAL C   O    doub N N 364 
VAL C   OXT  sing N N 365 
VAL CB  CG1  sing N N 366 
VAL CB  CG2  sing N N 367 
VAL CB  HB   sing N N 368 
VAL CG1 HG11 sing N N 369 
VAL CG1 HG12 sing N N 370 
VAL CG1 HG13 sing N N 371 
VAL CG2 HG21 sing N N 372 
VAL CG2 HG22 sing N N 373 
VAL CG2 HG23 sing N N 374 
VAL OXT HXT  sing N N 375 
# 
_pdbx_audit_support.funding_organization   'National Natural Science Foundation of China (NSFC)' 
_pdbx_audit_support.country                China 
_pdbx_audit_support.grant_number           ? 
_pdbx_audit_support.ordinal                1 
# 
_pdbx_initial_refinement_model.id               1 
_pdbx_initial_refinement_model.entity_id_list   ? 
_pdbx_initial_refinement_model.type             'experimental model' 
_pdbx_initial_refinement_model.source_name      PDB 
_pdbx_initial_refinement_model.accession_code   1WOU 
_pdbx_initial_refinement_model.details          ? 
# 
_atom_sites.entry_id                    7XPW 
_atom_sites.Cartn_transf_matrix[1][1]   ? 
_atom_sites.Cartn_transf_matrix[1][2]   ? 
_atom_sites.Cartn_transf_matrix[1][3]   ? 
_atom_sites.Cartn_transf_matrix[2][1]   ? 
_atom_sites.Cartn_transf_matrix[2][2]   ? 
_atom_sites.Cartn_transf_matrix[2][3]   ? 
_atom_sites.Cartn_transf_matrix[3][1]   ? 
_atom_sites.Cartn_transf_matrix[3][2]   ? 
_atom_sites.Cartn_transf_matrix[3][3]   ? 
_atom_sites.Cartn_transf_vector[1]      ? 
_atom_sites.Cartn_transf_vector[2]      ? 
_atom_sites.Cartn_transf_vector[3]      ? 
_atom_sites.fract_transf_matrix[1][1]   -0.01554104 
_atom_sites.fract_transf_matrix[1][2]   0.00058705 
_atom_sites.fract_transf_matrix[1][3]   0.02768946 
_atom_sites.fract_transf_matrix[2][1]   0.00952082 
_atom_sites.fract_transf_matrix[2][2]   0.01951473 
_atom_sites.fract_transf_matrix[2][3]   0.00492993 
_atom_sites.fract_transf_matrix[3][1]   -0.02570171 
_atom_sites.fract_transf_matrix[3][2]   0.01272547 
_atom_sites.fract_transf_matrix[3][3]   -0.00073688 
_atom_sites.fract_transf_vector[1]      -0.335915 
_atom_sites.fract_transf_vector[2]      -0.125929 
_atom_sites.fract_transf_vector[3]      -0.326914 
_atom_sites.solution_primary            ? 
_atom_sites.solution_secondary          ? 
_atom_sites.solution_hydrogens          ? 
_atom_sites.special_details             ? 
# 
loop_
_atom_type.symbol 
C 
N 
O 
S 
# 
loop_
_atom_site.group_PDB 
_atom_site.id 
_atom_site.type_symbol 
_atom_site.label_atom_id 
_atom_site.label_alt_id 
_atom_site.label_comp_id 
_atom_site.label_asym_id 
_atom_site.label_entity_id 
_atom_site.label_seq_id 
_atom_site.pdbx_PDB_ins_code 
_atom_site.Cartn_x 
_atom_site.Cartn_y 
_atom_site.Cartn_z 
_atom_site.occupancy 
_atom_site.B_iso_or_equiv 
_atom_site.pdbx_formal_charge 
_atom_site.auth_seq_id 
_atom_site.auth_comp_id 
_atom_site.auth_asym_id 
_atom_site.auth_atom_id 
_atom_site.pdbx_PDB_model_num 
ATOM   1    N N   . MET A 1 1   ? -2.225  16.835  -7.984  1.00 49.04 ? 1   MET A N   1 
ATOM   2    C CA  . MET A 1 1   ? -1.219  15.781  -7.652  1.00 46.31 ? 1   MET A CA  1 
ATOM   3    C C   . MET A 1 1   ? -1.494  15.195  -6.262  1.00 41.18 ? 1   MET A C   1 
ATOM   4    O O   . MET A 1 1   ? -2.029  15.920  -5.385  1.00 41.75 ? 1   MET A O   1 
ATOM   5    C CB  . MET A 1 1   ? 0.204   16.346  -7.644  1.00 44.14 ? 1   MET A CB  1 
ATOM   6    C CG  . MET A 1 1   ? 0.797   16.517  -9.010  1.00 44.69 ? 1   MET A CG  1 
ATOM   7    S SD  . MET A 1 1   ? 2.438   17.253  -8.903  1.00 41.15 ? 1   MET A SD  1 
ATOM   8    C CE  . MET A 1 1   ? 2.734   17.556  -10.649 1.00 44.87 ? 1   MET A CE  1 
ATOM   9    N N   . VAL A 1 2   ? -1.041  13.963  -6.048  1.00 30.03 ? 2   VAL A N   1 
ATOM   10   C CA  . VAL A 1 2   ? -1.185  13.260  -4.743  1.00 28.88 ? 2   VAL A CA  1 
ATOM   11   C C   . VAL A 1 2   ? -0.038  13.686  -3.816  1.00 22.82 ? 2   VAL A C   1 
ATOM   12   O O   . VAL A 1 2   ? 1.088   13.817  -4.285  1.00 23.17 ? 2   VAL A O   1 
ATOM   13   C CB  . VAL A 1 2   ? -1.228  11.735  -4.945  1.00 30.30 ? 2   VAL A CB  1 
ATOM   14   C CG1 . VAL A 1 2   ? -1.666  11.035  -3.681  1.00 30.94 ? 2   VAL A CG1 1 
ATOM   15   C CG2 . VAL A 1 2   ? -2.146  11.346  -6.083  1.00 33.23 ? 2   VAL A CG2 1 
ATOM   16   N N   . LYS A 1 3   ? -0.340  13.871  -2.543  1.00 20.90 ? 3   LYS A N   1 
ATOM   17   C CA  . LYS A 1 3   ? 0.635   13.968  -1.442  1.00 21.02 ? 3   LYS A CA  1 
ATOM   18   C C   . LYS A 1 3   ? 1.250   12.582  -1.244  1.00 20.20 ? 3   LYS A C   1 
ATOM   19   O O   . LYS A 1 3   ? 0.492   11.631  -0.935  1.00 20.25 ? 3   LYS A O   1 
ATOM   20   C CB  . LYS A 1 3   ? -0.047  14.443  -0.168  1.00 21.24 ? 3   LYS A CB  1 
ATOM   21   C CG  . LYS A 1 3   ? 0.896   14.725  0.984   1.00 22.50 ? 3   LYS A CG  1 
ATOM   22   C CD  . LYS A 1 3   ? 0.177   15.114  2.244   1.00 23.65 ? 3   LYS A CD  1 
ATOM   23   C CE  . LYS A 1 3   ? 1.123   15.641  3.299   1.00 24.78 ? 3   LYS A CE  1 
ATOM   24   N NZ  . LYS A 1 3   ? 0.403   16.173  4.476   1.00 27.90 ? 3   LYS A NZ  1 
ATOM   25   N N   . GLU A 1 4   ? 2.554   12.448  -1.436  1.00 18.30 ? 4   GLU A N   1 
ATOM   26   C CA  . GLU A 1 4   ? 3.218   11.118  -1.358  1.00 17.30 ? 4   GLU A CA  1 
ATOM   27   C C   . GLU A 1 4   ? 4.046   11.052  -0.067  1.00 16.36 ? 4   GLU A C   1 
ATOM   28   O O   . GLU A 1 4   ? 4.815   11.984  0.255   1.00 15.43 ? 4   GLU A O   1 
ATOM   29   C CB  . GLU A 1 4   ? 4.032   10.839  -2.630  1.00 21.08 ? 4   GLU A CB  1 
ATOM   30   C CG  . GLU A 1 4   ? 3.214   10.983  -3.920  1.00 24.54 ? 4   GLU A CG  1 
ATOM   31   C CD  . GLU A 1 4   ? 3.966   10.816  -5.240  1.00 31.77 ? 4   GLU A CD  1 
ATOM   32   O OE1 . GLU A 1 4   ? 4.808   9.907   -5.321  1.00 27.71 ? 4   GLU A OE1 1 
ATOM   33   O OE2 . GLU A 1 4   ? 3.682   11.588  -6.212  1.00 36.17 ? 4   GLU A OE2 1 
ATOM   34   N N   . ILE A 1 5   ? 3.871   9.980   0.695   1.00 14.03 ? 5   ILE A N   1 
ATOM   35   C CA  . ILE A 1 5   ? 4.616   9.773   1.964   1.00 12.34 ? 5   ILE A CA  1 
ATOM   36   C C   . ILE A 1 5   ? 5.227   8.382   1.912   1.00 12.83 ? 5   ILE A C   1 
ATOM   37   O O   . ILE A 1 5   ? 4.559   7.475   1.390   1.00 14.80 ? 5   ILE A O   1 
ATOM   38   C CB  . ILE A 1 5   ? 3.651   9.953   3.149   1.00 12.07 ? 5   ILE A CB  1 
ATOM   39   C CG1 . ILE A 1 5   ? 3.081   11.374  3.209   1.00 12.47 ? 5   ILE A CG1 1 
ATOM   40   C CG2 . ILE A 1 5   ? 4.278   9.488   4.457   1.00 13.97 ? 5   ILE A CG2 1 
ATOM   41   C CD1 . ILE A 1 5   ? 1.928   11.484  4.186   1.00 12.57 ? 5   ILE A CD1 1 
ATOM   42   N N   . HIS A 1 6   ? 6.469   8.241   2.382   1.00 10.97 ? 6   HIS A N   1 
ATOM   43   C CA  . HIS A 1 6   ? 7.169   6.946   2.467   1.00 11.06 ? 6   HIS A CA  1 
ATOM   44   C C   . HIS A 1 6   ? 7.583   6.727   3.909   1.00 10.86 ? 6   HIS A C   1 
ATOM   45   O O   . HIS A 1 6   ? 8.299   7.574   4.455   1.00 11.34 ? 6   HIS A O   1 
ATOM   46   C CB  . HIS A 1 6   ? 8.346   6.857   1.520   1.00 11.38 ? 6   HIS A CB  1 
ATOM   47   C CG  . HIS A 1 6   ? 7.942   7.007   0.110   1.00 12.53 ? 6   HIS A CG  1 
ATOM   48   N ND1 . HIS A 1 6   ? 8.047   5.968   -0.793  1.00 15.10 ? 6   HIS A ND1 1 
ATOM   49   C CD2 . HIS A 1 6   ? 7.453   8.056   -0.577  1.00 14.82 ? 6   HIS A CD2 1 
ATOM   50   C CE1 . HIS A 1 6   ? 7.600   6.374   -1.955  1.00 14.54 ? 6   HIS A CE1 1 
ATOM   51   N NE2 . HIS A 1 6   ? 7.228   7.606   -1.858  1.00 14.52 ? 6   HIS A NE2 1 
ATOM   52   N N   . VAL A 1 7   ? 7.148   5.622   4.481   1.00 10.38 ? 7   VAL A N   1 
ATOM   53   C CA  . VAL A 1 7   ? 7.422   5.332   5.900   1.00 10.98 ? 7   VAL A CA  1 
ATOM   54   C C   . VAL A 1 7   ? 7.901   3.901   6.058   1.00 12.04 ? 7   VAL A C   1 
ATOM   55   O O   . VAL A 1 7   ? 7.699   3.087   5.157   1.00 9.78  ? 7   VAL A O   1 
ATOM   56   C CB  . VAL A 1 7   ? 6.205   5.605   6.797   1.00 12.62 ? 7   VAL A CB  1 
ATOM   57   C CG1 . VAL A 1 7   ? 5.844   7.069   6.845   1.00 14.31 ? 7   VAL A CG1 1 
ATOM   58   C CG2 . VAL A 1 7   ? 4.985   4.729   6.453   1.00 13.17 ? 7   VAL A CG2 1 
ATOM   59   N N   . GLU A 1 8   ? 8.572   3.657   7.186   1.00 11.86 ? 8   GLU A N   1 
ATOM   60   C CA  . GLU A 1 8   ? 9.041   2.312   7.585   1.00 13.07 ? 8   GLU A CA  1 
ATOM   61   C C   . GLU A 1 8   ? 8.285   1.885   8.837   1.00 12.35 ? 8   GLU A C   1 
ATOM   62   O O   . GLU A 1 8   ? 8.467   2.507   9.865   1.00 12.40 ? 8   GLU A O   1 
ATOM   63   C CB  . GLU A 1 8   ? 10.537  2.376   7.863   1.00 14.96 ? 8   GLU A CB  1 
ATOM   64   C CG  . GLU A 1 8   ? 11.120  1.041   8.265   1.00 18.58 ? 8   GLU A CG  1 
ATOM   65   C CD  . GLU A 1 8   ? 11.300  0.082   7.104   1.00 20.71 ? 8   GLU A CD  1 
ATOM   66   O OE1 . GLU A 1 8   ? 11.821  0.513   6.041   1.00 25.14 ? 8   GLU A OE1 1 
ATOM   67   O OE2 . GLU A 1 8   ? 11.009  -1.099  7.288   1.00 26.37 ? 8   GLU A OE2 1 
ATOM   68   N N   . GLY A 1 9   ? 7.484   0.825   8.736   1.00 11.88 ? 9   GLY A N   1 
ATOM   69   C CA  . GLY A 1 9   ? 6.844   0.161   9.870   1.00 12.57 ? 9   GLY A CA  1 
ATOM   70   C C   . GLY A 1 9   ? 5.461   0.685   10.183  1.00 12.77 ? 9   GLY A C   1 
ATOM   71   O O   . GLY A 1 9   ? 5.048   1.746   9.690   1.00 12.55 ? 9   GLY A O   1 
ATOM   72   N N   . PHE A 1 10  ? 4.777   -0.045  11.049  1.00 14.46 ? 10  PHE A N   1 
ATOM   73   C CA  . PHE A 1 10  ? 3.354   0.180   11.369  1.00 14.23 ? 10  PHE A CA  1 
ATOM   74   C C   . PHE A 1 10  ? 3.150   1.489   12.153  1.00 14.20 ? 10  PHE A C   1 
ATOM   75   O O   . PHE A 1 10  ? 2.201   2.196   11.868  1.00 13.54 ? 10  PHE A O   1 
ATOM   76   C CB  . PHE A 1 10  ? 2.827   -1.027  12.124  1.00 14.34 ? 10  PHE A CB  1 
ATOM   77   C CG  . PHE A 1 10  ? 1.393   -0.855  12.524  1.00 14.64 ? 10  PHE A CG  1 
ATOM   78   C CD1 . PHE A 1 10  ? 0.390   -0.985  11.583  1.00 15.75 ? 10  PHE A CD1 1 
ATOM   79   C CD2 . PHE A 1 10  ? 1.061   -0.524  13.824  1.00 16.73 ? 10  PHE A CD2 1 
ATOM   80   C CE1 . PHE A 1 10  ? -0.925  -0.801  11.943  1.00 18.78 ? 10  PHE A CE1 1 
ATOM   81   C CE2 . PHE A 1 10  ? -0.265  -0.401  14.189  1.00 17.91 ? 10  PHE A CE2 1 
ATOM   82   C CZ  . PHE A 1 10  ? -1.252  -0.502  13.243  1.00 18.52 ? 10  PHE A CZ  1 
ATOM   83   N N   . GLU A 1 11  ? 4.036   1.808   13.093  1.00 14.61 ? 11  GLU A N   1 
ATOM   84   C CA  . GLU A 1 11  ? 3.876   3.043   13.901  1.00 14.73 ? 11  GLU A CA  1 
ATOM   85   C C   . GLU A 1 11  ? 3.992   4.266   12.974  1.00 13.83 ? 11  GLU A C   1 
ATOM   86   O O   . GLU A 1 11  ? 3.109   5.162   13.046  1.00 12.33 ? 11  GLU A O   1 
ATOM   87   C CB  . GLU A 1 11  ? 4.916   3.048   15.012  1.00 15.70 ? 11  GLU A CB  1 
ATOM   88   C CG  . GLU A 1 11  ? 4.679   1.991   16.055  1.00 19.88 ? 11  GLU A CG  1 
ATOM   89   C CD  . GLU A 1 11  ? 3.352   1.986   16.787  1.00 24.02 ? 11  GLU A CD  1 
ATOM   90   O OE1 . GLU A 1 11  ? 2.623   3.020   16.814  1.00 23.82 ? 11  GLU A OE1 1 
ATOM   91   O OE2 . GLU A 1 11  ? 3.055   0.925   17.340  1.00 30.07 ? 11  GLU A OE2 1 
ATOM   92   N N   . ALA A 1 12  ? 4.994   4.300   12.086  1.00 12.99 ? 12  ALA A N   1 
ATOM   93   C CA  . ALA A 1 12  ? 5.181   5.432   11.157  1.00 13.03 ? 12  ALA A CA  1 
ATOM   94   C C   . ALA A 1 12  ? 3.980   5.518   10.197  1.00 12.81 ? 12  ALA A C   1 
ATOM   95   O O   . ALA A 1 12  ? 3.536   6.619   9.875   1.00 10.81 ? 12  ALA A O   1 
ATOM   96   C CB  . ALA A 1 12  ? 6.467   5.319   10.404  1.00 12.43 ? 12  ALA A CB  1 
ATOM   97   N N   . TYR A 1 13  ? 3.493   4.376   9.705   1.00 11.48 ? 13  TYR A N   1 
ATOM   98   C CA  . TYR A 1 13  ? 2.271   4.322   8.869   1.00 12.23 ? 13  TYR A CA  1 
ATOM   99   C C   . TYR A 1 13  ? 1.079   4.932   9.636   1.00 12.54 ? 13  TYR A C   1 
ATOM   100  O O   . TYR A 1 13  ? 0.363   5.822   9.129   1.00 12.08 ? 13  TYR A O   1 
ATOM   101  C CB  . TYR A 1 13  ? 1.948   2.881   8.462   1.00 12.29 ? 13  TYR A CB  1 
ATOM   102  C CG  . TYR A 1 13  ? 0.550   2.832   7.934   1.00 12.60 ? 13  TYR A CG  1 
ATOM   103  C CD1 . TYR A 1 13  ? 0.271   3.297   6.657   1.00 14.18 ? 13  TYR A CD1 1 
ATOM   104  C CD2 . TYR A 1 13  ? -0.492  2.424   8.729   1.00 13.27 ? 13  TYR A CD2 1 
ATOM   105  C CE1 . TYR A 1 13  ? -1.025  3.345   6.180   1.00 15.97 ? 13  TYR A CE1 1 
ATOM   106  C CE2 . TYR A 1 13  ? -1.798  2.481   8.274   1.00 13.91 ? 13  TYR A CE2 1 
ATOM   107  C CZ  . TYR A 1 13  ? -2.060  2.935   6.998   1.00 16.28 ? 13  TYR A CZ  1 
ATOM   108  O OH  . TYR A 1 13  ? -3.354  3.009   6.571   1.00 18.70 ? 13  TYR A OH  1 
ATOM   109  N N   . SER A 1 14  ? 0.889   4.487   10.867  1.00 15.03 ? 14  SER A N   1 
ATOM   110  C CA  . SER A 1 14  ? -0.212  4.946   11.752  1.00 15.16 ? 14  SER A CA  1 
ATOM   111  C C   . SER A 1 14  ? -0.166  6.472   11.923  1.00 17.25 ? 14  SER A C   1 
ATOM   112  O O   . SER A 1 14  ? -1.213  7.090   11.847  1.00 16.74 ? 14  SER A O   1 
ATOM   113  C CB  . SER A 1 14  ? -0.171  4.263   13.079  1.00 16.86 ? 14  SER A CB  1 
ATOM   114  O OG  . SER A 1 14  ? -0.419  2.874   12.934  1.00 16.88 ? 14  SER A OG  1 
ATOM   115  N N   . LYS A 1 15  ? 1.016   7.044   12.134  1.00 17.33 ? 15  LYS A N   1 
ATOM   116  C CA  . LYS A 1 15  ? 1.178   8.511   12.333  1.00 16.52 ? 15  LYS A CA  1 
ATOM   117  C C   . LYS A 1 15  ? 0.809   9.254   11.054  1.00 16.15 ? 15  LYS A C   1 
ATOM   118  O O   . LYS A 1 15  ? 0.096   10.287  11.126  1.00 16.42 ? 15  LYS A O   1 
ATOM   119  C CB  . LYS A 1 15  ? 2.611   8.808   12.760  1.00 17.83 ? 15  LYS A CB  1 
ATOM   120  C CG  . LYS A 1 15  ? 2.932   10.288  12.885  1.00 17.74 ? 15  LYS A CG  1 
ATOM   121  C CD  . LYS A 1 15  ? 4.339   10.582  13.342  1.00 19.41 ? 15  LYS A CD  1 
ATOM   122  C CE  . LYS A 1 15  ? 4.600   12.076  13.356  1.00 18.95 ? 15  LYS A CE  1 
ATOM   123  N NZ  . LYS A 1 15  ? 5.946   12.375  13.874  1.00 20.65 ? 15  LYS A NZ  1 
ATOM   124  N N   . ALA A 1 16  ? 1.258   8.755   9.895   1.00 15.14 ? 16  ALA A N   1 
ATOM   125  C CA  . ALA A 1 16  ? 0.982   9.408   8.606   1.00 15.15 ? 16  ALA A CA  1 
ATOM   126  C C   . ALA A 1 16  ? -0.534  9.382   8.360   1.00 14.06 ? 16  ALA A C   1 
ATOM   127  O O   . ALA A 1 16  ? -1.059  10.399  7.873   1.00 14.71 ? 16  ALA A O   1 
ATOM   128  C CB  . ALA A 1 16  ? 1.740   8.725   7.501   1.00 14.35 ? 16  ALA A CB  1 
ATOM   129  N N   . ALA A 1 17  ? -1.185  8.245   8.588   1.00 15.69 ? 17  ALA A N   1 
ATOM   130  C CA  . ALA A 1 17  ? -2.631  8.099   8.326   1.00 16.74 ? 17  ALA A CA  1 
ATOM   131  C C   . ALA A 1 17  ? -3.417  9.050   9.244   1.00 21.11 ? 17  ALA A C   1 
ATOM   132  O O   . ALA A 1 17  ? -4.313  9.736   8.729   1.00 22.72 ? 17  ALA A O   1 
ATOM   133  C CB  . ALA A 1 17  ? -3.079  6.682   8.508   1.00 18.16 ? 17  ALA A CB  1 
ATOM   134  N N   . GLU A 1 18  ? -3.088  9.092   10.530  1.00 22.49 ? 18  GLU A N   1 
ATOM   135  C CA  . GLU A 1 18  ? -3.783  9.976   11.511  1.00 25.65 ? 18  GLU A CA  1 
ATOM   136  C C   . GLU A 1 18  ? -3.499  11.445  11.151  1.00 24.56 ? 18  GLU A C   1 
ATOM   137  O O   . GLU A 1 18  ? -4.451  12.236  11.171  1.00 26.37 ? 18  GLU A O   1 
ATOM   138  C CB  . GLU A 1 18  ? -3.510  9.577   12.974  1.00 31.75 ? 18  GLU A CB  1 
ATOM   139  C CG  . GLU A 1 18  ? -2.065  9.674   13.468  1.00 38.17 ? 18  GLU A CG  1 
ATOM   140  C CD  . GLU A 1 18  ? -1.721  9.125   14.868  1.00 43.57 ? 18  GLU A CD  1 
ATOM   141  O OE1 . GLU A 1 18  ? -2.474  8.261   15.409  1.00 45.97 ? 18  GLU A OE1 1 
ATOM   142  O OE2 . GLU A 1 18  ? -0.644  9.528   15.421  1.00 40.78 ? 18  GLU A OE2 1 
ATOM   143  N N   . GLU A 1 19  ? -2.276  11.814  10.754  1.00 21.38 ? 19  GLU A N   1 
ATOM   144  C CA  . GLU A 1 19  ? -1.940  13.221  10.406  1.00 21.79 ? 19  GLU A CA  1 
ATOM   145  C C   . GLU A 1 19  ? -2.632  13.653  9.107   1.00 21.17 ? 19  GLU A C   1 
ATOM   146  O O   . GLU A 1 19  ? -2.723  14.871  8.859   1.00 22.02 ? 19  GLU A O   1 
ATOM   147  C CB  . GLU A 1 19  ? -0.442  13.410  10.197  1.00 24.25 ? 19  GLU A CB  1 
ATOM   148  C CG  . GLU A 1 19  ? 0.405   13.361  11.446  1.00 27.34 ? 19  GLU A CG  1 
ATOM   149  C CD  . GLU A 1 19  ? 1.889   13.406  11.103  1.00 29.25 ? 19  GLU A CD  1 
ATOM   150  O OE1 . GLU A 1 19  ? 2.270   12.966  9.976   1.00 32.00 ? 19  GLU A OE1 1 
ATOM   151  O OE2 . GLU A 1 19  ? 2.662   13.872  11.943  1.00 36.16 ? 19  GLU A OE2 1 
ATOM   152  N N   . ASN A 1 20  ? -3.123  12.708  8.301   1.00 20.52 ? 20  ASN A N   1 
ATOM   153  C CA  . ASN A 1 20  ? -3.797  13.013  7.019   1.00 21.43 ? 20  ASN A CA  1 
ATOM   154  C C   . ASN A 1 20  ? -5.273  12.600  7.123   1.00 21.55 ? 20  ASN A C   1 
ATOM   155  O O   . ASN A 1 20  ? -5.911  12.397  6.088   1.00 23.15 ? 20  ASN A O   1 
ATOM   156  C CB  . ASN A 1 20  ? -3.012  12.393  5.862   1.00 20.43 ? 20  ASN A CB  1 
ATOM   157  C CG  . ASN A 1 20  ? -1.724  13.139  5.585   1.00 19.36 ? 20  ASN A CG  1 
ATOM   158  O OD1 . ASN A 1 20  ? -1.731  14.188  4.937   1.00 20.25 ? 20  ASN A OD1 1 
ATOM   159  N ND2 . ASN A 1 20  ? -0.622  12.673  6.158   1.00 17.46 ? 20  ASN A ND2 1 
ATOM   160  N N   . ASN A 1 21  ? -5.794  12.528  8.349   1.00 26.22 ? 21  ASN A N   1 
ATOM   161  C CA  . ASN A 1 21  ? -7.151  12.024  8.718   1.00 27.94 ? 21  ASN A CA  1 
ATOM   162  C C   . ASN A 1 21  ? -8.226  12.618  7.799   1.00 31.10 ? 21  ASN A C   1 
ATOM   163  O O   . ASN A 1 21  ? -9.156  11.884  7.438   1.00 31.46 ? 21  ASN A O   1 
ATOM   164  C CB  . ASN A 1 21  ? -7.474  12.344  10.187  1.00 31.17 ? 21  ASN A CB  1 
ATOM   165  C CG  . ASN A 1 21  ? -8.638  11.556  10.748  1.00 35.27 ? 21  ASN A CG  1 
ATOM   166  O OD1 . ASN A 1 21  ? -8.793  10.367  10.469  1.00 40.88 ? 21  ASN A OD1 1 
ATOM   167  N ND2 . ASN A 1 21  ? -9.433  12.199  11.591  1.00 37.78 ? 21  ASN A ND2 1 
ATOM   168  N N   . GLY A 1 22  ? -8.091  13.846  7.362   1.00 28.69 ? 22  GLY A N   1 
ATOM   169  C CA  . GLY A 1 22  ? -9.181  14.347  6.513   1.00 35.67 ? 22  GLY A CA  1 
ATOM   170  C C   . GLY A 1 22  ? -9.268  13.721  5.134   1.00 36.69 ? 22  GLY A C   1 
ATOM   171  O O   . GLY A 1 22  ? -10.374 13.374  4.710   1.00 40.83 ? 22  GLY A O   1 
ATOM   172  N N   . LYS A 1 23  ? -8.108  13.447  4.560   1.00 30.03 ? 23  LYS A N   1 
ATOM   173  C CA  . LYS A 1 23  ? -7.890  13.141  3.134   1.00 28.58 ? 23  LYS A CA  1 
ATOM   174  C C   . LYS A 1 23  ? -8.344  11.762  2.655   1.00 23.44 ? 23  LYS A C   1 
ATOM   175  O O   . LYS A 1 23  ? -8.650  10.914  3.433   1.00 23.16 ? 23  LYS A O   1 
ATOM   176  C CB  . LYS A 1 23  ? -6.456  13.560  2.843   1.00 31.06 ? 23  LYS A CB  1 
ATOM   177  C CG  . LYS A 1 23  ? -6.088  14.858  3.554   1.00 33.82 ? 23  LYS A CG  1 
ATOM   178  C CD  . LYS A 1 23  ? -4.723  15.388  3.251   1.00 40.36 ? 23  LYS A CD  1 
ATOM   179  C CE  . LYS A 1 23  ? -4.490  15.757  1.806   1.00 42.49 ? 23  LYS A CE  1 
ATOM   180  N NZ  . LYS A 1 23  ? -3.335  16.678  1.633   1.00 44.91 ? 23  LYS A NZ  1 
ATOM   181  N N   . ASN A 1 24  ? -8.381  11.642  1.345   1.00 22.76 ? 24  ASN A N   1 
ATOM   182  C CA  A ASN A 1 24  ? -8.566  10.335  0.675   0.50 21.93 ? 24  ASN A CA  1 
ATOM   183  C CA  B ASN A 1 24  ? -8.570  10.327  0.681   0.50 21.66 ? 24  ASN A CA  1 
ATOM   184  C C   . ASN A 1 24  ? -7.222  9.610   0.737   1.00 20.64 ? 24  ASN A C   1 
ATOM   185  O O   . ASN A 1 24  ? -6.330  10.041  0.016   1.00 20.57 ? 24  ASN A O   1 
ATOM   186  C CB  A ASN A 1 24  ? -9.018  10.506  -0.771  0.50 22.98 ? 24  ASN A CB  1 
ATOM   187  C CB  B ASN A 1 24  ? -9.033  10.442  -0.771  0.50 22.42 ? 24  ASN A CB  1 
ATOM   188  C CG  A ASN A 1 24  ? -10.206 9.641   -1.107  0.50 24.08 ? 24  ASN A CG  1 
ATOM   189  C CG  B ASN A 1 24  ? -10.253 11.321  -0.939  0.50 22.81 ? 24  ASN A CG  1 
ATOM   190  O OD1 A ASN A 1 24  ? -11.152 9.543   -0.323  0.50 26.05 ? 24  ASN A OD1 1 
ATOM   191  O OD1 B ASN A 1 24  ? -11.259 11.123  -0.268  0.50 26.89 ? 24  ASN A OD1 1 
ATOM   192  N ND2 A ASN A 1 24  ? -10.180 9.065   -2.292  0.50 24.37 ? 24  ASN A ND2 1 
ATOM   193  N ND2 B ASN A 1 24  ? -10.179 12.275  -1.847  0.50 22.96 ? 24  ASN A ND2 1 
ATOM   194  N N   . ILE A 1 25  ? -7.120  8.608   1.598   1.00 18.42 ? 25  ILE A N   1 
ATOM   195  C CA  . ILE A 1 25  ? -5.828  7.916   1.839   1.00 18.86 ? 25  ILE A CA  1 
ATOM   196  C C   . ILE A 1 25  ? -5.812  6.623   1.034   1.00 17.95 ? 25  ILE A C   1 
ATOM   197  O O   . ILE A 1 25  ? -6.724  5.790   1.205   1.00 19.68 ? 25  ILE A O   1 
ATOM   198  C CB  . ILE A 1 25  ? -5.605  7.664   3.329   1.00 19.88 ? 25  ILE A CB  1 
ATOM   199  C CG1 . ILE A 1 25  ? -5.470  8.976   4.103   1.00 20.97 ? 25  ILE A CG1 1 
ATOM   200  C CG2 . ILE A 1 25  ? -4.368  6.802   3.518   1.00 18.31 ? 25  ILE A CG2 1 
ATOM   201  C CD1 . ILE A 1 25  ? -5.784  8.851   5.531   1.00 21.20 ? 25  ILE A CD1 1 
ATOM   202  N N   . PHE A 1 26  ? -4.771  6.446   0.234   1.00 15.33 ? 26  PHE A N   1 
ATOM   203  C CA  . PHE A 1 26  ? -4.441  5.195   -0.469  1.00 12.99 ? 26  PHE A CA  1 
ATOM   204  C C   . PHE A 1 26  ? -3.126  4.722   0.133   1.00 13.01 ? 26  PHE A C   1 
ATOM   205  O O   . PHE A 1 26  ? -2.322  5.546   0.484   1.00 11.96 ? 26  PHE A O   1 
ATOM   206  C CB  . PHE A 1 26  ? -4.296  5.446   -1.963  1.00 14.38 ? 26  PHE A CB  1 
ATOM   207  C CG  . PHE A 1 26  ? -5.560  5.978   -2.589  1.00 15.76 ? 26  PHE A CG  1 
ATOM   208  C CD1 . PHE A 1 26  ? -5.847  7.318   -2.557  1.00 17.45 ? 26  PHE A CD1 1 
ATOM   209  C CD2 . PHE A 1 26  ? -6.486  5.110   -3.147  1.00 17.73 ? 26  PHE A CD2 1 
ATOM   210  C CE1 . PHE A 1 26  ? -7.002  7.805   -3.150  1.00 19.41 ? 26  PHE A CE1 1 
ATOM   211  C CE2 . PHE A 1 26  ? -7.650  5.596   -3.735  1.00 16.67 ? 26  PHE A CE2 1 
ATOM   212  C CZ  . PHE A 1 26  ? -7.890  6.945   -3.747  1.00 18.21 ? 26  PHE A CZ  1 
ATOM   213  N N   . ALA A 1 27  ? -2.946  3.432   0.297   1.00 11.32 ? 27  ALA A N   1 
ATOM   214  C CA  . ALA A 1 27  ? -1.700  2.935   0.882   1.00 10.91 ? 27  ALA A CA  1 
ATOM   215  C C   . ALA A 1 27  ? -1.193  1.773   0.061   1.00 10.50 ? 27  ALA A C   1 
ATOM   216  O O   . ALA A 1 27  ? -1.980  0.961   -0.422  1.00 9.73  ? 27  ALA A O   1 
ATOM   217  C CB  . ALA A 1 27  ? -1.911  2.567   2.309   1.00 11.48 ? 27  ALA A CB  1 
ATOM   218  N N   . LEU A 1 28  ? 0.118   1.696   -0.028  1.00 10.61 ? 28  LEU A N   1 
ATOM   219  C CA  . LEU A 1 28  ? 0.840   0.514   -0.519  1.00 10.72 ? 28  LEU A CA  1 
ATOM   220  C C   . LEU A 1 28  ? 1.658   -0.045  0.628   1.00 10.69 ? 28  LEU A C   1 
ATOM   221  O O   . LEU A 1 28  ? 2.409   0.728   1.238   1.00 12.17 ? 28  LEU A O   1 
ATOM   222  C CB  . LEU A 1 28  ? 1.761   0.905   -1.668  1.00 11.29 ? 28  LEU A CB  1 
ATOM   223  C CG  . LEU A 1 28  ? 2.654   -0.220  -2.193  1.00 12.20 ? 28  LEU A CG  1 
ATOM   224  C CD1 . LEU A 1 28  ? 1.832   -1.333  -2.859  1.00 11.10 ? 28  LEU A CD1 1 
ATOM   225  C CD2 . LEU A 1 28  ? 3.692   0.334   -3.132  1.00 13.14 ? 28  LEU A CD2 1 
ATOM   226  N N   . PHE A 1 29  ? 1.564   -1.349  0.831   1.00 9.22  ? 29  PHE A N   1 
ATOM   227  C CA  . PHE A 1 29  ? 2.344   -2.103  1.828   1.00 9.68  ? 29  PHE A CA  1 
ATOM   228  C C   . PHE A 1 29  ? 3.263   -3.035  1.086   1.00 9.62  ? 29  PHE A C   1 
ATOM   229  O O   . PHE A 1 29  ? 2.797   -3.892  0.305   1.00 9.22  ? 29  PHE A O   1 
ATOM   230  C CB  . PHE A 1 29  ? 1.431   -2.856  2.795   1.00 9.53  ? 29  PHE A CB  1 
ATOM   231  C CG  . PHE A 1 29  ? 0.547   -1.901  3.541   1.00 10.75 ? 29  PHE A CG  1 
ATOM   232  C CD1 . PHE A 1 29  ? 0.989   -1.287  4.691   1.00 9.80  ? 29  PHE A CD1 1 
ATOM   233  C CD2 . PHE A 1 29  ? -0.729  -1.631  3.078   1.00 11.12 ? 29  PHE A CD2 1 
ATOM   234  C CE1 . PHE A 1 29  ? 0.159   -0.416  5.374   1.00 11.01 ? 29  PHE A CE1 1 
ATOM   235  C CE2 . PHE A 1 29  ? -1.544  -0.748  3.747   1.00 11.31 ? 29  PHE A CE2 1 
ATOM   236  C CZ  . PHE A 1 29  ? -1.093  -0.132  4.890   1.00 10.47 ? 29  PHE A CZ  1 
ATOM   237  N N   . CYS A 1 30  ? 4.568   -2.864  1.311   1.00 10.77 ? 30  CYS A N   1 
ATOM   238  C CA  A CYS A 1 30  ? 5.610   -3.562  0.527   0.50 10.72 ? 30  CYS A CA  1 
ATOM   239  C CA  B CYS A 1 30  ? 5.603   -3.573  0.525   0.50 12.30 ? 30  CYS A CA  1 
ATOM   240  C C   . CYS A 1 30  ? 6.738   -3.982  1.470   1.00 11.79 ? 30  CYS A C   1 
ATOM   241  O O   . CYS A 1 30  ? 6.793   -3.445  2.580   1.00 10.93 ? 30  CYS A O   1 
ATOM   242  C CB  A CYS A 1 30  ? 6.166   -2.697  -0.594  0.50 11.08 ? 30  CYS A CB  1 
ATOM   243  C CB  B CYS A 1 30  ? 6.135   -2.724  -0.625  0.50 14.85 ? 30  CYS A CB  1 
ATOM   244  S SG  A CYS A 1 30  ? 5.231   -2.903  -2.127  0.50 10.22 ? 30  CYS A SG  1 
ATOM   245  S SG  B CYS A 1 30  ? 6.814   -1.136  -0.082  0.50 19.98 ? 30  CYS A SG  1 
ATOM   246  N N   . GLY A 1 31  ? 7.526   -4.955  1.049   1.00 12.32 ? 31  GLY A N   1 
ATOM   247  C CA  . GLY A 1 31  ? 8.716   -5.328  1.814   1.00 12.82 ? 31  GLY A CA  1 
ATOM   248  C C   . GLY A 1 31  ? 9.687   -4.183  1.833   1.00 13.77 ? 31  GLY A C   1 
ATOM   249  O O   . GLY A 1 31  ? 9.776   -3.444  0.825   1.00 14.94 ? 31  GLY A O   1 
ATOM   250  N N   . SER A 1 32  ? 10.439  -4.037  2.925   1.00 14.63 ? 32  SER A N   1 
ATOM   251  C CA  . SER A 1 32  ? 11.441  -2.965  3.076   1.00 14.82 ? 32  SER A CA  1 
ATOM   252  C C   . SER A 1 32  ? 12.532  -3.096  2.014   1.00 16.37 ? 32  SER A C   1 
ATOM   253  O O   . SER A 1 32  ? 12.817  -4.192  1.500   1.00 15.13 ? 32  SER A O   1 
ATOM   254  C CB  . SER A 1 32  ? 12.005  -2.895  4.476   1.00 14.42 ? 32  SER A CB  1 
ATOM   255  O OG  . SER A 1 32  ? 10.960  -2.760  5.421   1.00 15.93 ? 32  SER A OG  1 
ATOM   256  N N   . LYS A 1 33  ? 13.087  -1.942  1.670   1.00 18.74 ? 33  LYS A N   1 
ATOM   257  C CA  . LYS A 1 33  ? 14.122  -1.804  0.633   1.00 22.12 ? 33  LYS A CA  1 
ATOM   258  C C   . LYS A 1 33  ? 15.458  -2.152  1.268   1.00 22.90 ? 33  LYS A C   1 
ATOM   259  O O   . LYS A 1 33  ? 15.593  -1.990  2.486   1.00 19.63 ? 33  LYS A O   1 
ATOM   260  C CB  . LYS A 1 33  ? 14.039  -0.402  0.023   1.00 25.53 ? 33  LYS A CB  1 
ATOM   261  C CG  . LYS A 1 33  ? 12.904  -0.316  -0.991  1.00 28.90 ? 33  LYS A CG  1 
ATOM   262  C CD  . LYS A 1 33  ? 12.483  1.068   -1.463  1.00 32.65 ? 33  LYS A CD  1 
ATOM   263  C CE  . LYS A 1 33  ? 11.168  1.028   -2.226  1.00 33.03 ? 33  LYS A CE  1 
ATOM   264  N NZ  . LYS A 1 33  ? 10.983  2.212   -3.107  1.00 36.58 ? 33  LYS A NZ  1 
ATOM   265  N N   . ASP A 1 34  ? 16.353  -2.725  0.471   1.00 25.79 ? 34  ASP A N   1 
ATOM   266  C CA  . ASP A 1 34  ? 17.788  -2.890  0.838   1.00 28.08 ? 34  ASP A CA  1 
ATOM   267  C C   . ASP A 1 34  ? 18.526  -1.597  0.473   1.00 29.06 ? 34  ASP A C   1 
ATOM   268  O O   . ASP A 1 34  ? 17.847  -0.611  0.087   1.00 29.78 ? 34  ASP A O   1 
ATOM   269  C CB  . ASP A 1 34  ? 18.350  -4.136  0.157   1.00 27.61 ? 34  ASP A CB  1 
ATOM   270  C CG  . ASP A 1 34  ? 18.370  -4.062  -1.361  1.00 27.94 ? 34  ASP A CG  1 
ATOM   271  O OD1 . ASP A 1 34  ? 18.331  -2.920  -1.937  1.00 27.04 ? 34  ASP A OD1 1 
ATOM   272  O OD2 . ASP A 1 34  ? 18.407  -5.135  -1.961  1.00 27.44 ? 34  ASP A OD2 1 
ATOM   273  N N   . ALA A 1 35  ? 19.860  -1.580  0.577   1.00 35.89 ? 35  ALA A N   1 
ATOM   274  C CA  . ALA A 1 35  ? 20.711  -0.378  0.367   1.00 39.38 ? 35  ALA A CA  1 
ATOM   275  C C   . ALA A 1 35  ? 20.801  -0.018  -1.125  1.00 40.70 ? 35  ALA A C   1 
ATOM   276  O O   . ALA A 1 35  ? 21.321  1.074   -1.432  1.00 41.57 ? 35  ALA A O   1 
ATOM   277  C CB  . ALA A 1 35  ? 22.085  -0.583  0.955   1.00 42.37 ? 35  ALA A CB  1 
ATOM   278  N N   . ASN A 1 36  ? 20.304  -0.880  -2.018  1.00 37.55 ? 36  ASN A N   1 
ATOM   279  C CA  . ASN A 1 36  ? 20.243  -0.633  -3.484  1.00 37.70 ? 36  ASN A CA  1 
ATOM   280  C C   . ASN A 1 36  ? 18.842  -0.138  -3.869  1.00 39.29 ? 36  ASN A C   1 
ATOM   281  O O   . ASN A 1 36  ? 18.606  0.077   -5.089  1.00 38.96 ? 36  ASN A O   1 
ATOM   282  C CB  . ASN A 1 36  ? 20.636  -1.892  -4.255  1.00 43.54 ? 36  ASN A CB  1 
ATOM   283  C CG  . ASN A 1 36  ? 22.021  -2.387  -3.883  1.00 43.37 ? 36  ASN A CG  1 
ATOM   284  O OD1 . ASN A 1 36  ? 22.951  -1.601  -3.702  1.00 42.61 ? 36  ASN A OD1 1 
ATOM   285  N ND2 . ASN A 1 36  ? 22.156  -3.695  -3.739  1.00 44.79 ? 36  ASN A ND2 1 
ATOM   286  N N   . GLY A 1 37  ? 17.959  0.022   -2.872  1.00 32.69 ? 37  GLY A N   1 
ATOM   287  C CA  . GLY A 1 37  ? 16.622  0.626   -3.014  1.00 33.59 ? 37  GLY A CA  1 
ATOM   288  C C   . GLY A 1 37  ? 15.605  -0.368  -3.518  1.00 32.76 ? 37  GLY A C   1 
ATOM   289  O O   . GLY A 1 37  ? 14.507  0.064   -3.904  1.00 37.23 ? 37  GLY A O   1 
ATOM   290  N N   . GLU A 1 38  ? 15.928  -1.663  -3.483  1.00 29.00 ? 38  GLU A N   1 
ATOM   291  C CA  . GLU A 1 38  ? 15.044  -2.735  -4.008  1.00 31.45 ? 38  GLU A CA  1 
ATOM   292  C C   . GLU A 1 38  ? 14.402  -3.478  -2.824  1.00 26.92 ? 38  GLU A C   1 
ATOM   293  O O   . GLU A 1 38  ? 15.152  -3.942  -1.917  1.00 25.54 ? 38  GLU A O   1 
ATOM   294  C CB  . GLU A 1 38  ? 15.854  -3.675  -4.912  1.00 36.63 ? 38  GLU A CB  1 
ATOM   295  C CG  . GLU A 1 38  ? 15.155  -4.045  -6.210  1.00 43.19 ? 38  GLU A CG  1 
ATOM   296  C CD  . GLU A 1 38  ? 15.268  -3.050  -7.362  1.00 48.77 ? 38  GLU A CD  1 
ATOM   297  O OE1 . GLU A 1 38  ? 15.178  -1.831  -7.108  1.00 55.83 ? 38  GLU A OE1 1 
ATOM   298  O OE2 . GLU A 1 38  ? 15.419  -3.497  -8.526  1.00 46.76 ? 38  GLU A OE2 1 
ATOM   299  N N   . SER A 1 39  ? 13.064  -3.574  -2.820  1.00 21.84 ? 39  SER A N   1 
ATOM   300  C CA  . SER A 1 39  ? 12.299  -4.471  -1.919  1.00 20.96 ? 39  SER A CA  1 
ATOM   301  C C   . SER A 1 39  ? 12.883  -5.884  -1.971  1.00 20.83 ? 39  SER A C   1 
ATOM   302  O O   . SER A 1 39  ? 13.251  -6.343  -3.068  1.00 21.13 ? 39  SER A O   1 
ATOM   303  C CB  . SER A 1 39  ? 10.828  -4.468  -2.250  1.00 19.62 ? 39  SER A CB  1 
ATOM   304  O OG  . SER A 1 39  ? 10.085  -5.228  -1.309  1.00 21.72 ? 39  SER A OG  1 
ATOM   305  N N   . TRP A 1 40  ? 12.907  -6.591  -0.839  1.00 18.50 ? 40  TRP A N   1 
ATOM   306  C CA  . TRP A 1 40  ? 13.177  -8.051  -0.791  1.00 16.02 ? 40  TRP A CA  1 
ATOM   307  C C   . TRP A 1 40  ? 12.078  -8.813  -1.528  1.00 16.31 ? 40  TRP A C   1 
ATOM   308  O O   . TRP A 1 40  ? 12.246  -10.008 -1.755  1.00 17.77 ? 40  TRP A O   1 
ATOM   309  C CB  . TRP A 1 40  ? 13.295  -8.609  0.636   1.00 17.22 ? 40  TRP A CB  1 
ATOM   310  C CG  . TRP A 1 40  ? 12.133  -8.325  1.539   1.00 15.57 ? 40  TRP A CG  1 
ATOM   311  C CD1 . TRP A 1 40  ? 12.091  -7.367  2.499   1.00 14.61 ? 40  TRP A CD1 1 
ATOM   312  C CD2 . TRP A 1 40  ? 10.876  -9.026  1.629   1.00 15.89 ? 40  TRP A CD2 1 
ATOM   313  N NE1 . TRP A 1 40  ? 10.905  -7.420  3.168   1.00 16.76 ? 40  TRP A NE1 1 
ATOM   314  C CE2 . TRP A 1 40  ? 10.131  -8.408  2.655   1.00 15.38 ? 40  TRP A CE2 1 
ATOM   315  C CE3 . TRP A 1 40  ? 10.327  -10.122 0.972   1.00 16.69 ? 40  TRP A CE3 1 
ATOM   316  C CZ2 . TRP A 1 40  ? 8.852   -8.827  3.006   1.00 16.57 ? 40  TRP A CZ2 1 
ATOM   317  C CZ3 . TRP A 1 40  ? 9.068   -10.547 1.326   1.00 17.56 ? 40  TRP A CZ3 1 
ATOM   318  C CH2 . TRP A 1 40  ? 8.346   -9.902  2.327   1.00 16.56 ? 40  TRP A CH2 1 
ATOM   319  N N   . CYS A 1 41  ? 10.955  -8.153  -1.767  1.00 14.40 ? 41  CYS A N   1 
ATOM   320  C CA  . CYS A 1 41  ? 9.697   -8.757  -2.288  1.00 14.10 ? 41  CYS A CA  1 
ATOM   321  C C   . CYS A 1 41  ? 9.643   -8.527  -3.799  1.00 12.36 ? 41  CYS A C   1 
ATOM   322  O O   . CYS A 1 41  ? 9.456   -7.404  -4.280  1.00 11.46 ? 41  CYS A O   1 
ATOM   323  C CB  . CYS A 1 41  ? 8.539   -8.173  -1.489  1.00 15.12 ? 41  CYS A CB  1 
ATOM   324  S SG  . CYS A 1 41  ? 6.898   -8.203  -2.276  1.00 20.70 ? 41  CYS A SG  1 
ATOM   325  N N   . PRO A 1 42  ? 9.884   -9.573  -4.627  1.00 12.38 ? 42  PRO A N   1 
ATOM   326  C CA  . PRO A 1 42  ? 9.908   -9.389  -6.076  1.00 11.46 ? 42  PRO A CA  1 
ATOM   327  C C   . PRO A 1 42  ? 8.635   -8.760  -6.645  1.00 10.82 ? 42  PRO A C   1 
ATOM   328  O O   . PRO A 1 42  ? 8.724   -7.959  -7.544  1.00 10.64 ? 42  PRO A O   1 
ATOM   329  C CB  . PRO A 1 42  ? 9.987   -10.809 -6.637  1.00 12.95 ? 42  PRO A CB  1 
ATOM   330  C CG  . PRO A 1 42  ? 10.513  -11.645 -5.535  1.00 13.48 ? 42  PRO A CG  1 
ATOM   331  C CD  . PRO A 1 42  ? 10.230  -10.949 -4.226  1.00 13.52 ? 42  PRO A CD  1 
ATOM   332  N N   . ASP A 1 43  ? 7.494   -9.144  -6.076  1.00 10.76 ? 43  ASP A N   1 
ATOM   333  C CA  . ASP A 1 43  ? 6.183   -8.636  -6.558  1.00 10.84 ? 43  ASP A CA  1 
ATOM   334  C C   . ASP A 1 43  ? 6.111   -7.131  -6.289  1.00 11.62 ? 43  ASP A C   1 
ATOM   335  O O   . ASP A 1 43  ? 5.440   -6.452  -7.008  1.00 10.32 ? 43  ASP A O   1 
ATOM   336  C CB  . ASP A 1 43  ? 5.002   -9.386  -5.945  1.00 11.69 ? 43  ASP A CB  1 
ATOM   337  C CG  . ASP A 1 43  ? 4.918   -10.834 -6.394  1.00 13.11 ? 43  ASP A CG  1 
ATOM   338  O OD1 . ASP A 1 43  ? 5.530   -11.161 -7.349  1.00 12.22 ? 43  ASP A OD1 1 
ATOM   339  O OD2 . ASP A 1 43  ? 4.215   -11.572 -5.763  1.00 15.57 ? 43  ASP A OD2 1 
ATOM   340  N N   . CYS A 1 44  ? 6.755   -6.690  -5.217  1.00 12.00 ? 44  CYS A N   1 
ATOM   341  C CA  . CYS A 1 44  ? 6.775   -5.242  -4.923  1.00 12.91 ? 44  CYS A CA  1 
ATOM   342  C C   . CYS A 1 44  ? 7.676   -4.541  -5.942  1.00 13.18 ? 44  CYS A C   1 
ATOM   343  O O   . CYS A 1 44  ? 7.341   -3.496  -6.353  1.00 13.34 ? 44  CYS A O   1 
ATOM   344  C CB  . CYS A 1 44  ? 7.337   -4.962  -3.540  1.00 13.86 ? 44  CYS A CB  1 
ATOM   345  S SG  . CYS A 1 44  ? 6.298   -5.648  -2.224  1.00 17.11 ? 44  CYS A SG  1 
ATOM   346  N N   . VAL A 1 45  ? 8.815   -5.135  -6.243  1.00 12.61 ? 45  VAL A N   1 
ATOM   347  C CA  . VAL A 1 45  ? 9.709   -4.501  -7.259  1.00 14.83 ? 45  VAL A CA  1 
ATOM   348  C C   . VAL A 1 45  ? 8.910   -4.330  -8.561  1.00 14.89 ? 45  VAL A C   1 
ATOM   349  O O   . VAL A 1 45  ? 8.935   -3.289  -9.124  1.00 14.00 ? 45  VAL A O   1 
ATOM   350  C CB  . VAL A 1 45  ? 10.996  -5.326  -7.451  1.00 14.69 ? 45  VAL A CB  1 
ATOM   351  C CG1 . VAL A 1 45  ? 11.834  -4.875  -8.626  1.00 15.08 ? 45  VAL A CG1 1 
ATOM   352  C CG2 . VAL A 1 45  ? 11.819  -5.344  -6.180  1.00 14.55 ? 45  VAL A CG2 1 
ATOM   353  N N   . THR A 1 46  ? 8.190   -5.366  -8.936  1.00 13.67 ? 46  THR A N   1 
ATOM   354  C CA  . THR A 1 46  ? 7.403   -5.366  -10.186 1.00 13.95 ? 46  THR A CA  1 
ATOM   355  C C   . THR A 1 46  ? 6.315   -4.291  -10.143 1.00 13.32 ? 46  THR A C   1 
ATOM   356  O O   . THR A 1 46  ? 6.076   -3.659  -11.159 1.00 14.39 ? 46  THR A O   1 
ATOM   357  C CB  . THR A 1 46  ? 6.822   -6.747  -10.461 1.00 14.53 ? 46  THR A CB  1 
ATOM   358  O OG1 . THR A 1 46  ? 7.928   -7.651  -10.529 1.00 15.03 ? 46  THR A OG1 1 
ATOM   359  C CG2 . THR A 1 46  ? 5.984   -6.777  -11.720 1.00 14.32 ? 46  THR A CG2 1 
ATOM   360  N N   . ALA A 1 47  ? 5.636   -4.117  -9.015  1.00 12.61 ? 47  ALA A N   1 
ATOM   361  C CA  . ALA A 1 47  ? 4.462   -3.236  -8.958  1.00 12.53 ? 47  ALA A CA  1 
ATOM   362  C C   . ALA A 1 47  ? 4.890   -1.767  -8.900  1.00 13.18 ? 47  ALA A C   1 
ATOM   363  O O   . ALA A 1 47  ? 4.092   -0.941  -9.351  1.00 13.07 ? 47  ALA A O   1 
ATOM   364  C CB  . ALA A 1 47  ? 3.601   -3.622  -7.778  1.00 12.85 ? 47  ALA A CB  1 
ATOM   365  N N   . GLU A 1 48  ? 6.068   -1.431  -8.365  1.00 14.03 ? 48  GLU A N   1 
ATOM   366  C CA  . GLU A 1 48  ? 6.412   -0.002  -8.060  1.00 17.08 ? 48  GLU A CA  1 
ATOM   367  C C   . GLU A 1 48  ? 6.195   0.871   -9.293  1.00 17.72 ? 48  GLU A C   1 
ATOM   368  O O   . GLU A 1 48  ? 5.520   1.887   -9.202  1.00 16.31 ? 48  GLU A O   1 
ATOM   369  C CB  . GLU A 1 48  ? 7.842   0.130   -7.540  1.00 19.71 ? 48  GLU A CB  1 
ATOM   370  C CG  . GLU A 1 48  ? 7.976   -0.358  -6.125  1.00 21.97 ? 48  GLU A CG  1 
ATOM   371  C CD  . GLU A 1 48  ? 7.354   0.518   -5.062  1.00 27.03 ? 48  GLU A CD  1 
ATOM   372  O OE1 . GLU A 1 48  ? 6.787   1.615   -5.413  1.00 28.59 ? 48  GLU A OE1 1 
ATOM   373  O OE2 . GLU A 1 48  ? 7.463   0.115   -3.878  1.00 27.71 ? 48  GLU A OE2 1 
ATOM   374  N N   . PRO A 1 49  ? 6.697   0.508   -10.502 1.00 17.71 ? 49  PRO A N   1 
ATOM   375  C CA  . PRO A 1 49  ? 6.529   1.388   -11.673 1.00 18.51 ? 49  PRO A CA  1 
ATOM   376  C C   . PRO A 1 49  ? 5.091   1.509   -12.176 1.00 17.22 ? 49  PRO A C   1 
ATOM   377  O O   . PRO A 1 49  ? 4.739   2.563   -12.649 1.00 17.07 ? 49  PRO A O   1 
ATOM   378  C CB  . PRO A 1 49  ? 7.377   0.778   -12.803 1.00 18.33 ? 49  PRO A CB  1 
ATOM   379  C CG  . PRO A 1 49  ? 8.095   -0.425  -12.186 1.00 18.71 ? 49  PRO A CG  1 
ATOM   380  C CD  . PRO A 1 49  ? 7.587   -0.634  -10.776 1.00 17.72 ? 49  PRO A CD  1 
ATOM   381  N N   . VAL A 1 50  ? 4.291   0.451   -12.024 1.00 17.13 ? 50  VAL A N   1 
ATOM   382  C CA  . VAL A 1 50  ? 2.878   0.437   -12.468 1.00 16.41 ? 50  VAL A CA  1 
ATOM   383  C C   . VAL A 1 50  ? 2.125   1.384   -11.549 1.00 15.38 ? 50  VAL A C   1 
ATOM   384  O O   . VAL A 1 50  ? 1.316   2.164   -12.023 1.00 16.76 ? 50  VAL A O   1 
ATOM   385  C CB  . VAL A 1 50  ? 2.276   -0.973  -12.442 1.00 16.22 ? 50  VAL A CB  1 
ATOM   386  C CG1 . VAL A 1 50  ? 0.850   -0.956  -12.970 1.00 16.26 ? 50  VAL A CG1 1 
ATOM   387  C CG2 . VAL A 1 50  ? 3.167   -1.944  -13.190 1.00 17.09 ? 50  VAL A CG2 1 
ATOM   388  N N   . ILE A 1 51  ? 2.412   1.314   -10.253 1.00 15.42 ? 51  ILE A N   1 
ATOM   389  C CA  . ILE A 1 51  ? 1.724   2.222   -9.294  1.00 14.02 ? 51  ILE A CA  1 
ATOM   390  C C   . ILE A 1 51  ? 2.121   3.673   -9.603  1.00 15.57 ? 51  ILE A C   1 
ATOM   391  O O   . ILE A 1 51  ? 1.224   4.499   -9.739  1.00 16.50 ? 51  ILE A O   1 
ATOM   392  C CB  . ILE A 1 51  ? 2.014   1.752   -7.871  1.00 13.39 ? 51  ILE A CB  1 
ATOM   393  C CG1 . ILE A 1 51  ? 1.386   0.364   -7.680  1.00 13.48 ? 51  ILE A CG1 1 
ATOM   394  C CG2 . ILE A 1 51  ? 1.550   2.781   -6.864  1.00 13.31 ? 51  ILE A CG2 1 
ATOM   395  C CD1 . ILE A 1 51  ? 1.758   -0.304  -6.401  1.00 13.70 ? 51  ILE A CD1 1 
ATOM   396  N N   . ALA A 1 52  ? 3.411   3.962   -9.785  1.00 18.90 ? 52  ALA A N   1 
ATOM   397  C CA  . ALA A 1 52  ? 3.908   5.341   -10.015 1.00 20.53 ? 52  ALA A CA  1 
ATOM   398  C C   . ALA A 1 52  ? 3.254   5.984   -11.257 1.00 22.15 ? 52  ALA A C   1 
ATOM   399  O O   . ALA A 1 52  ? 2.913   7.168   -11.203 1.00 19.92 ? 52  ALA A O   1 
ATOM   400  C CB  . ALA A 1 52  ? 5.401   5.335   -10.097 1.00 21.62 ? 52  ALA A CB  1 
ATOM   401  N N   . ARG A 1 53  ? 3.022   5.242   -12.330 1.00 23.34 ? 53  ARG A N   1 
ATOM   402  C CA  . ARG A 1 53  ? 2.437   5.797   -13.584 1.00 25.36 ? 53  ARG A CA  1 
ATOM   403  C C   . ARG A 1 53  ? 0.903   5.811   -13.528 1.00 28.91 ? 53  ARG A C   1 
ATOM   404  O O   . ARG A 1 53  ? 0.293   6.330   -14.490 1.00 31.54 ? 53  ARG A O   1 
ATOM   405  C CB  . ARG A 1 53  ? 2.977   5.008   -14.778 1.00 25.57 ? 53  ARG A CB  1 
ATOM   406  C CG  . ARG A 1 53  ? 2.400   3.614   -14.969 1.00 25.82 ? 53  ARG A CG  1 
ATOM   407  C CD  . ARG A 1 53  ? 3.283   2.849   -15.942 1.00 24.48 ? 53  ARG A CD  1 
ATOM   408  N NE  . ARG A 1 53  ? 2.746   1.528   -16.232 1.00 24.47 ? 53  ARG A NE  1 
ATOM   409  C CZ  . ARG A 1 53  ? 3.474   0.426   -16.361 1.00 20.67 ? 53  ARG A CZ  1 
ATOM   410  N NH1 . ARG A 1 53  ? 2.894   -0.717  -16.648 1.00 22.30 ? 53  ARG A NH1 1 
ATOM   411  N NH2 . ARG A 1 53  ? 4.775   0.465   -16.198 1.00 21.24 ? 53  ARG A NH2 1 
ATOM   412  N N   . ASN A 1 54  ? 0.285   5.265   -12.470 1.00 25.54 ? 54  ASN A N   1 
ATOM   413  C CA  . ASN A 1 54  ? -1.182  5.296   -12.277 1.00 23.33 ? 54  ASN A CA  1 
ATOM   414  C C   . ASN A 1 54  ? -1.549  6.235   -11.123 1.00 21.97 ? 54  ASN A C   1 
ATOM   415  O O   . ASN A 1 54  ? -2.729  6.470   -10.954 1.00 23.53 ? 54  ASN A O   1 
ATOM   416  C CB  . ASN A 1 54  ? -1.759  3.887   -12.155 1.00 24.24 ? 54  ASN A CB  1 
ATOM   417  C CG  . ASN A 1 54  ? -1.866  3.172   -13.495 1.00 27.46 ? 54  ASN A CG  1 
ATOM   418  O OD1 . ASN A 1 54  ? -2.826  3.377   -14.254 1.00 30.28 ? 54  ASN A OD1 1 
ATOM   419  N ND2 . ASN A 1 54  ? -0.889  2.319   -13.793 1.00 27.85 ? 54  ASN A ND2 1 
ATOM   420  N N   . LEU A 1 55  ? -0.582  6.804   -10.410 1.00 22.84 ? 55  LEU A N   1 
ATOM   421  C CA  . LEU A 1 55  ? -0.855  7.728   -9.270  1.00 26.79 ? 55  LEU A CA  1 
ATOM   422  C C   . LEU A 1 55  ? -1.728  8.904   -9.734  1.00 26.32 ? 55  LEU A C   1 
ATOM   423  O O   . LEU A 1 55  ? -2.537  9.447   -8.913  1.00 21.41 ? 55  LEU A O   1 
ATOM   424  C CB  . LEU A 1 55  ? 0.491   8.246   -8.754  1.00 29.17 ? 55  LEU A CB  1 
ATOM   425  C CG  . LEU A 1 55  ? 0.664   8.348   -7.250  1.00 35.29 ? 55  LEU A CG  1 
ATOM   426  C CD1 . LEU A 1 55  ? -0.148  7.295   -6.510  1.00 34.83 ? 55  LEU A CD1 1 
ATOM   427  C CD2 . LEU A 1 55  ? 2.140   8.217   -6.905  1.00 35.49 ? 55  LEU A CD2 1 
ATOM   428  N N   . LYS A 1 56  ? -1.532  9.326   -10.980 1.00 27.42 ? 56  LYS A N   1 
ATOM   429  C CA  . LYS A 1 56  ? -2.264  10.471  -11.599 1.00 28.83 ? 56  LYS A CA  1 
ATOM   430  C C   . LYS A 1 56  ? -3.783  10.235  -11.596 1.00 28.24 ? 56  LYS A C   1 
ATOM   431  O O   . LYS A 1 56  ? -4.501  11.238  -11.702 1.00 28.45 ? 56  LYS A O   1 
ATOM   432  C CB  . LYS A 1 56  ? -1.762  10.720  -13.023 1.00 31.04 ? 56  LYS A CB  1 
ATOM   433  C CG  . LYS A 1 56  ? -1.890  9.515   -13.943 1.00 35.73 ? 56  LYS A CG  1 
ATOM   434  C CD  . LYS A 1 56  ? -1.254  9.669   -15.312 1.00 43.61 ? 56  LYS A CD  1 
ATOM   435  C CE  . LYS A 1 56  ? -0.032  10.565  -15.352 1.00 46.63 ? 56  LYS A CE  1 
ATOM   436  N NZ  . LYS A 1 56  ? 0.631   10.507  -16.678 1.00 52.11 ? 56  LYS A NZ  1 
ATOM   437  N N   . TYR A 1 57  ? -4.295  9.002   -11.458 1.00 26.82 ? 57  TYR A N   1 
ATOM   438  C CA  . TYR A 1 57  ? -5.761  8.728   -11.472 1.00 28.54 ? 57  TYR A CA  1 
ATOM   439  C C   . TYR A 1 57  ? -6.404  8.931   -10.094 1.00 27.09 ? 57  TYR A C   1 
ATOM   440  O O   . TYR A 1 57  ? -7.650  8.833   -9.981  1.00 29.50 ? 57  TYR A O   1 
ATOM   441  C CB  . TYR A 1 57  ? -6.057  7.312   -11.969 1.00 30.99 ? 57  TYR A CB  1 
ATOM   442  C CG  . TYR A 1 57  ? -5.760  7.133   -13.429 1.00 34.56 ? 57  TYR A CG  1 
ATOM   443  C CD1 . TYR A 1 57  ? -6.619  7.628   -14.396 1.00 36.89 ? 57  TYR A CD1 1 
ATOM   444  C CD2 . TYR A 1 57  ? -4.601  6.505   -13.846 1.00 35.45 ? 57  TYR A CD2 1 
ATOM   445  C CE1 . TYR A 1 57  ? -6.336  7.482   -15.744 1.00 38.25 ? 57  TYR A CE1 1 
ATOM   446  C CE2 . TYR A 1 57  ? -4.307  6.346   -15.188 1.00 39.64 ? 57  TYR A CE2 1 
ATOM   447  C CZ  . TYR A 1 57  ? -5.174  6.847   -16.141 1.00 37.27 ? 57  TYR A CZ  1 
ATOM   448  O OH  . TYR A 1 57  ? -4.875  6.701   -17.464 1.00 38.43 ? 57  TYR A OH  1 
ATOM   449  N N   . ALA A 1 58  ? -5.603  9.191   -9.061  1.00 25.55 ? 58  ALA A N   1 
ATOM   450  C CA  . ALA A 1 58  ? -6.098  9.397   -7.693  1.00 23.34 ? 58  ALA A CA  1 
ATOM   451  C C   . ALA A 1 58  ? -6.836  10.729  -7.689  1.00 24.36 ? 58  ALA A C   1 
ATOM   452  O O   . ALA A 1 58  ? -6.427  11.652  -8.377  1.00 22.98 ? 58  ALA A O   1 
ATOM   453  C CB  . ALA A 1 58  ? -4.964  9.401   -6.704  1.00 23.56 ? 58  ALA A CB  1 
ATOM   454  N N   . PRO A 1 59  ? -7.931  10.858  -6.926  1.00 24.16 ? 59  PRO A N   1 
ATOM   455  C CA  . PRO A 1 59  ? -8.667  12.118  -6.867  1.00 27.35 ? 59  PRO A CA  1 
ATOM   456  C C   . PRO A 1 59  ? -7.916  13.264  -6.167  1.00 29.51 ? 59  PRO A C   1 
ATOM   457  O O   . PRO A 1 59  ? -6.964  13.035  -5.424  1.00 25.21 ? 59  PRO A O   1 
ATOM   458  C CB  . PRO A 1 59  ? -9.946  11.731  -6.119  1.00 27.52 ? 59  PRO A CB  1 
ATOM   459  C CG  . PRO A 1 59  ? -9.591  10.512  -5.303  1.00 25.73 ? 59  PRO A CG  1 
ATOM   460  C CD  . PRO A 1 59  ? -8.475  9.819   -6.058  1.00 25.52 ? 59  PRO A CD  1 
ATOM   461  N N   . ALA A 1 60  ? -8.366  14.503  -6.427  1.00 30.64 ? 60  ALA A N   1 
ATOM   462  C CA  . ALA A 1 60  ? -7.962  15.716  -5.678  1.00 31.09 ? 60  ALA A CA  1 
ATOM   463  C C   . ALA A 1 60  ? -8.046  15.443  -4.170  1.00 28.78 ? 60  ALA A C   1 
ATOM   464  O O   . ALA A 1 60  ? -8.936  14.666  -3.723  1.00 27.91 ? 60  ALA A O   1 
ATOM   465  C CB  . ALA A 1 60  ? -8.828  16.898  -6.075  1.00 31.56 ? 60  ALA A CB  1 
ATOM   466  N N   . ASP A 1 61  ? -7.125  16.035  -3.414  1.00 30.91 ? 61  ASP A N   1 
ATOM   467  C CA  . ASP A 1 61  ? -7.095  15.977  -1.931  1.00 33.04 ? 61  ASP A CA  1 
ATOM   468  C C   . ASP A 1 61  ? -6.812  14.538  -1.467  1.00 29.05 ? 61  ASP A C   1 
ATOM   469  O O   . ASP A 1 61  ? -7.396  14.105  -0.446  1.00 29.91 ? 61  ASP A O   1 
ATOM   470  C CB  . ASP A 1 61  ? -8.406  16.539  -1.372  1.00 35.92 ? 61  ASP A CB  1 
ATOM   471  C CG  . ASP A 1 61  ? -8.322  16.911  0.096   1.00 39.51 ? 61  ASP A CG  1 
ATOM   472  O OD1 . ASP A 1 61  ? -7.230  17.352  0.531   1.00 40.02 ? 61  ASP A OD1 1 
ATOM   473  O OD2 . ASP A 1 61  ? -9.337  16.717  0.805   1.00 42.92 ? 61  ASP A OD2 1 
ATOM   474  N N   . SER A 1 62  ? -5.968  13.816  -2.215  1.00 24.88 ? 62  SER A N   1 
ATOM   475  C CA  . SER A 1 62  ? -5.532  12.425  -1.922  1.00 21.95 ? 62  SER A CA  1 
ATOM   476  C C   . SER A 1 62  ? -4.113  12.409  -1.351  1.00 20.56 ? 62  SER A C   1 
ATOM   477  O O   . SER A 1 62  ? -3.293  13.292  -1.715  1.00 19.74 ? 62  SER A O   1 
ATOM   478  C CB  . SER A 1 62  ? -5.595  11.568  -3.140  1.00 23.73 ? 62  SER A CB  1 
ATOM   479  O OG  . SER A 1 62  ? -6.943  11.273  -3.441  1.00 24.31 ? 62  SER A OG  1 
ATOM   480  N N   . VAL A 1 63  ? -3.857  11.399  -0.519  1.00 17.78 ? 63  VAL A N   1 
ATOM   481  C CA  . VAL A 1 63  ? -2.529  11.082  0.056   1.00 17.10 ? 63  VAL A CA  1 
ATOM   482  C C   . VAL A 1 63  ? -2.219  9.636   -0.329  1.00 14.90 ? 63  VAL A C   1 
ATOM   483  O O   . VAL A 1 63  ? -3.130  8.802   -0.221  1.00 15.18 ? 63  VAL A O   1 
ATOM   484  C CB  . VAL A 1 63  ? -2.531  11.295  1.578   1.00 19.03 ? 63  VAL A CB  1 
ATOM   485  C CG1 . VAL A 1 63  ? -1.182  11.044  2.202   1.00 17.46 ? 63  VAL A CG1 1 
ATOM   486  C CG2 . VAL A 1 63  ? -2.998  12.711  1.913   1.00 22.06 ? 63  VAL A CG2 1 
ATOM   487  N N   . PHE A 1 64  ? -0.986  9.370   -0.755  1.00 13.98 ? 64  PHE A N   1 
ATOM   488  C CA  . PHE A 1 64  ? -0.516  7.995   -1.030  1.00 13.21 ? 64  PHE A CA  1 
ATOM   489  C C   . PHE A 1 64  ? 0.591   7.689   -0.030  1.00 12.78 ? 64  PHE A C   1 
ATOM   490  O O   . PHE A 1 64  ? 1.607   8.411   -0.039  1.00 13.43 ? 64  PHE A O   1 
ATOM   491  C CB  . PHE A 1 64  ? -0.037  7.877   -2.470  1.00 14.82 ? 64  PHE A CB  1 
ATOM   492  C CG  . PHE A 1 64  ? 0.631   6.568   -2.785  1.00 16.71 ? 64  PHE A CG  1 
ATOM   493  C CD1 . PHE A 1 64  ? -0.102  5.397   -2.745  1.00 17.07 ? 64  PHE A CD1 1 
ATOM   494  C CD2 . PHE A 1 64  ? 2.002   6.498   -2.969  1.00 19.82 ? 64  PHE A CD2 1 
ATOM   495  C CE1 . PHE A 1 64  ? 0.506   4.181   -3.049  1.00 19.01 ? 64  PHE A CE1 1 
ATOM   496  C CE2 . PHE A 1 64  ? 2.624   5.275   -3.200  1.00 20.58 ? 64  PHE A CE2 1 
ATOM   497  C CZ  . PHE A 1 64  ? 1.871   4.120   -3.260  1.00 19.20 ? 64  PHE A CZ  1 
ATOM   498  N N   . ILE A 1 65  ? 0.336   6.730   0.855   1.00 11.30 ? 65  ILE A N   1 
ATOM   499  C CA  . ILE A 1 65  ? 1.336   6.307   1.873   1.00 11.82 ? 65  ILE A CA  1 
ATOM   500  C C   . ILE A 1 65  ? 1.924   5.000   1.370   1.00 11.28 ? 65  ILE A C   1 
ATOM   501  O O   . ILE A 1 65  ? 1.180   3.991   1.283   1.00 11.19 ? 65  ILE A O   1 
ATOM   502  C CB  . ILE A 1 65  ? 0.740   6.195   3.287   1.00 12.25 ? 65  ILE A CB  1 
ATOM   503  C CG1 . ILE A 1 65  ? 0.053   7.495   3.708   1.00 13.70 ? 65  ILE A CG1 1 
ATOM   504  C CG2 . ILE A 1 65  ? 1.796   5.789   4.301   1.00 12.80 ? 65  ILE A CG2 1 
ATOM   505  C CD1 . ILE A 1 65  ? -0.766  7.323   4.946   1.00 13.93 ? 65  ILE A CD1 1 
ATOM   506  N N   . HIS A 1 66  ? 3.226   5.053   1.084   1.00 10.99 ? 66  HIS A N   1 
ATOM   507  C CA  . HIS A 1 66  ? 4.098   3.916   0.742   1.00 11.97 ? 66  HIS A CA  1 
ATOM   508  C C   . HIS A 1 66  ? 4.652   3.438   2.067   1.00 10.86 ? 66  HIS A C   1 
ATOM   509  O O   . HIS A 1 66  ? 5.439   4.205   2.660   1.00 10.96 ? 66  HIS A O   1 
ATOM   510  C CB  . HIS A 1 66  ? 5.167   4.387   -0.251  1.00 14.22 ? 66  HIS A CB  1 
ATOM   511  C CG  . HIS A 1 66  ? 5.975   3.289   -0.826  1.00 19.20 ? 66  HIS A CG  1 
ATOM   512  N ND1 . HIS A 1 66  ? 6.930   2.614   -0.079  1.00 23.53 ? 66  HIS A ND1 1 
ATOM   513  C CD2 . HIS A 1 66  ? 5.979   2.745   -2.068  1.00 21.56 ? 66  HIS A CD2 1 
ATOM   514  C CE1 . HIS A 1 66  ? 7.457   1.667   -0.832  1.00 25.45 ? 66  HIS A CE1 1 
ATOM   515  N NE2 . HIS A 1 66  ? 6.891   1.729   -2.048  1.00 20.94 ? 66  HIS A NE2 1 
ATOM   516  N N   . CYS A 1 67  ? 4.200   2.281   2.558   1.00 10.51 ? 67  CYS A N   1 
ATOM   517  C CA  . CYS A 1 67  ? 4.649   1.730   3.855   1.00 10.10 ? 67  CYS A CA  1 
ATOM   518  C C   . CYS A 1 67  ? 5.495   0.481   3.607   1.00 9.69  ? 67  CYS A C   1 
ATOM   519  O O   . CYS A 1 67  ? 4.983   -0.528  3.104   1.00 9.74  ? 67  CYS A O   1 
ATOM   520  C CB  . CYS A 1 67  ? 3.474   1.465   4.779   1.00 9.84  ? 67  CYS A CB  1 
ATOM   521  S SG  . CYS A 1 67  ? 3.911   0.556   6.274   1.00 11.58 ? 67  CYS A SG  1 
ATOM   522  N N   . SER A 1 68  ? 6.762   0.548   4.005   1.00 9.94  ? 68  SER A N   1 
ATOM   523  C CA  . SER A 1 68  ? 7.660   -0.623  4.103   1.00 11.28 ? 68  SER A CA  1 
ATOM   524  C C   . SER A 1 68  ? 7.292   -1.385  5.387   1.00 10.89 ? 68  SER A C   1 
ATOM   525  O O   . SER A 1 68  ? 7.440   -0.813  6.480   1.00 10.85 ? 68  SER A O   1 
ATOM   526  C CB  . SER A 1 68  ? 9.081   -0.167  4.080   1.00 12.04 ? 68  SER A CB  1 
ATOM   527  O OG  . SER A 1 68  ? 9.394   0.468   2.840   1.00 13.42 ? 68  SER A OG  1 
ATOM   528  N N   . VAL A 1 69  ? 6.912   -2.651  5.270   1.00 10.93 ? 69  VAL A N   1 
ATOM   529  C CA  . VAL A 1 69  ? 6.339   -3.416  6.424   1.00 10.85 ? 69  VAL A CA  1 
ATOM   530  C C   . VAL A 1 69  ? 7.450   -3.996  7.316   1.00 12.21 ? 69  VAL A C   1 
ATOM   531  O O   . VAL A 1 69  ? 7.131   -4.405  8.467   1.00 14.87 ? 69  VAL A O   1 
ATOM   532  C CB  . VAL A 1 69  ? 5.407   -4.543  5.971   1.00 11.01 ? 69  VAL A CB  1 
ATOM   533  C CG1 . VAL A 1 69  ? 4.177   -3.966  5.272   1.00 10.68 ? 69  VAL A CG1 1 
ATOM   534  C CG2 . VAL A 1 69  ? 6.109   -5.614  5.165   1.00 11.20 ? 69  VAL A CG2 1 
ATOM   535  N N   . GLY A 1 70  ? 8.671   -4.029  6.804   1.00 11.21 ? 70  GLY A N   1 
ATOM   536  C CA  . GLY A 1 70  ? 9.873   -4.538  7.469   1.00 12.46 ? 70  GLY A CA  1 
ATOM   537  C C   . GLY A 1 70  ? 10.570  -5.574  6.615   1.00 13.80 ? 70  GLY A C   1 
ATOM   538  O O   . GLY A 1 70  ? 10.243  -5.733  5.420   1.00 13.35 ? 70  GLY A O   1 
ATOM   539  N N   . GLU A 1 71  ? 11.485  -6.296  7.226   1.00 15.00 ? 71  GLU A N   1 
ATOM   540  C CA  . GLU A 1 71  ? 12.225  -7.377  6.532   1.00 16.07 ? 71  GLU A CA  1 
ATOM   541  C C   . GLU A 1 71  ? 11.355  -8.631  6.416   1.00 16.83 ? 71  GLU A C   1 
ATOM   542  O O   . GLU A 1 71  ? 10.292  -8.742  7.099   1.00 14.51 ? 71  GLU A O   1 
ATOM   543  C CB  . GLU A 1 71  ? 13.528  -7.646  7.286   1.00 20.24 ? 71  GLU A CB  1 
ATOM   544  C CG  . GLU A 1 71  ? 14.440  -6.438  7.387   1.00 23.14 ? 71  GLU A CG  1 
ATOM   545  C CD  . GLU A 1 71  ? 14.799  -5.741  6.089   1.00 27.50 ? 71  GLU A CD  1 
ATOM   546  O OE1 . GLU A 1 71  ? 14.744  -6.385  5.016   1.00 29.75 ? 71  GLU A OE1 1 
ATOM   547  O OE2 . GLU A 1 71  ? 15.125  -4.537  6.156   1.00 36.78 ? 71  GLU A OE2 1 
ATOM   548  N N   . ARG A 1 72  ? 11.844  -9.600  5.630   1.00 16.54 ? 72  ARG A N   1 
ATOM   549  C CA  . ARG A 1 72  ? 11.103  -10.815 5.282   1.00 19.73 ? 72  ARG A CA  1 
ATOM   550  C C   . ARG A 1 72  ? 10.783  -11.612 6.558   1.00 20.45 ? 72  ARG A C   1 
ATOM   551  O O   . ARG A 1 72  ? 9.658   -12.091 6.685   1.00 17.84 ? 72  ARG A O   1 
ATOM   552  C CB  . ARG A 1 72  ? 11.891  -11.650 4.280   1.00 21.76 ? 72  ARG A CB  1 
ATOM   553  C CG  . ARG A 1 72  ? 11.020  -12.700 3.628   1.00 25.00 ? 72  ARG A CG  1 
ATOM   554  C CD  . ARG A 1 72  ? 11.602  -13.327 2.392   1.00 29.29 ? 72  ARG A CD  1 
ATOM   555  N NE  . ARG A 1 72  ? 10.455  -13.885 1.714   1.00 36.92 ? 72  ARG A NE  1 
ATOM   556  C CZ  . ARG A 1 72  ? 10.427  -15.040 1.067   1.00 40.56 ? 72  ARG A CZ  1 
ATOM   557  N NH1 . ARG A 1 72  ? 9.297   -15.437 0.504   1.00 39.14 ? 72  ARG A NH1 1 
ATOM   558  N NH2 . ARG A 1 72  ? 11.518  -15.791 0.990   1.00 43.21 ? 72  ARG A NH2 1 
ATOM   559  N N   . ALA A 1 73  ? 11.728  -11.717 7.483   1.00 22.47 ? 73  ALA A N   1 
ATOM   560  C CA  . ALA A 1 73  ? 11.572  -12.510 8.726   1.00 23.41 ? 73  ALA A CA  1 
ATOM   561  C C   . ALA A 1 73  ? 10.375  -11.959 9.513   1.00 22.04 ? 73  ALA A C   1 
ATOM   562  O O   . ALA A 1 73  ? 9.466   -12.736 9.872   1.00 23.78 ? 73  ALA A O   1 
ATOM   563  C CB  . ALA A 1 73  ? 12.839  -12.458 9.543   1.00 25.03 ? 73  ALA A CB  1 
ATOM   564  N N   . PHE A 1 74  ? 10.342  -10.650 9.693   1.00 20.40 ? 74  PHE A N   1 
ATOM   565  C CA  . PHE A 1 74  ? 9.233   -9.929  10.356  1.00 17.51 ? 74  PHE A CA  1 
ATOM   566  C C   . PHE A 1 74  ? 7.914   -10.215 9.614   1.00 17.46 ? 74  PHE A C   1 
ATOM   567  O O   . PHE A 1 74  ? 6.864   -10.519 10.243  1.00 15.91 ? 74  PHE A O   1 
ATOM   568  C CB  . PHE A 1 74  ? 9.567   -8.436  10.445  1.00 16.93 ? 74  PHE A CB  1 
ATOM   569  C CG  . PHE A 1 74  ? 8.413   -7.616  10.958  1.00 17.46 ? 74  PHE A CG  1 
ATOM   570  C CD1 . PHE A 1 74  ? 8.237   -7.406  12.322  1.00 19.21 ? 74  PHE A CD1 1 
ATOM   571  C CD2 . PHE A 1 74  ? 7.423   -7.169  10.097  1.00 18.01 ? 74  PHE A CD2 1 
ATOM   572  C CE1 . PHE A 1 74  ? 7.155   -6.673  12.779  1.00 19.69 ? 74  PHE A CE1 1 
ATOM   573  C CE2 . PHE A 1 74  ? 6.331   -6.464  10.564  1.00 18.21 ? 74  PHE A CE2 1 
ATOM   574  C CZ  . PHE A 1 74  ? 6.195   -6.205  11.903  1.00 18.17 ? 74  PHE A CZ  1 
ATOM   575  N N   . TRP A 1 75  ? 7.927   -10.064 8.293   1.00 17.44 ? 75  TRP A N   1 
ATOM   576  C CA  . TRP A 1 75  ? 6.715   -10.210 7.460   1.00 16.95 ? 75  TRP A CA  1 
ATOM   577  C C   . TRP A 1 75  ? 6.154   -11.637 7.597   1.00 16.63 ? 75  TRP A C   1 
ATOM   578  O O   . TRP A 1 75  ? 4.939   -11.791 7.675   1.00 15.30 ? 75  TRP A O   1 
ATOM   579  C CB  . TRP A 1 75  ? 6.984   -9.836  5.996   1.00 18.06 ? 75  TRP A CB  1 
ATOM   580  C CG  . TRP A 1 75  ? 5.768   -10.175 5.208   1.00 15.96 ? 75  TRP A CG  1 
ATOM   581  C CD1 . TRP A 1 75  ? 5.606   -11.212 4.337   1.00 18.79 ? 75  TRP A CD1 1 
ATOM   582  C CD2 . TRP A 1 75  ? 4.476   -9.580  5.384   1.00 16.73 ? 75  TRP A CD2 1 
ATOM   583  N NE1 . TRP A 1 75  ? 4.317   -11.260 3.901   1.00 18.43 ? 75  TRP A NE1 1 
ATOM   584  C CE2 . TRP A 1 75  ? 3.591   -10.290 4.548   1.00 18.77 ? 75  TRP A CE2 1 
ATOM   585  C CE3 . TRP A 1 75  ? 3.976   -8.549  6.188   1.00 17.30 ? 75  TRP A CE3 1 
ATOM   586  C CZ2 . TRP A 1 75  ? 2.231   -9.981  4.478   1.00 19.64 ? 75  TRP A CZ2 1 
ATOM   587  C CZ3 . TRP A 1 75  ? 2.638   -8.216  6.077   1.00 17.21 ? 75  TRP A CZ3 1 
ATOM   588  C CH2 . TRP A 1 75  ? 1.781   -8.935  5.247   1.00 17.02 ? 75  TRP A CH2 1 
ATOM   589  N N   . LYS A 1 76  ? 7.029   -12.647 7.586   1.00 20.04 ? 76  LYS A N   1 
ATOM   590  C CA  . LYS A 1 76  ? 6.613   -14.073 7.518   1.00 21.53 ? 76  LYS A CA  1 
ATOM   591  C C   . LYS A 1 76  ? 5.978   -14.474 8.856   1.00 21.68 ? 76  LYS A C   1 
ATOM   592  O O   . LYS A 1 76  ? 5.254   -15.490 8.869   1.00 23.05 ? 76  LYS A O   1 
ATOM   593  C CB  . LYS A 1 76  ? 7.797   -14.970 7.142   1.00 26.13 ? 76  LYS A CB  1 
ATOM   594  C CG  . LYS A 1 76  ? 8.185   -14.915 5.671   1.00 30.71 ? 76  LYS A CG  1 
ATOM   595  C CD  . LYS A 1 76  ? 7.209   -15.630 4.737   1.00 35.94 ? 76  LYS A CD  1 
ATOM   596  C CE  . LYS A 1 76  ? 6.458   -14.710 3.789   1.00 40.35 ? 76  LYS A CE  1 
ATOM   597  N NZ  . LYS A 1 76  ? 7.376   -13.953 2.888   1.00 40.21 ? 76  LYS A NZ  1 
ATOM   598  N N   . ASP A 1 77  ? 6.232   -13.712 9.916   1.00 20.22 ? 77  ASP A N   1 
ATOM   599  C CA  . ASP A 1 77  ? 5.598   -13.932 11.246  1.00 19.63 ? 77  ASP A CA  1 
ATOM   600  C C   . ASP A 1 77  ? 4.096   -13.631 11.099  1.00 19.82 ? 77  ASP A C   1 
ATOM   601  O O   . ASP A 1 77  ? 3.725   -12.490 10.836  1.00 15.00 ? 77  ASP A O   1 
ATOM   602  C CB  . ASP A 1 77  ? 6.322   -13.116 12.305  1.00 19.98 ? 77  ASP A CB  1 
ATOM   603  C CG  . ASP A 1 77  ? 5.801   -13.362 13.702  1.00 22.11 ? 77  ASP A CG  1 
ATOM   604  O OD1 . ASP A 1 77  ? 4.622   -13.790 13.848  1.00 19.10 ? 77  ASP A OD1 1 
ATOM   605  O OD2 . ASP A 1 77  ? 6.594   -13.152 14.628  1.00 25.68 ? 77  ASP A OD2 1 
ATOM   606  N N   . GLN A 1 78  ? 3.233   -14.646 11.225  1.00 18.57 ? 78  GLN A N   1 
ATOM   607  C CA  . GLN A 1 78  ? 1.762   -14.517 11.004  1.00 18.24 ? 78  GLN A CA  1 
ATOM   608  C C   . GLN A 1 78  ? 1.093   -13.683 12.107  1.00 16.19 ? 78  GLN A C   1 
ATOM   609  O O   . GLN A 1 78  ? -0.071  -13.298 11.928  1.00 16.96 ? 78  GLN A O   1 
ATOM   610  C CB  . GLN A 1 78  ? 1.125   -15.896 10.887  1.00 20.15 ? 78  GLN A CB  1 
ATOM   611  C CG  . GLN A 1 78  ? 1.662   -16.702 9.712   1.00 21.70 ? 78  GLN A CG  1 
ATOM   612  C CD  . GLN A 1 78  ? 1.065   -16.305 8.383   1.00 24.67 ? 78  GLN A CD  1 
ATOM   613  O OE1 . GLN A 1 78  ? 1.729   -16.358 7.344   1.00 30.36 ? 78  GLN A OE1 1 
ATOM   614  N NE2 . GLN A 1 78  ? -0.199  -15.924 8.399   1.00 29.63 ? 78  GLN A NE2 1 
ATOM   615  N N   . SER A 1 79  ? 1.805   -13.384 13.193  1.00 17.60 ? 79  SER A N   1 
ATOM   616  C CA  . SER A 1 79  ? 1.310   -12.554 14.324  1.00 17.34 ? 79  SER A CA  1 
ATOM   617  C C   . SER A 1 79  ? 1.627   -11.071 14.112  1.00 15.63 ? 79  SER A C   1 
ATOM   618  O O   . SER A 1 79  ? 1.193   -10.294 14.944  1.00 16.98 ? 79  SER A O   1 
ATOM   619  C CB  . SER A 1 79  ? 1.862   -13.012 15.639  1.00 18.40 ? 79  SER A CB  1 
ATOM   620  O OG  . SER A 1 79  ? 3.212   -12.605 15.801  1.00 21.48 ? 79  SER A OG  1 
ATOM   621  N N   . ASN A 1 80  ? 2.367   -10.687 13.052  1.00 15.72 ? 80  ASN A N   1 
ATOM   622  C CA  . ASN A 1 80  ? 2.855   -9.277  12.888  1.00 14.19 ? 80  ASN A CA  1 
ATOM   623  C C   . ASN A 1 80  ? 1.636   -8.356  12.812  1.00 13.40 ? 80  ASN A C   1 
ATOM   624  O O   . ASN A 1 80  ? 0.564   -8.818  12.410  1.00 14.17 ? 80  ASN A O   1 
ATOM   625  C CB  . ASN A 1 80  ? 3.871   -9.138  11.746  1.00 13.36 ? 80  ASN A CB  1 
ATOM   626  C CG  . ASN A 1 80  ? 3.245   -8.913  10.387  1.00 13.22 ? 80  ASN A CG  1 
ATOM   627  O OD1 . ASN A 1 80  ? 2.460   -7.979  10.223  1.00 13.14 ? 80  ASN A OD1 1 
ATOM   628  N ND2 . ASN A 1 80  ? 3.604   -9.741  9.420   1.00 13.53 ? 80  ASN A ND2 1 
ATOM   629  N N   . VAL A 1 81  ? 1.782   -7.113  13.269  1.00 13.13 ? 81  VAL A N   1 
ATOM   630  C CA  A VAL A 1 81  ? 0.669   -6.134  13.436  0.50 13.09 ? 81  VAL A CA  1 
ATOM   631  C CA  B VAL A 1 81  ? 0.649   -6.150  13.442  0.50 13.29 ? 81  VAL A CA  1 
ATOM   632  C C   . VAL A 1 81  ? -0.080  -5.916  12.116  1.00 12.36 ? 81  VAL A C   1 
ATOM   633  O O   . VAL A 1 81  ? -1.285  -5.692  12.157  1.00 12.54 ? 81  VAL A O   1 
ATOM   634  C CB  A VAL A 1 81  ? 1.167   -4.770  13.934  0.50 13.25 ? 81  VAL A CB  1 
ATOM   635  C CB  B VAL A 1 81  ? 1.086   -4.786  14.005  0.50 13.67 ? 81  VAL A CB  1 
ATOM   636  C CG1 A VAL A 1 81  ? -0.013  -3.920  14.366  0.50 11.72 ? 81  VAL A CG1 1 
ATOM   637  C CG1 B VAL A 1 81  ? 1.504   -4.847  15.445  0.50 15.04 ? 81  VAL A CG1 1 
ATOM   638  C CG2 A VAL A 1 81  ? 2.230   -4.848  15.011  0.50 14.23 ? 81  VAL A CG2 1 
ATOM   639  C CG2 B VAL A 1 81  ? 2.173   -4.131  13.167  0.50 12.40 ? 81  VAL A CG2 1 
ATOM   640  N N   . PHE A 1 82  ? 0.630   -5.914  10.980  1.00 11.79 ? 82  PHE A N   1 
ATOM   641  C CA  . PHE A 1 82  ? -0.047  -5.614  9.691   1.00 12.01 ? 82  PHE A CA  1 
ATOM   642  C C   . PHE A 1 82  ? -1.114  -6.669  9.391   1.00 12.56 ? 82  PHE A C   1 
ATOM   643  O O   . PHE A 1 82  ? -2.145  -6.342  8.824   1.00 14.54 ? 82  PHE A O   1 
ATOM   644  C CB  . PHE A 1 82  ? 0.967   -5.592  8.543   1.00 10.87 ? 82  PHE A CB  1 
ATOM   645  C CG  . PHE A 1 82  ? 1.858   -4.381  8.609   1.00 9.67  ? 82  PHE A CG  1 
ATOM   646  C CD1 . PHE A 1 82  ? 1.406   -3.141  8.195   1.00 10.25 ? 82  PHE A CD1 1 
ATOM   647  C CD2 . PHE A 1 82  ? 3.140   -4.477  9.147   1.00 10.10 ? 82  PHE A CD2 1 
ATOM   648  C CE1 . PHE A 1 82  ? 2.235   -2.034  8.246   1.00 9.53  ? 82  PHE A CE1 1 
ATOM   649  C CE2 . PHE A 1 82  ? 3.964   -3.362  9.228   1.00 9.50  ? 82  PHE A CE2 1 
ATOM   650  C CZ  . PHE A 1 82  ? 3.519   -2.142  8.770   1.00 9.85  ? 82  PHE A CZ  1 
ATOM   651  N N   . ARG A 1 83  ? -0.814  -7.917  9.727   1.00 14.54 ? 83  ARG A N   1 
ATOM   652  C CA  . ARG A 1 83  ? -1.689  -9.068  9.451   1.00 15.62 ? 83  ARG A CA  1 
ATOM   653  C C   . ARG A 1 83  ? -2.838  -9.090  10.457  1.00 17.27 ? 83  ARG A C   1 
ATOM   654  O O   . ARG A 1 83  ? -3.934  -9.463  10.057  1.00 15.78 ? 83  ARG A O   1 
ATOM   655  C CB  . ARG A 1 83  ? -0.899  -10.363 9.565   1.00 16.22 ? 83  ARG A CB  1 
ATOM   656  C CG  . ARG A 1 83  ? 0.153   -10.566 8.492   1.00 16.79 ? 83  ARG A CG  1 
ATOM   657  C CD  . ARG A 1 83  ? 0.859   -11.851 8.838   1.00 18.26 ? 83  ARG A CD  1 
ATOM   658  N NE  . ARG A 1 83  ? 1.909   -12.268 7.941   1.00 18.98 ? 83  ARG A NE  1 
ATOM   659  C CZ  . ARG A 1 83  ? 1.715   -12.875 6.762   1.00 21.50 ? 83  ARG A CZ  1 
ATOM   660  N NH1 . ARG A 1 83  ? 0.495   -13.093 6.300   1.00 23.01 ? 83  ARG A NH1 1 
ATOM   661  N NH2 . ARG A 1 83  ? 2.750   -13.243 6.038   1.00 21.79 ? 83  ARG A NH2 1 
ATOM   662  N N   . LYS A 1 84  ? -2.566  -8.724  11.712  1.00 18.26 ? 84  LYS A N   1 
ATOM   663  C CA  . LYS A 1 84  ? -3.519  -8.844  12.844  1.00 22.62 ? 84  LYS A CA  1 
ATOM   664  C C   . LYS A 1 84  ? -4.322  -7.564  13.028  1.00 22.07 ? 84  LYS A C   1 
ATOM   665  O O   . LYS A 1 84  ? -5.405  -7.661  13.645  1.00 24.54 ? 84  LYS A O   1 
ATOM   666  C CB  . LYS A 1 84  ? -2.750  -9.258  14.103  1.00 22.14 ? 84  LYS A CB  1 
ATOM   667  C CG  . LYS A 1 84  ? -2.233  -10.686 14.036  1.00 26.60 ? 84  LYS A CG  1 
ATOM   668  C CD  . LYS A 1 84  ? -3.337  -11.752 13.945  1.00 30.23 ? 84  LYS A CD  1 
ATOM   669  C CE  . LYS A 1 84  ? -3.181  -12.896 14.933  1.00 36.87 ? 84  LYS A CE  1 
ATOM   670  N NZ  . LYS A 1 84  ? -3.500  -12.496 16.337  1.00 37.53 ? 84  LYS A NZ  1 
ATOM   671  N N   . ASP A 1 85  ? -3.872  -6.441  12.483  1.00 20.89 ? 85  ASP A N   1 
ATOM   672  C CA  . ASP A 1 85  ? -4.595  -5.149  12.568  1.00 20.10 ? 85  ASP A CA  1 
ATOM   673  C C   . ASP A 1 85  ? -5.978  -5.321  11.950  1.00 23.31 ? 85  ASP A C   1 
ATOM   674  O O   . ASP A 1 85  ? -6.093  -5.662  10.764  1.00 20.48 ? 85  ASP A O   1 
ATOM   675  C CB  . ASP A 1 85  ? -3.887  -3.981  11.884  1.00 22.50 ? 85  ASP A CB  1 
ATOM   676  C CG  . ASP A 1 85  ? -4.645  -2.667  12.004  1.00 22.69 ? 85  ASP A CG  1 
ATOM   677  O OD1 . ASP A 1 85  ? -4.561  -2.065  13.078  1.00 22.46 ? 85  ASP A OD1 1 
ATOM   678  O OD2 . ASP A 1 85  ? -5.298  -2.233  11.026  1.00 22.75 ? 85  ASP A OD2 1 
ATOM   679  N N   . PRO A 1 86  ? -7.069  -5.120  12.736  1.00 23.25 ? 86  PRO A N   1 
ATOM   680  C CA  . PRO A 1 86  ? -8.424  -5.415  12.259  1.00 25.01 ? 86  PRO A CA  1 
ATOM   681  C C   . PRO A 1 86  ? -8.874  -4.624  11.019  1.00 24.45 ? 86  PRO A C   1 
ATOM   682  O O   . PRO A 1 86  ? -9.732  -5.126  10.287  1.00 25.94 ? 86  PRO A O   1 
ATOM   683  C CB  . PRO A 1 86  ? -9.299  -5.073  13.472  1.00 24.51 ? 86  PRO A CB  1 
ATOM   684  C CG  . PRO A 1 86  ? -8.360  -5.290  14.632  1.00 25.07 ? 86  PRO A CG  1 
ATOM   685  C CD  . PRO A 1 86  ? -7.061  -4.682  14.148  1.00 26.32 ? 86  PRO A CD  1 
ATOM   686  N N   . VAL A 1 87  ? -8.264  -3.467  10.773  1.00 25.45 ? 87  VAL A N   1 
ATOM   687  C CA  . VAL A 1 87  ? -8.546  -2.612  9.585   1.00 23.38 ? 87  VAL A CA  1 
ATOM   688  C C   . VAL A 1 87  ? -7.694  -3.093  8.394   1.00 21.60 ? 87  VAL A C   1 
ATOM   689  O O   . VAL A 1 87  ? -8.266  -3.426  7.344   1.00 21.92 ? 87  VAL A O   1 
ATOM   690  C CB  . VAL A 1 87  ? -8.270  -1.141  9.926   1.00 26.18 ? 87  VAL A CB  1 
ATOM   691  C CG1 . VAL A 1 87  ? -8.291  -0.235  8.698   1.00 27.36 ? 87  VAL A CG1 1 
ATOM   692  C CG2 . VAL A 1 87  ? -9.248  -0.663  10.990  1.00 29.63 ? 87  VAL A CG2 1 
ATOM   693  N N   . LEU A 1 88  ? -6.374  -3.163  8.568   1.00 17.42 ? 88  LEU A N   1 
ATOM   694  C CA  . LEU A 1 88  ? -5.451  -3.504  7.445   1.00 17.59 ? 88  LEU A CA  1 
ATOM   695  C C   . LEU A 1 88  ? -5.653  -4.968  7.037   1.00 18.30 ? 88  LEU A C   1 
ATOM   696  O O   . LEU A 1 88  ? -5.760  -5.199  5.817   1.00 15.54 ? 88  LEU A O   1 
ATOM   697  C CB  . LEU A 1 88  ? -4.019  -3.239  7.897   1.00 16.94 ? 88  LEU A CB  1 
ATOM   698  C CG  . LEU A 1 88  ? -3.351  -1.918  7.500   1.00 18.32 ? 88  LEU A CG  1 
ATOM   699  C CD1 . LEU A 1 88  ? -4.246  -0.718  7.278   1.00 17.73 ? 88  LEU A CD1 1 
ATOM   700  C CD2 . LEU A 1 88  ? -2.188  -1.620  8.427   1.00 17.21 ? 88  LEU A CD2 1 
ATOM   701  N N   . LYS A 1 89  ? -5.684  -5.896  8.017   1.00 17.69 ? 89  LYS A N   1 
ATOM   702  C CA  . LYS A 1 89  ? -5.791  -7.374  7.794   1.00 18.69 ? 89  LYS A CA  1 
ATOM   703  C C   . LYS A 1 89  ? -4.970  -7.812  6.569   1.00 17.35 ? 89  LYS A C   1 
ATOM   704  O O   . LYS A 1 89  ? -5.503  -8.524  5.682   1.00 15.46 ? 89  LYS A O   1 
ATOM   705  C CB  . LYS A 1 89  ? -7.266  -7.747  7.629   1.00 23.19 ? 89  LYS A CB  1 
ATOM   706  C CG  . LYS A 1 89  ? -8.110  -7.549  8.884   1.00 29.35 ? 89  LYS A CG  1 
ATOM   707  C CD  . LYS A 1 89  ? -8.315  -8.828  9.695   1.00 33.33 ? 89  LYS A CD  1 
ATOM   708  C CE  . LYS A 1 89  ? -7.247  -9.063  10.749  1.00 38.03 ? 89  LYS A CE  1 
ATOM   709  N NZ  . LYS A 1 89  ? -7.067  -10.508 11.051  1.00 39.34 ? 89  LYS A NZ  1 
ATOM   710  N N   . LEU A 1 90  ? -3.698  -7.429  6.498   1.00 16.32 ? 90  LEU A N   1 
ATOM   711  C CA  . LEU A 1 90  ? -2.874  -7.770  5.311   1.00 14.61 ? 90  LEU A CA  1 
ATOM   712  C C   . LEU A 1 90  ? -2.742  -9.288  5.198   1.00 15.71 ? 90  LEU A C   1 
ATOM   713  O O   . LEU A 1 90  ? -2.457  -9.947  6.221   1.00 15.41 ? 90  LEU A O   1 
ATOM   714  C CB  . LEU A 1 90  ? -1.486  -7.129  5.382   1.00 13.42 ? 90  LEU A CB  1 
ATOM   715  C CG  . LEU A 1 90  ? -1.432  -5.602  5.330   1.00 13.18 ? 90  LEU A CG  1 
ATOM   716  C CD1 . LEU A 1 90  ? -0.028  -5.157  5.052   1.00 12.71 ? 90  LEU A CD1 1 
ATOM   717  C CD2 . LEU A 1 90  ? -2.359  -5.025  4.294   1.00 12.24 ? 90  LEU A CD2 1 
ATOM   718  N N   . LYS A 1 91  ? -2.966  -9.812  3.991   1.00 15.17 ? 91  LYS A N   1 
ATOM   719  C CA  . LYS A 1 91  ? -2.766  -11.234 3.638   1.00 17.36 ? 91  LYS A CA  1 
ATOM   720  C C   . LYS A 1 91  ? -1.391  -11.418 3.006   1.00 16.07 ? 91  LYS A C   1 
ATOM   721  O O   . LYS A 1 91  ? -0.907  -12.532 3.000   1.00 15.76 ? 91  LYS A O   1 
ATOM   722  C CB  . LYS A 1 91  ? -3.871  -11.699 2.688   1.00 19.01 ? 91  LYS A CB  1 
ATOM   723  C CG  . LYS A 1 91  ? -5.266  -11.655 3.300   1.00 25.05 ? 91  LYS A CG  1 
ATOM   724  C CD  . LYS A 1 91  ? -5.451  -12.760 4.331   1.00 32.23 ? 91  LYS A CD  1 
ATOM   725  C CE  . LYS A 1 91  ? -6.858  -12.883 4.884   1.00 35.79 ? 91  LYS A CE  1 
ATOM   726  N NZ  . LYS A 1 91  ? -6.957  -12.324 6.257   1.00 37.98 ? 91  LYS A NZ  1 
ATOM   727  N N   . CYS A 1 92  ? -0.797  -10.356 2.457   1.00 14.24 ? 92  CYS A N   1 
ATOM   728  C CA  . CYS A 1 92  ? 0.374   -10.462 1.553   1.00 14.04 ? 92  CYS A CA  1 
ATOM   729  C C   . CYS A 1 92  ? 0.951   -9.077  1.309   1.00 12.50 ? 92  CYS A C   1 
ATOM   730  O O   . CYS A 1 92  ? 0.230   -8.071  1.596   1.00 11.77 ? 92  CYS A O   1 
ATOM   731  C CB  . CYS A 1 92  ? -0.021  -11.060 0.213   1.00 15.97 ? 92  CYS A CB  1 
ATOM   732  S SG  . CYS A 1 92  ? -1.378  -10.143 -0.545  1.00 17.03 ? 92  CYS A SG  1 
ATOM   733  N N   . VAL A 1 93  ? 2.170   -9.034  0.792   1.00 11.37 ? 93  VAL A N   1 
ATOM   734  C CA  . VAL A 1 93  ? 2.747   -7.814  0.166   1.00 11.21 ? 93  VAL A CA  1 
ATOM   735  C C   . VAL A 1 93  ? 3.080   -8.210  -1.256  1.00 10.23 ? 93  VAL A C   1 
ATOM   736  O O   . VAL A 1 93  ? 3.492   -9.344  -1.499  1.00 11.22 ? 93  VAL A O   1 
ATOM   737  C CB  . VAL A 1 93  ? 3.963   -7.258  0.928   1.00 11.03 ? 93  VAL A CB  1 
ATOM   738  C CG1 . VAL A 1 93  ? 3.518   -6.642  2.269   1.00 11.67 ? 93  VAL A CG1 1 
ATOM   739  C CG2 . VAL A 1 93  ? 5.044   -8.330  1.191   1.00 11.83 ? 93  VAL A CG2 1 
ATOM   740  N N   . PRO A 1 94  ? 2.915   -7.321  -2.243  1.00 9.19  ? 94  PRO A N   1 
ATOM   741  C CA  . PRO A 1 94  ? 2.320   -6.003  -2.043  1.00 9.03  ? 94  PRO A CA  1 
ATOM   742  C C   . PRO A 1 94  ? 0.806   -6.103  -1.798  1.00 10.12 ? 94  PRO A C   1 
ATOM   743  O O   . PRO A 1 94  ? 0.163   -6.994  -2.313  1.00 9.51  ? 94  PRO A O   1 
ATOM   744  C CB  . PRO A 1 94  ? 2.649   -5.312  -3.369  1.00 9.07  ? 94  PRO A CB  1 
ATOM   745  C CG  . PRO A 1 94  ? 2.699   -6.417  -4.407  1.00 9.12  ? 94  PRO A CG  1 
ATOM   746  C CD  . PRO A 1 94  ? 3.300   -7.560  -3.645  1.00 8.83  ? 94  PRO A CD  1 
ATOM   747  N N   . THR A 1 95  ? 0.268   -5.138  -1.052  1.00 9.84  ? 95  THR A N   1 
ATOM   748  C CA  . THR A 1 95  ? -1.167  -4.842  -0.982  1.00 10.18 ? 95  THR A CA  1 
ATOM   749  C C   . THR A 1 95  ? -1.309  -3.349  -1.232  1.00 9.96  ? 95  THR A C   1 
ATOM   750  O O   . THR A 1 95  ? -0.660  -2.540  -0.536  1.00 8.42  ? 95  THR A O   1 
ATOM   751  C CB  . THR A 1 95  ? -1.810  -5.236  0.352   1.00 9.81  ? 95  THR A CB  1 
ATOM   752  O OG1 . THR A 1 95  ? -1.766  -6.647  0.600   1.00 10.22 ? 95  THR A OG1 1 
ATOM   753  C CG2 . THR A 1 95  ? -3.242  -4.755  0.397   1.00 10.23 ? 95  THR A CG2 1 
ATOM   754  N N   . LEU A 1 96  ? -2.165  -3.001  -2.175  1.00 10.20 ? 96  LEU A N   1 
ATOM   755  C CA  . LEU A 1 96  ? -2.725  -1.642  -2.286  1.00 10.63 ? 96  LEU A CA  1 
ATOM   756  C C   . LEU A 1 96  ? -4.085  -1.609  -1.595  1.00 11.57 ? 96  LEU A C   1 
ATOM   757  O O   . LEU A 1 96  ? -4.913  -2.506  -1.856  1.00 11.09 ? 96  LEU A O   1 
ATOM   758  C CB  . LEU A 1 96  ? -2.912  -1.303  -3.763  1.00 12.22 ? 96  LEU A CB  1 
ATOM   759  C CG  . LEU A 1 96  ? -1.679  -0.838  -4.493  1.00 12.88 ? 96  LEU A CG  1 
ATOM   760  C CD1 . LEU A 1 96  ? -1.903  -0.989  -5.991  1.00 14.69 ? 96  LEU A CD1 1 
ATOM   761  C CD2 . LEU A 1 96  ? -1.365  0.613   -4.112  1.00 14.18 ? 96  LEU A CD2 1 
ATOM   762  N N   . LEU A 1 97  ? -4.311  -0.633  -0.720  1.00 12.00 ? 97  LEU A N   1 
ATOM   763  C CA  . LEU A 1 97  ? -5.582  -0.608  0.074   1.00 12.98 ? 97  LEU A CA  1 
ATOM   764  C C   . LEU A 1 97  ? -5.985  0.840   0.245   1.00 13.12 ? 97  LEU A C   1 
ATOM   765  O O   . LEU A 1 97  ? -5.105  1.670   0.432   1.00 14.69 ? 97  LEU A O   1 
ATOM   766  C CB  . LEU A 1 97  ? -5.319  -1.296  1.416   1.00 13.83 ? 97  LEU A CB  1 
ATOM   767  C CG  . LEU A 1 97  ? -6.419  -1.295  2.480   1.00 14.78 ? 97  LEU A CG  1 
ATOM   768  C CD1 . LEU A 1 97  ? -7.669  -2.005  1.984   1.00 16.12 ? 97  LEU A CD1 1 
ATOM   769  C CD2 . LEU A 1 97  ? -5.889  -1.973  3.754   1.00 16.02 ? 97  LEU A CD2 1 
ATOM   770  N N   . LYS A 1 98  ? -7.283  1.120   0.181   1.00 13.50 ? 98  LYS A N   1 
ATOM   771  C CA  . LYS A 1 98  ? -7.839  2.355   0.780   1.00 16.01 ? 98  LYS A CA  1 
ATOM   772  C C   . LYS A 1 98  ? -8.374  1.948   2.146   1.00 17.55 ? 98  LYS A C   1 
ATOM   773  O O   . LYS A 1 98  ? -9.443  1.322   2.231   1.00 18.20 ? 98  LYS A O   1 
ATOM   774  C CB  . LYS A 1 98  ? -8.918  2.978   -0.109  1.00 17.35 ? 98  LYS A CB  1 
ATOM   775  C CG  . LYS A 1 98  ? -9.502  4.250   0.493   1.00 22.21 ? 98  LYS A CG  1 
ATOM   776  C CD  . LYS A 1 98  ? -10.166 5.143   -0.486  1.00 24.87 ? 98  LYS A CD  1 
ATOM   777  C CE  . LYS A 1 98  ? -10.540 6.454   0.171   1.00 29.22 ? 98  LYS A CE  1 
ATOM   778  N NZ  . LYS A 1 98  ? -11.973 6.761   -0.017  1.00 30.92 ? 98  LYS A NZ  1 
ATOM   779  N N   . PRO A 1 99  ? -7.643  2.202   3.252   1.00 17.35 ? 99  PRO A N   1 
ATOM   780  C CA  . PRO A 1 99  ? -8.045  1.636   4.544   1.00 19.30 ? 99  PRO A CA  1 
ATOM   781  C C   . PRO A 1 99  ? -9.505  1.972   4.895   1.00 20.31 ? 99  PRO A C   1 
ATOM   782  O O   . PRO A 1 99  ? -9.932  3.065   4.586   1.00 20.17 ? 99  PRO A O   1 
ATOM   783  C CB  . PRO A 1 99  ? -7.088  2.211   5.597   1.00 21.42 ? 99  PRO A CB  1 
ATOM   784  C CG  . PRO A 1 99  ? -6.000  2.948   4.804   1.00 20.43 ? 99  PRO A CG  1 
ATOM   785  C CD  . PRO A 1 99  ? -6.423  3.028   3.348   1.00 18.41 ? 99  PRO A CD  1 
ATOM   786  N N   . GLY A 1 100 ? -10.229 0.981   5.419   1.00 20.79 ? 100 GLY A N   1 
ATOM   787  C CA  . GLY A 1 100 ? -11.671 1.064   5.766   1.00 23.01 ? 100 GLY A CA  1 
ATOM   788  C C   . GLY A 1 100 ? -12.606 0.916   4.567   1.00 25.12 ? 100 GLY A C   1 
ATOM   789  O O   . GLY A 1 100 ? -13.810 1.193   4.729   1.00 25.09 ? 100 GLY A O   1 
ATOM   790  N N   . THR A 1 101 ? -12.108 0.532   3.387   1.00 22.84 ? 101 THR A N   1 
ATOM   791  C CA  . THR A 1 101 ? -12.925 0.236   2.178   1.00 22.05 ? 101 THR A CA  1 
ATOM   792  C C   . THR A 1 101 ? -12.508 -1.128  1.648   1.00 23.69 ? 101 THR A C   1 
ATOM   793  O O   . THR A 1 101 ? -11.432 -1.622  1.986   1.00 22.80 ? 101 THR A O   1 
ATOM   794  C CB  . THR A 1 101 ? -12.757 1.286   1.068   1.00 22.55 ? 101 THR A CB  1 
ATOM   795  O OG1 . THR A 1 101 ? -11.520 0.979   0.408   1.00 20.05 ? 101 THR A OG1 1 
ATOM   796  C CG2 . THR A 1 101 ? -12.769 2.718   1.561   1.00 22.71 ? 101 THR A CG2 1 
ATOM   797  N N   . PRO A 1 102 ? -13.351 -1.789  0.824   1.00 23.58 ? 102 PRO A N   1 
ATOM   798  C CA  . PRO A 1 102 ? -12.942 -3.018  0.157   1.00 23.00 ? 102 PRO A CA  1 
ATOM   799  C C   . PRO A 1 102 ? -12.077 -2.720  -1.073  1.00 20.70 ? 102 PRO A C   1 
ATOM   800  O O   . PRO A 1 102 ? -11.792 -3.648  -1.760  1.00 20.86 ? 102 PRO A O   1 
ATOM   801  C CB  . PRO A 1 102 ? -14.284 -3.666  -0.237  1.00 23.79 ? 102 PRO A CB  1 
ATOM   802  C CG  . PRO A 1 102 ? -15.189 -2.466  -0.479  1.00 23.28 ? 102 PRO A CG  1 
ATOM   803  C CD  . PRO A 1 102 ? -14.756 -1.442  0.549   1.00 23.97 ? 102 PRO A CD  1 
ATOM   804  N N   . GLN A 1 103 ? -11.651 -1.466  -1.263  1.00 18.06 ? 103 GLN A N   1 
ATOM   805  C CA  . GLN A 1 103 ? -10.732 -1.129  -2.384  1.00 18.28 ? 103 GLN A CA  1 
ATOM   806  C C   . GLN A 1 103 ? -9.369  -1.740  -2.037  1.00 17.09 ? 103 GLN A C   1 
ATOM   807  O O   . GLN A 1 103 ? -8.610  -1.098  -1.284  1.00 14.84 ? 103 GLN A O   1 
ATOM   808  C CB  . GLN A 1 103 ? -10.636 0.387   -2.560  1.00 20.53 ? 103 GLN A CB  1 
ATOM   809  C CG  . GLN A 1 103 ? -11.937 1.032   -3.016  1.00 21.41 ? 103 GLN A CG  1 
ATOM   810  C CD  . GLN A 1 103 ? -12.543 0.323   -4.202  1.00 22.58 ? 103 GLN A CD  1 
ATOM   811  O OE1 . GLN A 1 103 ? -11.954 0.259   -5.279  1.00 24.08 ? 103 GLN A OE1 1 
ATOM   812  N NE2 . GLN A 1 103 ? -13.734 -0.220  -4.011  1.00 24.22 ? 103 GLN A NE2 1 
ATOM   813  N N   . ARG A 1 104 ? -9.082  -2.933  -2.568  1.00 17.86 ? 104 ARG A N   1 
ATOM   814  C CA  . ARG A 1 104 ? -7.836  -3.678  -2.233  1.00 16.86 ? 104 ARG A CA  1 
ATOM   815  C C   . ARG A 1 104 ? -7.308  -4.421  -3.462  1.00 15.28 ? 104 ARG A C   1 
ATOM   816  O O   . ARG A 1 104 ? -8.086  -5.096  -4.166  1.00 16.19 ? 104 ARG A O   1 
ATOM   817  C CB  . ARG A 1 104 ? -8.068  -4.606  -1.043  1.00 17.12 ? 104 ARG A CB  1 
ATOM   818  C CG  . ARG A 1 104 ? -6.858  -5.449  -0.659  1.00 17.25 ? 104 ARG A CG  1 
ATOM   819  C CD  . ARG A 1 104 ? -7.131  -6.399  0.483   1.00 18.34 ? 104 ARG A CD  1 
ATOM   820  N NE  . ARG A 1 104 ? -7.726  -5.765  1.650   1.00 16.99 ? 104 ARG A NE  1 
ATOM   821  C CZ  . ARG A 1 104 ? -7.174  -5.707  2.869   1.00 16.17 ? 104 ARG A CZ  1 
ATOM   822  N NH1 . ARG A 1 104 ? -5.985  -6.233  3.107   1.00 15.40 ? 104 ARG A NH1 1 
ATOM   823  N NH2 . ARG A 1 104 ? -7.811  -5.075  3.847   1.00 16.94 ? 104 ARG A NH2 1 
ATOM   824  N N   . LEU A 1 105 ? -5.991  -4.378  -3.666  1.00 14.01 ? 105 LEU A N   1 
ATOM   825  C CA  . LEU A 1 105 ? -5.306  -5.179  -4.717  1.00 12.70 ? 105 LEU A CA  1 
ATOM   826  C C   . LEU A 1 105 ? -4.111  -5.868  -4.080  1.00 12.33 ? 105 LEU A C   1 
ATOM   827  O O   . LEU A 1 105 ? -3.533  -5.311  -3.140  1.00 10.21 ? 105 LEU A O   1 
ATOM   828  C CB  . LEU A 1 105 ? -4.849  -4.313  -5.888  1.00 12.60 ? 105 LEU A CB  1 
ATOM   829  C CG  . LEU A 1 105 ? -5.939  -3.632  -6.691  1.00 13.64 ? 105 LEU A CG  1 
ATOM   830  C CD1 . LEU A 1 105 ? -5.284  -2.717  -7.698  1.00 14.19 ? 105 LEU A CD1 1 
ATOM   831  C CD2 . LEU A 1 105 ? -6.826  -4.668  -7.358  1.00 13.72 ? 105 LEU A CD2 1 
ATOM   832  N N   . GLU A 1 106 ? -3.881  -7.113  -4.478  1.00 11.09 ? 106 GLU A N   1 
ATOM   833  C CA  . GLU A 1 106 ? -2.855  -7.982  -3.845  1.00 11.63 ? 106 GLU A CA  1 
ATOM   834  C C   . GLU A 1 106 ? -1.931  -8.563  -4.916  1.00 11.73 ? 106 GLU A C   1 
ATOM   835  O O   . GLU A 1 106 ? -2.436  -8.996  -5.941  1.00 11.39 ? 106 GLU A O   1 
ATOM   836  C CB  . GLU A 1 106 ? -3.548  -9.074  -3.028  1.00 12.88 ? 106 GLU A CB  1 
ATOM   837  C CG  . GLU A 1 106 ? -4.220  -8.561  -1.755  1.00 14.26 ? 106 GLU A CG  1 
ATOM   838  C CD  . GLU A 1 106 ? -5.104  -9.588  -1.066  1.00 16.20 ? 106 GLU A CD  1 
ATOM   839  O OE1 . GLU A 1 106 ? -5.694  -10.448 -1.798  1.00 17.87 ? 106 GLU A OE1 1 
ATOM   840  O OE2 . GLU A 1 106 ? -5.274  -9.496  0.165   1.00 14.57 ? 106 GLU A OE2 1 
ATOM   841  N N   . GLU A 1 107 ? -0.622  -8.669  -4.644  1.00 10.96 ? 107 GLU A N   1 
ATOM   842  C CA  . GLU A 1 107 ? 0.285   -9.547  -5.408  1.00 11.61 ? 107 GLU A CA  1 
ATOM   843  C C   . GLU A 1 107 ? 0.297   -9.080  -6.877  1.00 12.59 ? 107 GLU A C   1 
ATOM   844  O O   . GLU A 1 107 ? 0.568   -7.871  -7.102  1.00 11.24 ? 107 GLU A O   1 
ATOM   845  C CB  . GLU A 1 107 ? -0.096  -11.005 -5.133  1.00 14.09 ? 107 GLU A CB  1 
ATOM   846  C CG  . GLU A 1 107 ? 0.264   -11.445 -3.705  1.00 16.47 ? 107 GLU A CG  1 
ATOM   847  C CD  . GLU A 1 107 ? -0.357  -12.768 -3.241  1.00 17.51 ? 107 GLU A CD  1 
ATOM   848  O OE1 . GLU A 1 107 ? -1.360  -13.192 -3.826  1.00 24.64 ? 107 GLU A OE1 1 
ATOM   849  O OE2 . GLU A 1 107 ? 0.152   -13.354 -2.263  1.00 20.95 ? 107 GLU A OE2 1 
ATOM   850  N N   . GLU A 1 108 ? 0.024   -9.973  -7.836  1.00 11.65 ? 108 GLU A N   1 
ATOM   851  C CA  . GLU A 1 108 ? 0.123   -9.635  -9.287  1.00 12.41 ? 108 GLU A CA  1 
ATOM   852  C C   . GLU A 1 108 ? -0.843  -8.500  -9.664  1.00 11.68 ? 108 GLU A C   1 
ATOM   853  O O   . GLU A 1 108 ? -0.532  -7.833  -10.649 1.00 12.09 ? 108 GLU A O   1 
ATOM   854  C CB  . GLU A 1 108 ? -0.133  -10.870 -10.168 1.00 14.49 ? 108 GLU A CB  1 
ATOM   855  C CG  . GLU A 1 108 ? -1.553  -11.450 -10.135 1.00 16.71 ? 108 GLU A CG  1 
ATOM   856  C CD  . GLU A 1 108 ? -2.098  -12.115 -8.872  1.00 19.91 ? 108 GLU A CD  1 
ATOM   857  O OE1 . GLU A 1 108 ? -1.340  -12.356 -7.916  1.00 18.45 ? 108 GLU A OE1 1 
ATOM   858  O OE2 . GLU A 1 108 ? -3.310  -12.403 -8.838  1.00 26.57 ? 108 GLU A OE2 1 
ATOM   859  N N   . GLN A 1 109 ? -1.933  -8.303  -8.928  1.00 12.15 ? 109 GLN A N   1 
ATOM   860  C CA  . GLN A 1 109 ? -2.972  -7.264  -9.243  1.00 12.57 ? 109 GLN A CA  1 
ATOM   861  C C   . GLN A 1 109 ? -2.334  -5.887  -9.109  1.00 12.39 ? 109 GLN A C   1 
ATOM   862  O O   . GLN A 1 109 ? -2.740  -4.948  -9.815  1.00 13.71 ? 109 GLN A O   1 
ATOM   863  C CB  . GLN A 1 109 ? -4.149  -7.338  -8.269  1.00 14.90 ? 109 GLN A CB  1 
ATOM   864  C CG  . GLN A 1 109 ? -4.959  -8.617  -8.377  1.00 14.84 ? 109 GLN A CG  1 
ATOM   865  C CD  . GLN A 1 109 ? -6.076  -8.636  -7.363  1.00 16.79 ? 109 GLN A CD  1 
ATOM   866  O OE1 . GLN A 1 109 ? -5.942  -8.181  -6.217  1.00 16.63 ? 109 GLN A OE1 1 
ATOM   867  N NE2 . GLN A 1 109 ? -7.238  -9.088  -7.823  1.00 14.69 ? 109 GLN A NE2 1 
ATOM   868  N N   . CYS A 1 110 ? -1.334  -5.756  -8.229  1.00 11.38 ? 110 CYS A N   1 
ATOM   869  C CA  . CYS A 1 110 ? -0.661  -4.461  -8.015  1.00 11.12 ? 110 CYS A CA  1 
ATOM   870  C C   . CYS A 1 110 ? 0.222   -4.082  -9.198  1.00 12.24 ? 110 CYS A C   1 
ATOM   871  O O   . CYS A 1 110 ? 0.673   -2.953  -9.231  1.00 12.91 ? 110 CYS A O   1 
ATOM   872  C CB  . CYS A 1 110 ? 0.160   -4.425  -6.739  1.00 10.79 ? 110 CYS A CB  1 
ATOM   873  S SG  . CYS A 1 110 ? -0.856  -4.653  -5.265  1.00 11.16 ? 110 CYS A SG  1 
ATOM   874  N N   . ALA A 1 111 ? 0.460   -4.990  -10.151 1.00 13.11 ? 111 ALA A N   1 
ATOM   875  C CA  . ALA A 1 111 ? 1.291   -4.724  -11.341 1.00 12.87 ? 111 ALA A CA  1 
ATOM   876  C C   . ALA A 1 111 ? 0.420   -4.620  -12.602 1.00 13.92 ? 111 ALA A C   1 
ATOM   877  O O   . ALA A 1 111 ? 0.994   -4.659  -13.722 1.00 16.41 ? 111 ALA A O   1 
ATOM   878  C CB  . ALA A 1 111 ? 2.279   -5.835  -11.495 1.00 14.51 ? 111 ALA A CB  1 
ATOM   879  N N   . ASP A 1 112 ? -0.892  -4.589  -12.428 1.00 14.74 ? 112 ASP A N   1 
ATOM   880  C CA  . ASP A 1 112 ? -1.882  -4.567  -13.537 1.00 17.46 ? 112 ASP A CA  1 
ATOM   881  C C   . ASP A 1 112 ? -2.332  -3.111  -13.739 1.00 18.34 ? 112 ASP A C   1 
ATOM   882  O O   . ASP A 1 112 ? -2.948  -2.588  -12.838 1.00 17.23 ? 112 ASP A O   1 
ATOM   883  C CB  . ASP A 1 112 ? -3.039  -5.494  -13.207 1.00 18.52 ? 112 ASP A CB  1 
ATOM   884  C CG  . ASP A 1 112 ? -4.045  -5.650  -14.322 1.00 22.15 ? 112 ASP A CG  1 
ATOM   885  O OD1 . ASP A 1 112 ? -4.664  -4.653  -14.712 1.00 22.07 ? 112 ASP A OD1 1 
ATOM   886  O OD2 . ASP A 1 112 ? -4.251  -6.790  -14.726 1.00 30.64 ? 112 ASP A OD2 1 
ATOM   887  N N   . ASP A 1 113 ? -2.070  -2.499  -14.896 1.00 18.67 ? 113 ASP A N   1 
ATOM   888  C CA  . ASP A 1 113 ? -2.397  -1.055  -15.116 1.00 21.22 ? 113 ASP A CA  1 
ATOM   889  C C   . ASP A 1 113 ? -3.897  -0.808  -14.925 1.00 23.08 ? 113 ASP A C   1 
ATOM   890  O O   . ASP A 1 113 ? -4.245  0.146   -14.217 1.00 22.38 ? 113 ASP A O   1 
ATOM   891  C CB  . ASP A 1 113 ? -1.919  -0.550  -16.476 1.00 22.12 ? 113 ASP A CB  1 
ATOM   892  C CG  . ASP A 1 113 ? -0.439  -0.239  -16.485 1.00 21.44 ? 113 ASP A CG  1 
ATOM   893  O OD1 . ASP A 1 113 ? 0.341   -1.176  -16.661 1.00 23.52 ? 113 ASP A OD1 1 
ATOM   894  O OD2 . ASP A 1 113 ? -0.063  0.932   -16.276 1.00 26.32 ? 113 ASP A OD2 1 
ATOM   895  N N   . ASN A 1 114 ? -4.767  -1.622  -15.525 1.00 25.28 ? 114 ASN A N   1 
ATOM   896  C CA  . ASN A 1 114 ? -6.240  -1.390  -15.495 1.00 25.30 ? 114 ASN A CA  1 
ATOM   897  C C   . ASN A 1 114 ? -6.758  -1.509  -14.058 1.00 22.11 ? 114 ASN A C   1 
ATOM   898  O O   . ASN A 1 114 ? -7.536  -0.656  -13.619 1.00 21.75 ? 114 ASN A O   1 
ATOM   899  C CB  . ASN A 1 114 ? -7.011  -2.346  -16.413 1.00 29.83 ? 114 ASN A CB  1 
ATOM   900  C CG  . ASN A 1 114 ? -7.000  -1.920  -17.863 1.00 35.37 ? 114 ASN A CG  1 
ATOM   901  O OD1 . ASN A 1 114 ? -6.836  -0.739  -18.165 1.00 39.71 ? 114 ASN A OD1 1 
ATOM   902  N ND2 . ASN A 1 114 ? -7.142  -2.876  -18.769 1.00 39.03 ? 114 ASN A ND2 1 
ATOM   903  N N   . LEU A 1 115 ? -6.304  -2.517  -13.319 1.00 19.31 ? 115 LEU A N   1 
ATOM   904  C CA  . LEU A 1 115 ? -6.688  -2.693  -11.897 1.00 18.43 ? 115 LEU A CA  1 
ATOM   905  C C   . LEU A 1 115 ? -6.181  -1.509  -11.071 1.00 16.67 ? 115 LEU A C   1 
ATOM   906  O O   . LEU A 1 115 ? -6.965  -1.007  -10.265 1.00 17.59 ? 115 LEU A O   1 
ATOM   907  C CB  . LEU A 1 115 ? -6.126  -4.013  -11.369 1.00 18.39 ? 115 LEU A CB  1 
ATOM   908  C CG  . LEU A 1 115 ? -6.760  -5.254  -11.983 1.00 19.03 ? 115 LEU A CG  1 
ATOM   909  C CD1 . LEU A 1 115 ? -6.287  -6.505  -11.287 1.00 18.48 ? 115 LEU A CD1 1 
ATOM   910  C CD2 . LEU A 1 115 ? -8.266  -5.168  -11.895 1.00 21.00 ? 115 LEU A CD2 1 
ATOM   911  N N   . VAL A 1 116 ? -4.942  -1.083  -11.261 1.00 16.56 ? 116 VAL A N   1 
ATOM   912  C CA  . VAL A 1 116 ? -4.364  0.000   -10.408 1.00 15.64 ? 116 VAL A CA  1 
ATOM   913  C C   . VAL A 1 116 ? -5.070  1.334   -10.715 1.00 15.49 ? 116 VAL A C   1 
ATOM   914  O O   . VAL A 1 116 ? -5.417  2.034   -9.779  1.00 15.05 ? 116 VAL A O   1 
ATOM   915  C CB  . VAL A 1 116 ? -2.843  0.095   -10.532 1.00 15.52 ? 116 VAL A CB  1 
ATOM   916  C CG1 . VAL A 1 116 ? -2.328  1.315   -9.809  1.00 15.51 ? 116 VAL A CG1 1 
ATOM   917  C CG2 . VAL A 1 116 ? -2.165  -1.185  -10.040 1.00 14.92 ? 116 VAL A CG2 1 
ATOM   918  N N   . GLN A 1 117 ? -5.401  1.606   -11.974 1.00 18.74 ? 117 GLN A N   1 
ATOM   919  C CA  . GLN A 1 117 ? -6.291  2.747   -12.344 1.00 21.94 ? 117 GLN A CA  1 
ATOM   920  C C   . GLN A 1 117 ? -7.635  2.650   -11.624 1.00 22.65 ? 117 GLN A C   1 
ATOM   921  O O   . GLN A 1 117 ? -8.030  3.629   -11.012 1.00 22.99 ? 117 GLN A O   1 
ATOM   922  C CB  . GLN A 1 117 ? -6.475  2.793   -13.861 1.00 26.99 ? 117 GLN A CB  1 
ATOM   923  C CG  . GLN A 1 117 ? -7.546  3.774   -14.297 1.00 28.98 ? 117 GLN A CG  1 
ATOM   924  C CD  . GLN A 1 117 ? -7.525  3.978   -15.791 1.00 33.90 ? 117 GLN A CD  1 
ATOM   925  O OE1 . GLN A 1 117 ? -6.837  3.270   -16.535 1.00 37.51 ? 117 GLN A OE1 1 
ATOM   926  N NE2 . GLN A 1 117 ? -8.299  4.960   -16.232 1.00 37.32 ? 117 GLN A NE2 1 
ATOM   927  N N   . MET A 1 118 ? -8.326  1.502   -11.688 1.00 24.67 ? 118 MET A N   1 
ATOM   928  C CA  . MET A 1 118 ? -9.640  1.311   -11.025 1.00 24.42 ? 118 MET A CA  1 
ATOM   929  C C   . MET A 1 118 ? -9.503  1.523   -9.519  1.00 23.71 ? 118 MET A C   1 
ATOM   930  O O   . MET A 1 118 ? -10.441 2.073   -8.883  1.00 19.61 ? 118 MET A O   1 
ATOM   931  C CB  . MET A 1 118 ? -10.203 -0.097  -11.262 1.00 28.42 ? 118 MET A CB  1 
ATOM   932  C CG  . MET A 1 118 ? -10.651 -0.347  -12.672 1.00 35.74 ? 118 MET A CG  1 
ATOM   933  S SD  . MET A 1 118 ? -11.248 -2.054  -12.848 1.00 44.95 ? 118 MET A SD  1 
ATOM   934  C CE  . MET A 1 118 ? -12.602 -2.020  -11.676 1.00 43.27 ? 118 MET A CE  1 
ATOM   935  N N   . PHE A 1 119 ? -8.402  1.039   -8.926  1.00 19.73 ? 119 PHE A N   1 
ATOM   936  C CA  . PHE A 1 119 ? -8.147  1.187   -7.481  1.00 18.33 ? 119 PHE A CA  1 
ATOM   937  C C   . PHE A 1 119 ? -8.156  2.677   -7.104  1.00 18.71 ? 119 PHE A C   1 
ATOM   938  O O   . PHE A 1 119 ? -8.828  3.063   -6.121  1.00 20.74 ? 119 PHE A O   1 
ATOM   939  C CB  . PHE A 1 119 ? -6.813  0.548   -7.106  1.00 18.09 ? 119 PHE A CB  1 
ATOM   940  C CG  . PHE A 1 119 ? -6.306  0.922   -5.740  1.00 16.37 ? 119 PHE A CG  1 
ATOM   941  C CD1 . PHE A 1 119 ? -6.854  0.351   -4.609  1.00 16.10 ? 119 PHE A CD1 1 
ATOM   942  C CD2 . PHE A 1 119 ? -5.265  1.823   -5.582  1.00 16.96 ? 119 PHE A CD2 1 
ATOM   943  C CE1 . PHE A 1 119 ? -6.411  0.698   -3.342  1.00 16.84 ? 119 PHE A CE1 1 
ATOM   944  C CE2 . PHE A 1 119 ? -4.783  2.131   -4.317  1.00 15.93 ? 119 PHE A CE2 1 
ATOM   945  C CZ  . PHE A 1 119 ? -5.343  1.555   -3.190  1.00 17.29 ? 119 PHE A CZ  1 
ATOM   946  N N   . PHE A 1 120 ? -7.368  3.476   -7.811  1.00 18.24 ? 120 PHE A N   1 
ATOM   947  C CA  . PHE A 1 120 ? -7.177  4.905   -7.464  1.00 17.84 ? 120 PHE A CA  1 
ATOM   948  C C   . PHE A 1 120 ? -8.488  5.648   -7.726  1.00 18.45 ? 120 PHE A C   1 
ATOM   949  O O   . PHE A 1 120 ? -8.686  6.701   -7.094  1.00 20.37 ? 120 PHE A O   1 
ATOM   950  C CB  . PHE A 1 120 ? -6.004  5.506   -8.233  1.00 17.65 ? 120 PHE A CB  1 
ATOM   951  C CG  . PHE A 1 120 ? -4.680  5.190   -7.591  1.00 17.87 ? 120 PHE A CG  1 
ATOM   952  C CD1 . PHE A 1 120 ? -4.428  5.517   -6.262  1.00 16.67 ? 120 PHE A CD1 1 
ATOM   953  C CD2 . PHE A 1 120 ? -3.701  4.551   -8.315  1.00 17.41 ? 120 PHE A CD2 1 
ATOM   954  C CE1 . PHE A 1 120 ? -3.206  5.209   -5.680  1.00 17.03 ? 120 PHE A CE1 1 
ATOM   955  C CE2 . PHE A 1 120 ? -2.501  4.207   -7.719  1.00 16.44 ? 120 PHE A CE2 1 
ATOM   956  C CZ  . PHE A 1 120 ? -2.248  4.557   -6.414  1.00 17.17 ? 120 PHE A CZ  1 
ATOM   957  N N   . GLN A 1 121 ? -9.341  5.091   -8.584  1.00 21.37 ? 121 GLN A N   1 
ATOM   958  C CA  . GLN A 1 121 ? -10.679 5.673   -8.911  1.00 22.05 ? 121 GLN A CA  1 
ATOM   959  C C   . GLN A 1 121 ? -11.788 5.096   -8.043  1.00 22.09 ? 121 GLN A C   1 
ATOM   960  O O   . GLN A 1 121 ? -12.894 5.609   -8.184  1.00 21.55 ? 121 GLN A O   1 
ATOM   961  C CB  . GLN A 1 121 ? -10.948 5.531   -10.393 1.00 25.63 ? 121 GLN A CB  1 
ATOM   962  C CG  . GLN A 1 121 ? -9.991  6.390   -11.209 1.00 29.40 ? 121 GLN A CG  1 
ATOM   963  C CD  . GLN A 1 121 ? -10.218 6.232   -12.687 1.00 32.56 ? 121 GLN A CD  1 
ATOM   964  O OE1 . GLN A 1 121 ? -10.899 5.311   -13.133 1.00 39.80 ? 121 GLN A OE1 1 
ATOM   965  N NE2 . GLN A 1 121 ? -9.614  7.116   -13.457 1.00 36.11 ? 121 GLN A NE2 1 
ATOM   966  N N   . GLU A 1 122 ? -11.474 4.193   -7.115  1.00 19.53 ? 122 GLU A N   1 
ATOM   967  C CA  . GLU A 1 122 ? -12.430 3.523   -6.186  1.00 22.94 ? 122 GLU A CA  1 
ATOM   968  C C   . GLU A 1 122 ? -13.560 2.866   -6.981  1.00 22.92 ? 122 GLU A C   1 
ATOM   969  O O   . GLU A 1 122 ? -14.738 2.941   -6.536  1.00 26.24 ? 122 GLU A O   1 
ATOM   970  C CB  . GLU A 1 122 ? -12.926 4.527   -5.151  1.00 23.36 ? 122 GLU A CB  1 
ATOM   971  C CG  . GLU A 1 122 ? -11.771 5.137   -4.398  1.00 26.65 ? 122 GLU A CG  1 
ATOM   972  C CD  . GLU A 1 122 ? -12.226 6.168   -3.394  1.00 28.51 ? 122 GLU A CD  1 
ATOM   973  O OE1 . GLU A 1 122 ? -12.942 5.770   -2.419  1.00 29.66 ? 122 GLU A OE1 1 
ATOM   974  O OE2 . GLU A 1 122 ? -11.856 7.346   -3.599  1.00 25.22 ? 122 GLU A OE2 1 
ATOM   975  N N   . GLU A 1 123 ? -13.188 2.196   -8.073  1.00 22.08 ? 123 GLU A N   1 
ATOM   976  C CA  . GLU A 1 123 ? -14.118 1.580   -9.058  1.00 23.86 ? 123 GLU A CA  1 
ATOM   977  C C   . GLU A 1 123 ? -14.037 0.046   -9.035  1.00 27.41 ? 123 GLU A C   1 
ATOM   978  O O   . GLU A 1 123 ? -14.739 -0.592  -9.863  1.00 25.95 ? 123 GLU A O   1 
ATOM   979  C CB  . GLU A 1 123 ? -13.827 2.146   -10.438 1.00 23.38 ? 123 GLU A CB  1 
ATOM   980  C CG  . GLU A 1 123 ? -14.395 3.542   -10.608 1.00 26.12 ? 123 GLU A CG  1 
ATOM   981  C CD  . GLU A 1 123 ? -14.225 4.169   -11.971 1.00 26.83 ? 123 GLU A CD  1 
ATOM   982  O OE1 . GLU A 1 123 ? -13.983 3.423   -12.931 1.00 34.99 ? 123 GLU A OE1 1 
ATOM   983  O OE2 . GLU A 1 123 ? -14.238 5.397   -12.049 1.00 33.18 ? 123 GLU A OE2 1 
ATOM   984  N N   . LEU A 1 124 ? -13.289 -0.550  -8.102  1.00 28.99 ? 124 LEU A N   1 
ATOM   985  C CA  . LEU A 1 124 ? -13.268 -2.035  -7.948  1.00 29.03 ? 124 LEU A CA  1 
ATOM   986  C C   . LEU A 1 124 ? -14.623 -2.496  -7.386  1.00 31.57 ? 124 LEU A C   1 
ATOM   987  O O   . LEU A 1 124 ? -15.114 -1.865  -6.413  1.00 27.62 ? 124 LEU A O   1 
ATOM   988  C CB  . LEU A 1 124 ? -12.125 -2.484  -7.029  1.00 27.03 ? 124 LEU A CB  1 
ATOM   989  C CG  . LEU A 1 124 ? -10.711 -2.120  -7.476  1.00 26.63 ? 124 LEU A CG  1 
ATOM   990  C CD1 . LEU A 1 124 ? -9.748  -2.353  -6.319  1.00 24.57 ? 124 LEU A CD1 1 
ATOM   991  C CD2 . LEU A 1 124 ? -10.288 -2.899  -8.721  1.00 26.55 ? 124 LEU A CD2 1 
ATOM   992  N N   . GLU A 1 125 ? -15.213 -3.542  -7.975  1.00 33.12 ? 125 GLU A N   1 
ATOM   993  C CA  . GLU A 1 125 ? -16.500 -4.142  -7.511  1.00 36.90 ? 125 GLU A CA  1 
ATOM   994  C C   . GLU A 1 125 ? -16.208 -5.496  -6.833  1.00 38.79 ? 125 GLU A C   1 
ATOM   995  O O   . GLU A 1 125 ? -15.186 -6.126  -7.202  1.00 36.05 ? 125 GLU A O   1 
ATOM   996  C CB  . GLU A 1 125 ? -17.463 -4.217  -8.697  1.00 39.38 ? 125 GLU A CB  1 
ATOM   997  C CG  . GLU A 1 125 ? -17.421 -2.976  -9.579  1.00 41.71 ? 125 GLU A CG  1 
ATOM   998  C CD  . GLU A 1 125 ? -18.585 -2.821  -10.551 1.00 44.68 ? 125 GLU A CD  1 
ATOM   999  O OE1 . GLU A 1 125 ? -18.338 -2.819  -11.794 1.00 38.51 ? 125 GLU A OE1 1 
ATOM   1000 O OE2 . GLU A 1 125 ? -19.736 -2.681  -10.064 1.00 44.62 ? 125 GLU A OE2 1 
ATOM   1001 N N   . HIS A 1 126 ? -17.042 -5.909  -5.863  1.00 37.96 ? 126 HIS A N   1 
ATOM   1002 C CA  . HIS A 1 126 ? -16.766 -7.029  -4.917  1.00 40.85 ? 126 HIS A CA  1 
ATOM   1003 C C   . HIS A 1 126 ? -17.952 -7.995  -4.803  1.00 46.21 ? 126 HIS A C   1 
ATOM   1004 O O   . HIS A 1 126 ? -18.155 -8.579  -3.710  1.00 52.40 ? 126 HIS A O   1 
ATOM   1005 C CB  . HIS A 1 126 ? -16.353 -6.464  -3.554  1.00 39.50 ? 126 HIS A CB  1 
ATOM   1006 C CG  . HIS A 1 126 ? -15.140 -5.608  -3.665  1.00 36.91 ? 126 HIS A CG  1 
ATOM   1007 N ND1 . HIS A 1 126 ? -15.228 -4.234  -3.815  1.00 36.16 ? 126 HIS A ND1 1 
ATOM   1008 C CD2 . HIS A 1 126 ? -13.828 -5.917  -3.728  1.00 37.95 ? 126 HIS A CD2 1 
ATOM   1009 C CE1 . HIS A 1 126 ? -14.018 -3.736  -3.941  1.00 34.31 ? 126 HIS A CE1 1 
ATOM   1010 N NE2 . HIS A 1 126 ? -13.147 -4.743  -3.902  1.00 34.83 ? 126 HIS A NE2 1 
ATOM   1011 N N   . HIS A 1 127 ? -18.691 -8.180  -5.892  1.00 47.03 ? 127 HIS A N   1 
ATOM   1012 C CA  . HIS A 1 127 ? -19.667 -9.285  -6.067  1.00 45.46 ? 127 HIS A CA  1 
ATOM   1013 C C   . HIS A 1 127 ? -18.945 -10.626 -5.873  1.00 41.44 ? 127 HIS A C   1 
ATOM   1014 O O   . HIS A 1 127 ? -19.386 -11.481 -5.087  1.00 37.28 ? 127 HIS A O   1 
ATOM   1015 C CB  . HIS A 1 127 ? -20.328 -9.150  -7.443  1.00 47.38 ? 127 HIS A CB  1 
ATOM   1016 C CG  . HIS A 1 127 ? -19.355 -9.192  -8.577  1.00 49.22 ? 127 HIS A CG  1 
ATOM   1017 N ND1 . HIS A 1 127 ? -18.851 -10.382 -9.085  1.00 49.00 ? 127 HIS A ND1 1 
ATOM   1018 C CD2 . HIS A 1 127 ? -18.783 -8.199  -9.297  1.00 48.02 ? 127 HIS A CD2 1 
ATOM   1019 C CE1 . HIS A 1 127 ? -18.012 -10.119 -10.070 1.00 49.58 ? 127 HIS A CE1 1 
ATOM   1020 N NE2 . HIS A 1 127 ? -17.954 -8.783  -10.223 1.00 49.37 ? 127 HIS A NE2 1 
HETATM 1021 O O   . HOH B 2 .   ? 4.522   -10.714 16.469  1.00 27.74 ? 201 HOH A O   1 
HETATM 1022 O O   . HOH B 2 .   ? 8.786   -1.787  -3.180  1.00 21.49 ? 202 HOH A O   1 
HETATM 1023 O O   . HOH B 2 .   ? 22.822  2.678   -0.252  1.00 25.66 ? 203 HOH A O   1 
HETATM 1024 O O   . HOH B 2 .   ? 16.959  -0.093  -7.409  1.00 44.74 ? 204 HOH A O   1 
HETATM 1025 O O   . HOH B 2 .   ? 5.308   3.137   -6.762  1.00 25.58 ? 205 HOH A O   1 
HETATM 1026 O O   . HOH B 2 .   ? -11.118 7.798   -5.966  1.00 33.24 ? 206 HOH A O   1 
HETATM 1027 O O   . HOH B 2 .   ? -11.981 -6.055  -1.027  1.00 24.32 ? 207 HOH A O   1 
HETATM 1028 O O   . HOH B 2 .   ? -0.873  17.083  -3.445  1.00 42.60 ? 208 HOH A O   1 
HETATM 1029 O O   . HOH B 2 .   ? 6.286   4.198   -13.835 1.00 23.71 ? 209 HOH A O   1 
HETATM 1030 O O   . HOH B 2 .   ? -4.907  -13.385 -10.561 1.00 18.60 ? 210 HOH A O   1 
HETATM 1031 O O   . HOH B 2 .   ? 0.065   -9.855  17.186  1.00 26.19 ? 211 HOH A O   1 
HETATM 1032 O O   . HOH B 2 .   ? 1.554   12.646  -7.137  1.00 41.54 ? 212 HOH A O   1 
HETATM 1033 O O   . HOH B 2 .   ? 10.144  -1.678  9.625   1.00 28.99 ? 213 HOH A O   1 
HETATM 1034 O O   . HOH B 2 .   ? -17.550 -3.162  -3.911  1.00 30.00 ? 214 HOH A O   1 
HETATM 1035 O O   . HOH B 2 .   ? -4.182  -11.006 8.016   1.00 28.54 ? 215 HOH A O   1 
HETATM 1036 O O   . HOH B 2 .   ? -5.839  -2.645  -20.992 1.00 41.07 ? 216 HOH A O   1 
HETATM 1037 O O   . HOH B 2 .   ? -3.422  15.877  -1.634  1.00 33.77 ? 217 HOH A O   1 
HETATM 1038 O O   . HOH B 2 .   ? -9.561  -1.529  5.369   1.00 30.66 ? 218 HOH A O   1 
HETATM 1039 O O   . HOH B 2 .   ? -5.189  2.637   8.373   1.00 31.92 ? 219 HOH A O   1 
HETATM 1040 O O   . HOH B 2 .   ? -13.114 9.494   -2.817  1.00 39.60 ? 220 HOH A O   1 
HETATM 1041 O O   . HOH B 2 .   ? -7.438  -9.825  1.599   1.00 19.29 ? 221 HOH A O   1 
HETATM 1042 O O   . HOH B 2 .   ? -4.782  8.550   -19.318 1.00 34.30 ? 222 HOH A O   1 
HETATM 1043 O O   . HOH B 2 .   ? -3.834  -8.003  1.767   1.00 12.24 ? 223 HOH A O   1 
HETATM 1044 O O   . HOH B 2 .   ? 4.923   -17.057 6.792   1.00 38.85 ? 224 HOH A O   1 
HETATM 1045 O O   . HOH B 2 .   ? 7.420   -3.644  -13.417 1.00 18.34 ? 225 HOH A O   1 
HETATM 1046 O O   . HOH B 2 .   ? 4.258   11.406  9.212   1.00 26.20 ? 226 HOH A O   1 
HETATM 1047 O O   . HOH B 2 .   ? -0.420  -8.554  -13.188 1.00 16.92 ? 227 HOH A O   1 
HETATM 1048 O O   . HOH B 2 .   ? 4.261   -11.325 -3.070  1.00 22.46 ? 228 HOH A O   1 
HETATM 1049 O O   . HOH B 2 .   ? 1.485   -3.542  -16.330 1.00 43.80 ? 229 HOH A O   1 
HETATM 1050 O O   . HOH B 2 .   ? 8.235   -3.419  10.673  1.00 15.46 ? 230 HOH A O   1 
HETATM 1051 O O   . HOH B 2 .   ? -17.184 -0.258  -5.973  1.00 37.77 ? 231 HOH A O   1 
HETATM 1052 O O   . HOH B 2 .   ? -1.963  -12.803 7.271   1.00 26.55 ? 232 HOH A O   1 
HETATM 1053 O O   . HOH B 2 .   ? 1.345   9.092   -12.160 1.00 26.39 ? 233 HOH A O   1 
HETATM 1054 O O   . HOH B 2 .   ? -10.448 -3.612  3.461   1.00 27.56 ? 234 HOH A O   1 
HETATM 1055 O O   . HOH B 2 .   ? 7.366   2.600   12.300  1.00 14.98 ? 235 HOH A O   1 
HETATM 1056 O O   . HOH B 2 .   ? -3.701  3.626   -16.768 1.00 37.61 ? 236 HOH A O   1 
HETATM 1057 O O   . HOH B 2 .   ? -4.881  -10.291 16.966  1.00 32.30 ? 237 HOH A O   1 
HETATM 1058 O O   . HOH B 2 .   ? -10.691 15.000  -7.658  1.00 28.55 ? 238 HOH A O   1 
HETATM 1059 O O   . HOH B 2 .   ? -2.269  -14.004 10.565  1.00 26.46 ? 239 HOH A O   1 
HETATM 1060 O O   . HOH B 2 .   ? -13.674 -4.475  -9.976  1.00 35.21 ? 240 HOH A O   1 
HETATM 1061 O O   . HOH B 2 .   ? -9.267  9.612   5.998   1.00 30.27 ? 241 HOH A O   1 
HETATM 1062 O O   . HOH B 2 .   ? 8.518   2.972   2.273   1.00 20.19 ? 242 HOH A O   1 
HETATM 1063 O O   . HOH B 2 .   ? 12.260  -12.727 -1.600  1.00 34.37 ? 243 HOH A O   1 
HETATM 1064 O O   . HOH B 2 .   ? -7.797  -8.937  4.266   1.00 21.75 ? 244 HOH A O   1 
HETATM 1065 O O   . HOH B 2 .   ? 9.639   5.717   8.626   1.00 19.50 ? 245 HOH A O   1 
HETATM 1066 O O   . HOH B 2 .   ? 9.871   9.114   6.077   1.00 15.00 ? 246 HOH A O   1 
HETATM 1067 O O   . HOH B 2 .   ? 10.845  -1.334  -9.242  1.00 21.84 ? 247 HOH A O   1 
HETATM 1068 O O   . HOH B 2 .   ? -1.788  -14.740 -6.650  1.00 30.56 ? 248 HOH A O   1 
HETATM 1069 O O   . HOH B 2 .   ? 2.286   5.693   15.619  1.00 17.89 ? 249 HOH A O   1 
HETATM 1070 O O   . HOH B 2 .   ? -14.061 7.171   -14.150 1.00 36.72 ? 250 HOH A O   1 
HETATM 1071 O O   . HOH B 2 .   ? 5.043   8.926   10.006  1.00 14.26 ? 251 HOH A O   1 
HETATM 1072 O O   . HOH B 2 .   ? 7.396   12.974  0.322   1.00 16.16 ? 252 HOH A O   1 
HETATM 1073 O O   . HOH B 2 .   ? 8.817   -8.352  -13.060 1.00 20.94 ? 253 HOH A O   1 
HETATM 1074 O O   . HOH B 2 .   ? -6.701  8.327   8.593   1.00 27.04 ? 254 HOH A O   1 
HETATM 1075 O O   . HOH B 2 .   ? -14.431 3.470   -1.934  1.00 36.46 ? 255 HOH A O   1 
HETATM 1076 O O   . HOH B 2 .   ? -7.536  -9.160  -4.155  1.00 42.80 ? 256 HOH A O   1 
HETATM 1077 O O   . HOH B 2 .   ? 9.281   -1.013  -0.470  1.00 24.53 ? 257 HOH A O   1 
HETATM 1078 O O   . HOH B 2 .   ? 9.781   -13.755 -1.690  1.00 20.55 ? 258 HOH A O   1 
HETATM 1079 O O   . HOH B 2 .   ? 6.749   -10.272 -9.728  1.00 16.59 ? 259 HOH A O   1 
HETATM 1080 O O   . HOH B 2 .   ? -15.413 0.885   -2.024  1.00 32.55 ? 260 HOH A O   1 
HETATM 1081 O O   . HOH B 2 .   ? 10.766  -8.490  -9.429  1.00 15.66 ? 261 HOH A O   1 
HETATM 1082 O O   . HOH B 2 .   ? 15.290  -5.545  2.366   1.00 25.50 ? 262 HOH A O   1 
HETATM 1083 O O   . HOH B 2 .   ? -14.568 7.334   -10.008 1.00 27.31 ? 263 HOH A O   1 
HETATM 1084 O O   . HOH B 2 .   ? 3.193   -7.400  -8.455  1.00 13.42 ? 264 HOH A O   1 
HETATM 1085 O O   . HOH B 2 .   ? 2.303   -13.618 3.259   1.00 34.96 ? 265 HOH A O   1 
HETATM 1086 O O   . HOH B 2 .   ? 4.090   -16.905 12.719  1.00 24.06 ? 266 HOH A O   1 
HETATM 1087 O O   . HOH B 2 .   ? -16.383 0.396   3.802   1.00 36.14 ? 267 HOH A O   1 
HETATM 1088 O O   . HOH B 2 .   ? -9.485  7.746   2.939   1.00 35.27 ? 268 HOH A O   1 
HETATM 1089 O O   . HOH B 2 .   ? 13.091  -8.547  -4.891  1.00 22.94 ? 269 HOH A O   1 
HETATM 1090 O O   . HOH B 2 .   ? 7.777   11.288  11.948  1.00 21.91 ? 270 HOH A O   1 
HETATM 1091 O O   . HOH B 2 .   ? 11.823  -5.751  10.056  1.00 22.10 ? 271 HOH A O   1 
HETATM 1092 O O   . HOH B 2 .   ? 6.271   -2.238  12.276  1.00 15.95 ? 272 HOH A O   1 
HETATM 1093 O O   . HOH B 2 .   ? -5.091  -13.890 18.358  1.00 31.06 ? 273 HOH A O   1 
HETATM 1094 O O   . HOH B 2 .   ? 10.231  4.477   11.116  1.00 21.60 ? 274 HOH A O   1 
HETATM 1095 O O   . HOH B 2 .   ? -10.580 -5.062  6.543   1.00 36.61 ? 275 HOH A O   1 
HETATM 1096 O O   . HOH B 2 .   ? 16.066  0.508   3.975   1.00 32.58 ? 276 HOH A O   1 
HETATM 1097 O O   . HOH B 2 .   ? 4.268   -6.611  14.772  1.00 19.61 ? 277 HOH A O   1 
HETATM 1098 O O   . HOH B 2 .   ? 2.039   13.893  6.522   1.00 28.24 ? 278 HOH A O   1 
HETATM 1099 O O   . HOH B 2 .   ? 3.357   -11.737 0.864   1.00 15.85 ? 279 HOH A O   1 
HETATM 1100 O O   . HOH B 2 .   ? 5.119   7.986   -7.558  1.00 41.97 ? 280 HOH A O   1 
HETATM 1101 O O   . HOH B 2 .   ? -16.184 3.511   -3.986  1.00 36.10 ? 281 HOH A O   1 
HETATM 1102 O O   . HOH B 2 .   ? 14.243  2.118   5.347   1.00 38.72 ? 282 HOH A O   1 
HETATM 1103 O O   . HOH B 2 .   ? -3.575  -3.049  15.734  1.00 32.30 ? 283 HOH A O   1 
HETATM 1104 O O   . HOH B 2 .   ? 5.467   -0.790  17.860  1.00 35.13 ? 284 HOH A O   1 
HETATM 1105 O O   . HOH B 2 .   ? 12.215  -1.316  -7.104  1.00 44.54 ? 285 HOH A O   1 
HETATM 1106 O O   . HOH B 2 .   ? 14.508  -9.367  4.244   1.00 24.46 ? 286 HOH A O   1 
HETATM 1107 O O   . HOH B 2 .   ? -1.353  -15.157 5.111   1.00 37.54 ? 287 HOH A O   1 
HETATM 1108 O O   . HOH B 2 .   ? 6.533   0.200   13.618  1.00 19.92 ? 288 HOH A O   1 
HETATM 1109 O O   . HOH B 2 .   ? 11.572  -1.911  -4.850  1.00 22.82 ? 289 HOH A O   1 
HETATM 1110 O O   . HOH B 2 .   ? -3.260  2.087   12.264  1.00 28.99 ? 290 HOH A O   1 
HETATM 1111 O O   . HOH B 2 .   ? -4.661  0.709   10.698  1.00 23.92 ? 291 HOH A O   1 
HETATM 1112 O O   . HOH B 2 .   ? 19.266  -5.406  -4.858  1.00 43.65 ? 292 HOH A O   1 
HETATM 1113 O O   . HOH B 2 .   ? -4.210  -11.540 -5.873  1.00 30.30 ? 293 HOH A O   1 
HETATM 1114 O O   . HOH B 2 .   ? 6.765   2.855   -16.128 1.00 31.29 ? 294 HOH A O   1 
HETATM 1115 O O   . HOH B 2 .   ? -3.241  12.611  -9.119  1.00 37.35 ? 295 HOH A O   1 
HETATM 1116 O O   . HOH B 2 .   ? -10.912 -5.955  1.535   1.00 30.50 ? 296 HOH A O   1 
HETATM 1117 O O   . HOH B 2 .   ? -3.017  -3.447  -17.826 1.00 40.55 ? 297 HOH A O   1 
HETATM 1118 O O   . HOH B 2 .   ? 11.171  2.350   11.613  1.00 32.81 ? 298 HOH A O   1 
HETATM 1119 O O   . HOH B 2 .   ? -7.448  -6.045  -15.572 1.00 38.79 ? 299 HOH A O   1 
HETATM 1120 O O   . HOH B 2 .   ? -13.842 -4.213  3.044   1.00 30.00 ? 300 HOH A O   1 
HETATM 1121 O O   . HOH B 2 .   ? 7.566   5.747   -4.611  1.00 32.97 ? 301 HOH A O   1 
HETATM 1122 O O   . HOH B 2 .   ? 8.841   3.013   -9.925  1.00 35.83 ? 302 HOH A O   1 
HETATM 1123 O O   . HOH B 2 .   ? -1.648  7.759   -17.538 1.00 39.62 ? 303 HOH A O   1 
HETATM 1124 O O   . HOH B 2 .   ? 4.141   -1.999  15.967  1.00 34.39 ? 304 HOH A O   1 
HETATM 1125 O O   . HOH B 2 .   ? 20.637  1.014   -7.667  1.00 41.11 ? 305 HOH A O   1 
HETATM 1126 O O   . HOH B 2 .   ? 3.098   8.113   -16.391 1.00 46.11 ? 306 HOH A O   1 
HETATM 1127 O O   . HOH B 2 .   ? 6.275   -16.714 12.810  1.00 32.28 ? 307 HOH A O   1 
HETATM 1128 O O   . HOH B 2 .   ? 5.930   7.078   14.077  1.00 22.00 ? 308 HOH A O   1 
HETATM 1129 O O   . HOH B 2 .   ? -2.609  -14.160 -0.058  1.00 31.47 ? 309 HOH A O   1 
HETATM 1130 O O   . HOH B 2 .   ? 10.295  -10.824 13.320  1.00 38.77 ? 310 HOH A O   1 
HETATM 1131 O O   . HOH B 2 .   ? 9.871   -0.192  11.854  1.00 29.51 ? 311 HOH A O   1 
HETATM 1132 O O   . HOH B 2 .   ? 8.048   5.039   13.982  1.00 25.77 ? 312 HOH A O   1 
HETATM 1133 O O   . HOH B 2 .   ? 1.485   16.446  9.077   1.00 38.13 ? 313 HOH A O   1 
HETATM 1134 O O   . HOH B 2 .   ? 11.384  -6.999  -11.669 1.00 38.14 ? 314 HOH A O   1 
HETATM 1135 O O   . HOH B 2 .   ? 1.819   -19.456 5.258   1.00 32.46 ? 315 HOH A O   1 
HETATM 1136 O O   . HOH B 2 .   ? 12.929  -8.065  10.603  1.00 36.37 ? 316 HOH A O   1 
HETATM 1137 O O   . HOH B 2 .   ? 8.055   4.351   -12.446 1.00 37.02 ? 317 HOH A O   1 
HETATM 1138 O O   . HOH B 2 .   ? 6.927   14.447  -1.759  1.00 32.22 ? 318 HOH A O   1 
HETATM 1139 O O   . HOH B 2 .   ? -12.404 9.361   -7.588  1.00 28.12 ? 319 HOH A O   1 
HETATM 1140 O O   . HOH B 2 .   ? 10.157  -4.352  -12.706 1.00 29.36 ? 320 HOH A O   1 
HETATM 1141 O O   . HOH B 2 .   ? 9.877   -11.065 -10.378 1.00 22.78 ? 321 HOH A O   1 
HETATM 1142 O O   . HOH B 2 .   ? 7.899   -1.881  -15.458 1.00 32.66 ? 322 HOH A O   1 
HETATM 1143 O O   . HOH B 2 .   ? 2.015   -15.956 17.751  1.00 19.66 ? 323 HOH A O   1 
HETATM 1144 O O   . HOH B 2 .   ? 16.258  -6.707  -6.147  1.00 37.37 ? 324 HOH A O   1 
HETATM 1145 O O   . HOH B 2 .   ? 9.428   8.047   8.408   1.00 25.34 ? 325 HOH A O   1 
HETATM 1146 O O   . HOH B 2 .   ? -0.842  -15.167 18.069  1.00 42.81 ? 326 HOH A O   1 
HETATM 1147 O O   . HOH B 2 .   ? 10.869  1.222   -9.910  1.00 28.78 ? 327 HOH A O   1 
HETATM 1148 O O   . HOH B 2 .   ? 13.131  -8.567  -7.893  1.00 24.19 ? 328 HOH A O   1 
HETATM 1149 O O   . HOH B 2 .   ? 5.873   -8.678  15.043  1.00 20.61 ? 329 HOH A O   1 
HETATM 1150 O O   . HOH B 2 .   ? 10.301  -4.626  12.025  1.00 34.45 ? 330 HOH A O   1 
HETATM 1151 O O   . HOH B 2 .   ? 7.771   0.056   16.106  1.00 34.95 ? 331 HOH A O   1 
HETATM 1152 O O   . HOH B 2 .   ? 5.479   -3.485  14.713  1.00 20.45 ? 332 HOH A O   1 
HETATM 1153 O O   . HOH B 2 .   ? 15.695  -6.893  10.727  1.00 44.94 ? 333 HOH A O   1 
# 
